data_2XUT
#
_entry.id   2XUT
#
_cell.length_a   159.400
_cell.length_b   159.400
_cell.length_c   152.940
_cell.angle_alpha   90.00
_cell.angle_beta   90.00
_cell.angle_gamma   120.00
#
_symmetry.space_group_name_H-M   'P 32'
#
_entity_poly.entity_id   1
_entity_poly.type   'polypeptide(L)'
_entity_poly.pdbx_seq_one_letter_code
;MNSPVDAPKWPRQIPYIIASEACERFSFYGMRNILTPFLMTALLLSIPEELRGAVAKDVFHSFVIGVYFFPLLGGWIADR
FFGKYNTILWLSLIYCVGHAFLAIFEHSVQGFYTGLFLIALGSGGIKPLVSSFMGDQFDQSNKSLAQKAFDMFYFTINFG
SFFASLSMPLLLKNFGAAVAFGIPGVLMFVATVFFWLGRKRYIHMPPEPKDPHGFLPVIRSALLTKVEGKGNIGLVLALI
GGVSAAYALVNIPTLGIVAGLCCAMVLVMGFVGAGASLQLERARKSHPDAAVDGVRSVLRILVLFALVTPFWSLFDQKAS
TWILQANDMVKPQWFEPAMMQALNPLLVMLLIPFNNFVLYPAIERMGVKLTALRKMGAGIAITGLSWIVVGTIQLMMDGG
SALSIFWQILPYALLTFGEVLVSATGLEFAYSQAPKAMKGTIMSFWTLSVTVGNLWVLLANVSVKSPTVTEQIVQTGMSV
TAFQMFFFAGFAILAAIVFALYARSYQMQDHYRQATGSENLYFQ
;
_entity_poly.pdbx_strand_id   A,B,C
#
# COMPACT_ATOMS: atom_id res chain seq x y z
N GLN A 13 63.22 -31.69 54.22
CA GLN A 13 62.28 -32.03 55.29
C GLN A 13 62.11 -30.86 56.24
N ILE A 14 60.85 -30.45 56.45
CA ILE A 14 60.40 -29.33 57.27
C ILE A 14 59.04 -29.64 58.03
N PRO A 15 58.16 -30.58 57.55
CA PRO A 15 56.86 -30.79 58.24
C PRO A 15 56.84 -31.25 59.69
N TYR A 16 58.00 -31.60 60.27
CA TYR A 16 58.11 -32.02 61.66
C TYR A 16 57.60 -30.97 62.64
N ILE A 17 57.51 -29.70 62.18
CA ILE A 17 57.03 -28.53 62.93
C ILE A 17 55.52 -28.70 63.20
N ILE A 18 54.72 -28.82 62.13
CA ILE A 18 53.27 -28.97 62.23
C ILE A 18 52.84 -30.30 62.83
N ALA A 19 53.64 -31.36 62.64
CA ALA A 19 53.37 -32.68 63.21
C ALA A 19 53.34 -32.55 64.75
N SER A 20 54.30 -31.80 65.31
CA SER A 20 54.41 -31.50 66.73
C SER A 20 53.44 -30.39 67.16
N GLU A 21 53.26 -29.36 66.31
CA GLU A 21 52.36 -28.23 66.57
C GLU A 21 50.92 -28.71 66.74
N ALA A 22 50.50 -29.73 65.93
CA ALA A 22 49.18 -30.37 65.97
C ALA A 22 48.89 -30.89 67.36
N CYS A 23 49.89 -31.53 67.99
CA CYS A 23 49.79 -32.10 69.32
C CYS A 23 49.80 -31.06 70.47
N GLU A 24 50.26 -29.80 70.22
CA GLU A 24 50.23 -28.76 71.26
C GLU A 24 48.82 -28.24 71.43
N ARG A 25 48.11 -28.04 70.32
CA ARG A 25 46.75 -27.50 70.35
C ARG A 25 45.70 -28.27 71.14
N PHE A 26 45.74 -29.63 71.17
CA PHE A 26 44.81 -30.44 71.99
C PHE A 26 45.27 -30.39 73.44
N SER A 27 46.60 -30.27 73.63
CA SER A 27 47.29 -30.16 74.92
C SER A 27 47.03 -28.79 75.58
N PHE A 28 46.69 -27.77 74.77
CA PHE A 28 46.40 -26.42 75.25
C PHE A 28 44.89 -26.11 75.24
N TYR A 29 44.17 -26.46 74.15
CA TYR A 29 42.73 -26.23 74.05
C TYR A 29 41.88 -27.29 74.77
N GLY A 30 42.43 -28.50 74.91
CA GLY A 30 41.82 -29.61 75.65
C GLY A 30 42.15 -29.52 77.12
N MET A 31 42.90 -28.47 77.46
CA MET A 31 43.30 -28.05 78.79
C MET A 31 42.41 -26.84 79.14
N ARG A 32 42.52 -25.72 78.35
CA ARG A 32 41.76 -24.47 78.49
C ARG A 32 40.29 -24.75 78.61
N ASN A 33 39.76 -25.67 77.78
CA ASN A 33 38.36 -26.09 77.80
C ASN A 33 37.94 -26.62 79.20
N ILE A 34 38.51 -27.78 79.61
CA ILE A 34 38.26 -28.50 80.86
C ILE A 34 38.46 -27.67 82.14
N LEU A 35 39.26 -26.59 82.07
CA LEU A 35 39.59 -25.74 83.23
C LEU A 35 38.46 -25.24 84.09
N THR A 36 37.44 -24.61 83.52
CA THR A 36 36.31 -24.15 84.33
C THR A 36 35.41 -25.25 84.91
N PRO A 37 34.88 -26.23 84.12
CA PRO A 37 34.04 -27.27 84.74
C PRO A 37 34.72 -28.07 85.84
N PHE A 38 36.04 -28.32 85.73
CA PHE A 38 36.79 -29.04 86.74
C PHE A 38 36.84 -28.31 88.08
N LEU A 39 36.87 -26.97 88.04
CA LEU A 39 36.86 -26.14 89.25
C LEU A 39 35.52 -26.31 89.98
N MET A 40 34.43 -26.41 89.20
CA MET A 40 33.07 -26.59 89.69
C MET A 40 32.84 -28.02 90.19
N THR A 41 33.48 -29.00 89.54
CA THR A 41 33.33 -30.41 89.87
C THR A 41 34.27 -30.86 91.01
N ALA A 42 35.53 -30.38 91.03
CA ALA A 42 36.51 -30.78 92.05
C ALA A 42 37.08 -29.65 92.93
N LEU A 43 36.25 -29.19 93.88
CA LEU A 43 36.54 -28.18 94.92
C LEU A 43 35.52 -28.28 96.06
N LEU A 44 36.00 -28.22 97.31
CA LEU A 44 35.17 -28.33 98.52
C LEU A 44 34.98 -26.97 99.20
N LEU A 45 36.11 -26.31 99.56
CA LEU A 45 36.22 -25.00 100.24
C LEU A 45 35.32 -23.95 99.58
N SER A 46 35.14 -24.05 98.25
CA SER A 46 34.25 -23.19 97.44
C SER A 46 32.82 -23.44 97.89
N ILE A 47 32.14 -22.38 98.33
CA ILE A 47 30.81 -22.53 98.87
C ILE A 47 29.68 -22.56 97.81
N PRO A 48 28.86 -21.50 97.54
CA PRO A 48 27.80 -21.67 96.53
C PRO A 48 28.32 -21.46 95.12
N GLU A 49 27.40 -21.47 94.15
CA GLU A 49 27.67 -21.23 92.74
C GLU A 49 28.07 -19.77 92.49
N GLU A 50 27.81 -18.89 93.49
CA GLU A 50 28.20 -17.49 93.51
C GLU A 50 29.68 -17.41 93.91
N LEU A 51 30.10 -18.28 94.86
CA LEU A 51 31.47 -18.37 95.35
C LEU A 51 32.25 -19.57 94.78
N ARG A 52 31.74 -20.16 93.68
CA ARG A 52 32.37 -21.26 92.96
C ARG A 52 32.86 -20.73 91.61
N GLY A 53 32.35 -19.56 91.21
CA GLY A 53 32.69 -18.85 89.98
C GLY A 53 33.78 -17.81 90.17
N ALA A 54 33.71 -17.06 91.28
CA ALA A 54 34.71 -16.04 91.66
C ALA A 54 35.96 -16.72 92.26
N VAL A 55 36.09 -18.03 92.04
CA VAL A 55 37.18 -18.92 92.44
C VAL A 55 37.64 -19.66 91.16
N ALA A 56 36.71 -19.87 90.22
CA ALA A 56 37.00 -20.51 88.93
C ALA A 56 37.77 -19.56 88.06
N LYS A 57 37.43 -18.27 88.13
CA LYS A 57 38.07 -17.20 87.37
C LYS A 57 39.39 -16.75 88.06
N ASP A 58 39.38 -16.72 89.42
CA ASP A 58 40.49 -16.34 90.32
C ASP A 58 41.78 -17.18 90.10
N VAL A 59 41.60 -18.49 89.88
CA VAL A 59 42.70 -19.43 89.67
C VAL A 59 42.87 -19.80 88.16
N PHE A 60 41.76 -19.77 87.36
CA PHE A 60 41.86 -20.03 85.91
C PHE A 60 42.36 -18.83 85.11
N HIS A 61 41.83 -17.61 85.35
CA HIS A 61 42.31 -16.46 84.59
C HIS A 61 43.73 -16.10 84.94
N SER A 62 44.15 -16.47 86.17
CA SER A 62 45.51 -16.34 86.68
C SER A 62 46.44 -17.36 85.98
N PHE A 63 45.85 -18.37 85.31
CA PHE A 63 46.58 -19.33 84.50
C PHE A 63 46.71 -18.73 83.07
N VAL A 64 45.61 -18.10 82.52
CA VAL A 64 45.69 -17.47 81.18
C VAL A 64 46.65 -16.28 81.19
N ILE A 65 46.78 -15.59 82.36
CA ILE A 65 47.76 -14.52 82.61
C ILE A 65 49.15 -15.14 82.35
N GLY A 66 49.52 -16.17 83.13
CA GLY A 66 50.77 -16.92 83.03
C GLY A 66 51.15 -17.47 81.67
N VAL A 67 50.14 -17.90 80.85
CA VAL A 67 50.34 -18.42 79.49
C VAL A 67 50.78 -17.29 78.52
N TYR A 68 50.19 -16.08 78.69
CA TYR A 68 50.54 -14.93 77.87
C TYR A 68 51.62 -14.02 78.55
N PHE A 69 52.00 -14.34 79.82
CA PHE A 69 53.03 -13.64 80.59
C PHE A 69 54.40 -14.24 80.36
N PHE A 70 54.44 -15.58 80.33
CA PHE A 70 55.69 -16.28 80.08
C PHE A 70 56.39 -16.04 78.75
N PRO A 71 55.70 -15.73 77.59
CA PRO A 71 56.44 -15.41 76.33
C PRO A 71 57.68 -14.50 76.47
N LEU A 72 57.71 -13.68 77.54
CA LEU A 72 58.82 -12.82 77.91
C LEU A 72 59.97 -13.69 78.38
N LEU A 73 59.75 -14.53 79.41
CA LEU A 73 60.77 -15.45 79.95
C LEU A 73 61.01 -16.63 79.00
N GLY A 74 60.41 -16.57 77.81
CA GLY A 74 60.57 -17.58 76.77
C GLY A 74 61.79 -17.28 75.93
N GLY A 75 61.75 -16.12 75.27
CA GLY A 75 62.83 -15.60 74.43
C GLY A 75 64.04 -15.13 75.21
N TRP A 76 63.85 -14.60 76.44
CA TRP A 76 64.89 -14.12 77.35
C TRP A 76 65.88 -15.24 77.61
N ILE A 77 65.38 -16.47 77.61
CA ILE A 77 66.17 -17.68 77.76
C ILE A 77 66.61 -18.10 76.36
N ALA A 78 65.70 -18.04 75.38
CA ALA A 78 65.94 -18.46 73.99
C ALA A 78 66.93 -17.64 73.15
N ASP A 79 67.28 -16.41 73.59
CA ASP A 79 68.21 -15.58 72.82
C ASP A 79 69.45 -15.17 73.63
N ARG A 80 69.26 -14.68 74.86
CA ARG A 80 70.34 -14.27 75.75
C ARG A 80 71.05 -15.49 76.35
N PHE A 81 70.30 -16.43 76.93
CA PHE A 81 70.85 -17.64 77.56
C PHE A 81 70.98 -18.80 76.56
N PHE A 82 70.08 -19.82 76.65
CA PHE A 82 70.03 -21.02 75.79
C PHE A 82 69.72 -20.69 74.32
N GLY A 83 69.75 -21.72 73.46
CA GLY A 83 69.45 -21.62 72.04
C GLY A 83 67.97 -21.63 71.74
N LYS A 84 67.55 -22.37 70.69
CA LYS A 84 66.14 -22.48 70.32
C LYS A 84 65.60 -23.89 70.54
N TYR A 85 66.28 -24.90 69.97
CA TYR A 85 65.93 -26.32 70.08
C TYR A 85 66.07 -26.82 71.48
N ASN A 86 66.99 -26.23 72.25
CA ASN A 86 67.20 -26.60 73.63
C ASN A 86 66.08 -26.05 74.50
N THR A 87 65.56 -24.84 74.16
CA THR A 87 64.45 -24.19 74.86
C THR A 87 63.18 -24.97 74.65
N ILE A 88 62.82 -25.25 73.38
CA ILE A 88 61.62 -26.01 73.01
C ILE A 88 61.58 -27.44 73.63
N LEU A 89 62.76 -28.09 73.74
CA LEU A 89 62.87 -29.42 74.35
C LEU A 89 62.74 -29.35 75.87
N TRP A 90 63.51 -28.44 76.50
CA TRP A 90 63.50 -28.20 77.94
C TRP A 90 62.15 -27.74 78.44
N LEU A 91 61.47 -26.86 77.68
CA LEU A 91 60.15 -26.36 78.07
C LEU A 91 59.03 -27.38 77.89
N SER A 92 59.18 -28.30 76.90
CA SER A 92 58.15 -29.33 76.67
C SER A 92 58.20 -30.35 77.80
N LEU A 93 59.43 -30.67 78.30
CA LEU A 93 59.67 -31.57 79.42
C LEU A 93 59.37 -30.89 80.77
N ILE A 94 58.69 -29.74 80.69
CA ILE A 94 58.18 -28.89 81.77
C ILE A 94 56.66 -28.71 81.50
N TYR A 95 56.27 -28.69 80.18
CA TYR A 95 54.88 -28.60 79.72
C TYR A 95 54.14 -29.94 80.09
N CYS A 96 54.72 -31.10 79.67
CA CYS A 96 54.20 -32.44 79.94
C CYS A 96 54.29 -32.77 81.42
N VAL A 97 55.32 -32.24 82.10
CA VAL A 97 55.53 -32.39 83.54
C VAL A 97 54.40 -31.67 84.27
N GLY A 98 53.95 -30.54 83.71
CA GLY A 98 52.82 -29.77 84.20
C GLY A 98 51.53 -30.54 84.12
N HIS A 99 51.31 -31.23 82.99
CA HIS A 99 50.15 -32.08 82.72
C HIS A 99 50.16 -33.31 83.63
N ALA A 100 51.34 -33.97 83.76
CA ALA A 100 51.56 -35.16 84.59
C ALA A 100 51.21 -34.82 86.03
N PHE A 101 51.57 -33.61 86.47
CA PHE A 101 51.25 -33.10 87.79
C PHE A 101 49.74 -32.99 87.98
N LEU A 102 48.99 -32.68 86.90
CA LEU A 102 47.54 -32.53 86.97
C LEU A 102 46.78 -33.82 87.21
N ALA A 103 46.95 -34.81 86.32
CA ALA A 103 46.30 -36.11 86.43
C ALA A 103 46.66 -36.83 87.72
N ILE A 104 47.94 -36.75 88.14
CA ILE A 104 48.42 -37.37 89.38
C ILE A 104 47.88 -36.58 90.57
N PHE A 105 48.17 -35.28 90.65
CA PHE A 105 47.69 -34.45 91.75
C PHE A 105 46.32 -33.84 91.39
N GLU A 106 45.34 -34.73 91.10
CA GLU A 106 43.97 -34.40 90.74
C GLU A 106 43.22 -33.79 91.92
N HIS A 107 43.35 -34.40 93.10
CA HIS A 107 42.68 -33.92 94.30
C HIS A 107 43.71 -33.41 95.28
N SER A 108 44.19 -32.19 95.01
CA SER A 108 45.21 -31.49 95.80
C SER A 108 45.05 -30.00 95.66
N VAL A 109 45.32 -29.28 96.74
CA VAL A 109 45.24 -27.81 96.78
C VAL A 109 46.50 -27.27 96.09
N GLN A 110 47.68 -27.55 96.68
CA GLN A 110 48.97 -27.13 96.17
C GLN A 110 49.34 -27.85 94.88
N GLY A 111 49.22 -29.18 94.89
CA GLY A 111 49.52 -30.06 93.77
C GLY A 111 48.95 -29.65 92.42
N PHE A 112 47.68 -29.18 92.39
CA PHE A 112 47.06 -28.75 91.14
C PHE A 112 47.60 -27.43 90.62
N TYR A 113 47.71 -26.39 91.48
CA TYR A 113 48.25 -25.13 90.99
C TYR A 113 49.73 -25.27 90.62
N THR A 114 50.54 -25.98 91.45
CA THR A 114 51.95 -26.25 91.16
C THR A 114 52.07 -26.86 89.75
N GLY A 115 51.01 -27.58 89.35
CA GLY A 115 50.87 -28.15 88.02
C GLY A 115 50.62 -27.07 87.00
N LEU A 116 49.51 -26.29 87.17
CA LEU A 116 49.13 -25.17 86.29
C LEU A 116 50.24 -24.14 86.13
N PHE A 117 51.12 -24.05 87.14
CA PHE A 117 52.29 -23.19 87.18
C PHE A 117 53.30 -23.65 86.12
N LEU A 118 53.51 -24.97 85.97
CA LEU A 118 54.43 -25.53 84.97
C LEU A 118 53.87 -25.52 83.53
N ILE A 119 52.51 -25.48 83.37
CA ILE A 119 51.84 -25.33 82.05
C ILE A 119 52.04 -23.86 81.64
N ALA A 120 51.82 -22.93 82.58
CA ALA A 120 52.02 -21.48 82.40
C ALA A 120 53.42 -21.11 81.87
N LEU A 121 54.49 -21.77 82.34
CA LEU A 121 55.84 -21.52 81.85
C LEU A 121 56.24 -22.43 80.70
N GLY A 122 55.75 -23.67 80.75
CA GLY A 122 55.99 -24.68 79.73
C GLY A 122 55.39 -24.36 78.37
N SER A 123 54.13 -23.80 78.36
CA SER A 123 53.39 -23.40 77.15
C SER A 123 53.70 -21.95 76.78
N GLY A 124 53.59 -21.08 77.78
CA GLY A 124 53.79 -19.63 77.69
C GLY A 124 55.05 -19.22 76.98
N GLY A 125 56.19 -19.61 77.57
CA GLY A 125 57.52 -19.33 77.06
C GLY A 125 57.89 -20.00 75.74
N ILE A 126 57.13 -21.04 75.34
CA ILE A 126 57.38 -21.84 74.13
C ILE A 126 56.78 -21.34 72.80
N LYS A 127 55.58 -20.72 72.85
CA LYS A 127 54.84 -20.20 71.70
C LYS A 127 55.61 -19.10 70.93
N PRO A 128 56.34 -18.14 71.60
CA PRO A 128 57.13 -17.15 70.84
C PRO A 128 58.40 -17.76 70.22
N LEU A 129 58.69 -19.04 70.59
CA LEU A 129 59.84 -19.84 70.13
C LEU A 129 59.45 -20.54 68.83
N VAL A 130 58.49 -21.48 68.91
CA VAL A 130 57.96 -22.26 67.79
C VAL A 130 57.57 -21.41 66.56
N SER A 131 56.91 -20.25 66.80
CA SER A 131 56.44 -19.29 65.79
C SER A 131 57.56 -18.72 64.90
N SER A 132 58.65 -18.23 65.51
CA SER A 132 59.81 -17.67 64.82
C SER A 132 60.59 -18.78 64.11
N PHE A 133 60.70 -19.94 64.78
CA PHE A 133 61.43 -21.13 64.37
C PHE A 133 61.09 -21.69 62.99
N MET A 134 59.80 -21.71 62.61
CA MET A 134 59.38 -22.27 61.32
C MET A 134 60.04 -21.64 60.09
N GLY A 135 59.95 -20.31 59.97
CA GLY A 135 60.53 -19.54 58.89
C GLY A 135 62.04 -19.66 58.80
N ASP A 136 62.64 -19.99 59.94
CA ASP A 136 64.09 -20.19 60.09
C ASP A 136 64.52 -21.51 59.43
N GLN A 137 63.72 -22.59 59.55
CA GLN A 137 64.03 -23.90 58.97
C GLN A 137 64.16 -23.95 57.43
N PHE A 138 64.07 -22.79 56.75
CA PHE A 138 64.24 -22.63 55.30
C PHE A 138 64.77 -21.25 54.91
N ASP A 139 65.95 -21.22 54.28
CA ASP A 139 66.65 -20.00 53.84
C ASP A 139 67.02 -20.09 52.35
N GLN A 140 67.23 -21.31 51.83
CA GLN A 140 67.59 -21.60 50.44
C GLN A 140 66.39 -21.33 49.54
N SER A 141 65.27 -22.06 49.75
CA SER A 141 64.01 -21.90 49.02
C SER A 141 63.06 -21.00 49.84
N ASN A 142 63.62 -19.92 50.41
CA ASN A 142 62.92 -18.94 51.23
C ASN A 142 62.06 -18.03 50.34
N LYS A 143 60.92 -18.59 49.85
CA LYS A 143 59.99 -17.89 48.97
C LYS A 143 58.54 -18.37 49.17
N SER A 144 58.13 -19.40 48.40
CA SER A 144 56.79 -19.99 48.42
C SER A 144 56.51 -20.79 49.68
N LEU A 145 57.56 -21.34 50.31
CA LEU A 145 57.43 -22.13 51.54
C LEU A 145 56.99 -21.28 52.74
N ALA A 146 57.19 -19.94 52.65
CA ALA A 146 56.80 -18.96 53.67
C ALA A 146 55.26 -18.84 53.78
N GLN A 147 54.55 -19.02 52.65
CA GLN A 147 53.08 -18.97 52.59
C GLN A 147 52.49 -20.20 53.28
N LYS A 148 53.09 -21.38 53.04
CA LYS A 148 52.71 -22.68 53.61
C LYS A 148 52.73 -22.66 55.14
N ALA A 149 53.78 -22.06 55.73
CA ALA A 149 54.05 -21.97 57.17
C ALA A 149 52.93 -21.38 58.01
N PHE A 150 52.53 -20.11 57.74
CA PHE A 150 51.47 -19.41 58.47
C PHE A 150 50.11 -20.10 58.33
N ASP A 151 49.86 -20.74 57.19
CA ASP A 151 48.63 -21.46 56.88
C ASP A 151 48.52 -22.80 57.61
N MET A 152 49.62 -23.57 57.63
CA MET A 152 49.68 -24.88 58.30
C MET A 152 49.64 -24.75 59.84
N PHE A 153 50.06 -23.59 60.37
CA PHE A 153 50.05 -23.23 61.79
C PHE A 153 48.62 -22.80 62.17
N TYR A 154 47.92 -22.13 61.23
CA TYR A 154 46.54 -21.65 61.39
C TYR A 154 45.48 -22.71 61.09
N PHE A 155 45.88 -23.84 60.50
CA PHE A 155 45.00 -24.99 60.24
C PHE A 155 45.08 -25.94 61.44
N THR A 156 46.04 -25.65 62.35
CA THR A 156 46.30 -26.37 63.61
C THR A 156 45.43 -25.77 64.73
N ILE A 157 45.30 -24.43 64.75
CA ILE A 157 44.49 -23.65 65.70
C ILE A 157 42.98 -24.01 65.54
N ASN A 158 42.51 -24.16 64.28
CA ASN A 158 41.13 -24.54 63.94
C ASN A 158 40.85 -25.99 64.28
N PHE A 159 41.80 -26.90 63.96
CA PHE A 159 41.71 -28.34 64.24
C PHE A 159 41.87 -28.62 65.74
N GLY A 160 42.50 -27.68 66.46
CA GLY A 160 42.74 -27.75 67.89
C GLY A 160 41.47 -27.74 68.72
N SER A 161 40.54 -26.81 68.38
CA SER A 161 39.24 -26.68 69.05
C SER A 161 38.30 -27.85 68.73
N PHE A 162 38.42 -28.45 67.52
CA PHE A 162 37.64 -29.60 67.03
C PHE A 162 37.72 -30.79 68.01
N PHE A 163 38.94 -31.11 68.46
CA PHE A 163 39.23 -32.20 69.39
C PHE A 163 38.72 -31.87 70.80
N ALA A 164 38.69 -30.58 71.16
CA ALA A 164 38.25 -30.09 72.46
C ALA A 164 36.73 -30.12 72.68
N SER A 165 35.94 -30.61 71.71
CA SER A 165 34.48 -30.69 71.85
C SER A 165 33.91 -32.07 71.52
N LEU A 166 34.37 -32.69 70.42
CA LEU A 166 33.88 -34.00 69.98
C LEU A 166 34.50 -35.22 70.70
N SER A 167 35.60 -35.02 71.47
CA SER A 167 36.27 -36.12 72.19
C SER A 167 36.86 -35.79 73.57
N MET A 168 37.02 -34.49 73.89
CA MET A 168 37.59 -34.04 75.17
C MET A 168 36.62 -33.84 76.35
N PRO A 169 35.44 -33.17 76.21
CA PRO A 169 34.55 -33.00 77.38
C PRO A 169 33.95 -34.30 77.87
N LEU A 170 33.65 -35.23 76.93
CA LEU A 170 33.08 -36.54 77.19
C LEU A 170 33.97 -37.39 78.11
N LEU A 171 35.26 -37.04 78.20
CA LEU A 171 36.24 -37.71 79.05
C LEU A 171 36.04 -37.47 80.56
N LEU A 172 35.09 -36.62 80.95
CA LEU A 172 34.80 -36.34 82.35
C LEU A 172 33.50 -36.97 82.77
N LYS A 173 32.54 -37.07 81.84
CA LYS A 173 31.21 -37.63 82.07
C LYS A 173 31.20 -39.12 81.78
N ASN A 174 31.42 -39.54 80.51
CA ASN A 174 31.45 -40.94 80.09
C ASN A 174 32.76 -41.68 80.47
N PHE A 175 33.77 -40.95 80.96
CA PHE A 175 35.08 -41.48 81.43
C PHE A 175 35.49 -40.79 82.74
N GLY A 176 36.51 -41.33 83.40
CA GLY A 176 37.04 -40.77 84.64
C GLY A 176 37.68 -39.40 84.46
N ALA A 177 37.43 -38.47 85.41
CA ALA A 177 37.95 -37.10 85.38
C ALA A 177 39.49 -36.98 85.45
N ALA A 178 40.19 -38.00 85.98
CA ALA A 178 41.65 -38.04 86.10
C ALA A 178 42.37 -38.20 84.76
N VAL A 179 41.94 -39.20 83.96
CA VAL A 179 42.51 -39.50 82.64
C VAL A 179 42.12 -38.42 81.64
N ALA A 180 41.08 -37.64 81.96
CA ALA A 180 40.62 -36.52 81.13
C ALA A 180 41.74 -35.49 81.01
N PHE A 181 42.42 -35.15 82.14
CA PHE A 181 43.57 -34.25 82.16
C PHE A 181 44.84 -35.03 81.83
N GLY A 182 44.75 -36.35 81.84
CA GLY A 182 45.84 -37.28 81.52
C GLY A 182 46.13 -37.39 80.04
N ILE A 183 45.07 -37.35 79.21
CA ILE A 183 45.17 -37.43 77.75
C ILE A 183 46.02 -36.32 77.09
N PRO A 184 45.84 -34.99 77.38
CA PRO A 184 46.71 -33.99 76.74
C PRO A 184 48.20 -34.22 77.04
N GLY A 185 48.50 -34.65 78.26
CA GLY A 185 49.84 -34.97 78.73
C GLY A 185 50.47 -36.14 78.02
N VAL A 186 49.65 -37.02 77.47
CA VAL A 186 50.11 -38.16 76.68
C VAL A 186 50.48 -37.60 75.31
N LEU A 187 49.66 -36.65 74.79
CA LEU A 187 49.90 -35.99 73.50
C LEU A 187 51.22 -35.17 73.49
N MET A 188 51.66 -34.71 74.68
CA MET A 188 52.89 -33.93 74.85
C MET A 188 54.15 -34.76 74.68
N PHE A 189 54.13 -36.02 75.14
CA PHE A 189 55.22 -36.97 74.95
C PHE A 189 55.36 -37.23 73.46
N VAL A 190 54.27 -37.01 72.69
CA VAL A 190 54.24 -37.16 71.24
C VAL A 190 54.95 -35.97 70.60
N ALA A 191 54.72 -34.75 71.12
CA ALA A 191 55.38 -33.52 70.64
C ALA A 191 56.91 -33.63 70.76
N THR A 192 57.39 -34.12 71.93
CA THR A 192 58.81 -34.36 72.24
C THR A 192 59.37 -35.41 71.29
N VAL A 193 58.57 -36.46 71.01
CA VAL A 193 58.94 -37.52 70.07
C VAL A 193 59.17 -36.93 68.68
N PHE A 194 58.34 -35.96 68.26
CA PHE A 194 58.48 -35.27 66.97
C PHE A 194 59.76 -34.44 66.85
N PHE A 195 60.34 -34.06 68.00
CA PHE A 195 61.58 -33.31 68.03
C PHE A 195 62.82 -34.18 68.14
N TRP A 196 62.75 -35.32 68.84
CA TRP A 196 63.85 -36.28 68.93
C TRP A 196 64.04 -36.84 67.54
N LEU A 197 62.93 -36.91 66.78
CA LEU A 197 62.85 -37.34 65.40
C LEU A 197 63.07 -36.16 64.45
N GLY A 198 63.01 -34.94 65.00
CA GLY A 198 63.25 -33.71 64.27
C GLY A 198 64.69 -33.22 64.42
N ARG A 199 65.52 -33.98 65.20
CA ARG A 199 66.93 -33.69 65.51
C ARG A 199 67.85 -33.50 64.30
N LYS A 200 67.38 -33.82 63.09
CA LYS A 200 68.17 -33.61 61.88
C LYS A 200 68.05 -32.15 61.48
N ARG A 201 66.86 -31.73 60.99
CA ARG A 201 66.65 -30.36 60.56
C ARG A 201 66.46 -29.38 61.71
N TYR A 202 67.53 -28.64 62.02
CA TYR A 202 67.54 -27.63 63.08
C TYR A 202 68.57 -26.54 62.83
N ILE A 203 68.12 -25.29 62.88
CA ILE A 203 69.01 -24.15 62.69
C ILE A 203 68.84 -23.14 63.83
N HIS A 204 69.92 -22.44 64.21
CA HIS A 204 69.87 -21.44 65.28
C HIS A 204 70.49 -20.13 64.80
N MET A 205 69.81 -19.00 65.05
CA MET A 205 70.31 -17.70 64.64
C MET A 205 70.14 -16.64 65.76
N PRO A 206 71.02 -16.62 66.80
CA PRO A 206 70.85 -15.61 67.85
C PRO A 206 71.42 -14.24 67.50
N VAL A 227 75.67 23.26 85.01
CA VAL A 227 74.79 23.94 84.07
C VAL A 227 73.38 24.05 84.66
N GLU A 228 72.80 25.27 84.66
CA GLU A 228 71.46 25.56 85.18
C GLU A 228 70.34 25.15 84.19
N GLY A 229 70.72 24.95 82.91
CA GLY A 229 69.81 24.55 81.85
C GLY A 229 69.52 23.07 81.84
N LYS A 230 70.58 22.24 82.00
CA LYS A 230 70.50 20.77 82.02
C LYS A 230 70.08 20.21 83.39
N GLY A 231 70.33 20.96 84.45
CA GLY A 231 70.01 20.59 85.83
C GLY A 231 68.59 20.89 86.27
N ASN A 232 67.79 21.55 85.40
CA ASN A 232 66.39 21.91 85.66
C ASN A 232 65.41 21.12 84.78
N ILE A 233 65.81 20.84 83.51
CA ILE A 233 65.02 20.06 82.54
C ILE A 233 65.18 18.56 82.86
N GLY A 234 66.37 18.15 83.27
CA GLY A 234 66.74 16.77 83.62
C GLY A 234 66.14 16.21 84.89
N LEU A 235 65.78 17.08 85.87
CA LEU A 235 65.19 16.62 87.14
C LEU A 235 63.69 16.27 87.02
N VAL A 236 63.01 16.79 85.98
CA VAL A 236 61.59 16.56 85.70
C VAL A 236 61.32 15.08 85.29
N LEU A 237 62.19 14.51 84.44
CA LEU A 237 62.10 13.13 83.96
C LEU A 237 62.41 12.07 85.01
N ALA A 238 63.51 12.25 85.79
CA ALA A 238 63.98 11.33 86.84
C ALA A 238 62.99 11.08 87.96
N LEU A 239 62.17 12.10 88.33
CA LEU A 239 61.18 12.00 89.39
C LEU A 239 59.97 11.10 89.07
N ILE A 240 59.61 10.97 87.76
CA ILE A 240 58.51 10.10 87.31
C ILE A 240 58.89 8.60 87.47
N GLY A 241 60.19 8.36 87.67
CA GLY A 241 60.76 7.04 87.93
C GLY A 241 60.54 6.60 89.37
N GLY A 242 60.19 7.56 90.23
CA GLY A 242 59.85 7.37 91.64
C GLY A 242 58.34 7.31 91.79
N VAL A 243 57.61 7.95 90.85
CA VAL A 243 56.15 8.00 90.74
C VAL A 243 55.69 6.60 90.33
N SER A 244 56.37 6.01 89.32
CA SER A 244 56.10 4.65 88.85
C SER A 244 56.54 3.58 89.86
N ALA A 245 57.56 3.90 90.70
CA ALA A 245 58.09 3.01 91.74
C ALA A 245 57.18 2.97 92.99
N ALA A 246 56.24 3.91 93.08
CA ALA A 246 55.29 4.02 94.18
C ALA A 246 54.08 3.09 94.01
N TYR A 247 53.65 2.85 92.75
CA TYR A 247 52.50 2.00 92.43
C TYR A 247 52.66 0.54 92.82
N ALA A 248 53.90 0.00 92.69
CA ALA A 248 54.24 -1.40 92.99
C ALA A 248 54.06 -1.78 94.47
N LEU A 249 54.26 -0.82 95.38
CA LEU A 249 54.14 -1.02 96.83
C LEU A 249 52.68 -1.18 97.29
N VAL A 250 51.73 -0.50 96.60
CA VAL A 250 50.27 -0.51 96.85
C VAL A 250 49.70 -1.93 96.64
N ASN A 251 50.44 -2.78 95.93
CA ASN A 251 50.07 -4.15 95.61
C ASN A 251 50.42 -5.14 96.71
N ILE A 252 51.29 -4.73 97.66
CA ILE A 252 51.66 -5.55 98.80
C ILE A 252 50.45 -5.68 99.77
N PRO A 253 49.74 -4.59 100.20
CA PRO A 253 48.58 -4.78 101.08
C PRO A 253 47.33 -5.40 100.42
N THR A 254 47.25 -5.37 99.05
CA THR A 254 46.13 -5.92 98.26
C THR A 254 45.94 -7.42 98.51
N LEU A 255 47.04 -8.09 98.92
CA LEU A 255 47.14 -9.52 99.17
C LEU A 255 46.89 -10.31 97.89
N GLY A 256 47.32 -9.73 96.78
CA GLY A 256 47.21 -10.31 95.44
C GLY A 256 48.44 -11.13 95.12
N ILE A 257 48.30 -12.46 95.21
CA ILE A 257 49.38 -13.40 94.92
C ILE A 257 49.73 -13.23 93.45
N VAL A 258 48.70 -13.14 92.60
CA VAL A 258 48.83 -12.97 91.15
C VAL A 258 48.52 -11.54 90.75
N ALA A 259 47.28 -11.07 91.05
CA ALA A 259 46.78 -9.73 90.75
C ALA A 259 47.79 -8.65 91.13
N GLY A 260 48.34 -8.76 92.35
CA GLY A 260 49.35 -7.87 92.90
C GLY A 260 50.65 -7.87 92.12
N LEU A 261 51.05 -9.03 91.60
CA LEU A 261 52.26 -9.13 90.79
C LEU A 261 52.04 -8.50 89.43
N CYS A 262 50.92 -8.84 88.74
CA CYS A 262 50.59 -8.28 87.42
C CYS A 262 50.31 -6.78 87.47
N CYS A 263 49.67 -6.28 88.56
CA CYS A 263 49.38 -4.85 88.73
C CYS A 263 50.66 -4.04 88.88
N ALA A 264 51.66 -4.61 89.59
CA ALA A 264 52.97 -3.99 89.80
C ALA A 264 53.70 -3.84 88.47
N MET A 265 53.43 -4.76 87.52
CA MET A 265 53.99 -4.77 86.17
C MET A 265 53.31 -3.75 85.25
N VAL A 266 51.96 -3.79 85.18
CA VAL A 266 51.13 -2.91 84.34
C VAL A 266 51.30 -1.43 84.70
N LEU A 267 51.28 -1.12 86.01
CA LEU A 267 51.43 0.25 86.52
C LEU A 267 52.82 0.84 86.26
N VAL A 268 53.88 0.01 86.28
CA VAL A 268 55.25 0.45 86.01
C VAL A 268 55.41 0.70 84.50
N MET A 269 55.06 -0.28 83.66
CA MET A 269 55.15 -0.19 82.19
C MET A 269 54.14 0.80 81.59
N GLY A 270 53.10 1.15 82.35
CA GLY A 270 52.08 2.09 81.94
C GLY A 270 52.52 3.53 82.09
N PHE A 271 53.23 3.84 83.21
CA PHE A 271 53.75 5.18 83.51
C PHE A 271 55.19 5.40 83.05
N VAL A 272 55.59 4.60 82.04
CA VAL A 272 56.86 4.61 81.34
C VAL A 272 56.53 4.51 79.84
N GLY A 273 55.38 3.91 79.51
CA GLY A 273 54.88 3.75 78.15
C GLY A 273 54.57 5.08 77.48
N ALA A 274 53.74 5.91 78.15
CA ALA A 274 53.36 7.24 77.69
C ALA A 274 54.09 8.30 78.53
N GLY A 275 54.41 7.96 79.78
CA GLY A 275 55.12 8.81 80.72
C GLY A 275 56.55 9.07 80.30
N ALA A 276 57.28 7.99 79.94
CA ALA A 276 58.67 8.09 79.47
C ALA A 276 58.79 8.23 77.95
N SER A 277 57.68 8.64 77.28
CA SER A 277 57.65 8.92 75.85
C SER A 277 58.20 10.34 75.63
N LEU A 278 58.42 11.07 76.74
CA LEU A 278 58.96 12.42 76.81
C LEU A 278 60.21 12.46 77.70
N GLN A 279 60.35 11.49 78.63
CA GLN A 279 61.48 11.38 79.57
C GLN A 279 62.83 11.14 78.87
N LEU A 280 62.87 10.21 77.89
CA LEU A 280 64.08 9.92 77.10
C LEU A 280 64.17 10.82 75.85
N GLU A 281 63.03 11.40 75.43
CA GLU A 281 62.90 12.32 74.30
C GLU A 281 63.61 13.65 74.62
N ARG A 282 63.65 14.03 75.92
CA ARG A 282 64.27 15.23 76.48
C ARG A 282 65.78 15.05 76.73
N ALA A 283 66.20 13.85 77.18
CA ALA A 283 67.60 13.54 77.51
C ALA A 283 68.28 12.62 76.46
N ARG A 284 68.03 12.89 75.16
CA ARG A 284 68.61 12.14 74.04
C ARG A 284 70.06 12.60 73.78
N LYS A 285 71.05 11.87 74.34
CA LYS A 285 72.46 12.22 74.15
C LYS A 285 73.20 11.21 73.27
N SER A 286 73.49 11.63 72.02
CA SER A 286 74.17 10.86 70.96
C SER A 286 73.62 9.44 70.72
N HIS A 287 72.35 9.37 70.27
CA HIS A 287 71.64 8.13 69.94
C HIS A 287 70.99 8.28 68.56
N PRO A 288 71.04 7.23 67.69
CA PRO A 288 70.53 7.37 66.31
C PRO A 288 69.17 8.04 66.07
N ASP A 289 69.05 8.70 64.92
CA ASP A 289 67.86 9.39 64.43
C ASP A 289 67.41 8.77 63.11
N ALA A 290 66.17 9.09 62.65
CA ALA A 290 65.50 8.55 61.45
C ALA A 290 65.21 7.05 61.56
N ALA A 291 66.08 6.31 62.27
CA ALA A 291 65.97 4.87 62.57
C ALA A 291 65.26 4.68 63.91
N VAL A 292 65.63 5.49 64.94
CA VAL A 292 65.01 5.49 66.26
C VAL A 292 63.76 6.40 66.23
N ASP A 293 63.74 7.37 65.29
CA ASP A 293 62.60 8.27 65.07
C ASP A 293 61.41 7.52 64.46
N GLY A 294 61.71 6.48 63.68
CA GLY A 294 60.72 5.60 63.06
C GLY A 294 60.36 4.41 63.93
N VAL A 295 61.00 4.33 65.12
CA VAL A 295 60.80 3.29 66.14
C VAL A 295 60.17 3.87 67.42
N ARG A 296 60.60 5.07 67.87
CA ARG A 296 60.01 5.72 69.05
C ARG A 296 58.55 6.13 68.78
N SER A 297 58.16 6.18 67.49
CA SER A 297 56.81 6.47 67.01
C SER A 297 55.92 5.26 67.27
N VAL A 298 56.47 4.04 67.13
CA VAL A 298 55.81 2.74 67.33
C VAL A 298 55.36 2.59 68.80
N LEU A 299 56.17 3.07 69.77
CA LEU A 299 55.88 3.01 71.21
C LEU A 299 54.62 3.75 71.63
N ARG A 300 54.24 4.82 70.91
CA ARG A 300 53.00 5.55 71.17
C ARG A 300 51.84 4.89 70.41
N ILE A 301 52.14 4.07 69.38
CA ILE A 301 51.15 3.29 68.63
C ILE A 301 50.83 2.04 69.48
N LEU A 302 51.78 1.60 70.33
CA LEU A 302 51.64 0.48 71.28
C LEU A 302 50.52 0.74 72.29
N VAL A 303 50.30 2.03 72.61
CA VAL A 303 49.25 2.48 73.52
C VAL A 303 47.88 2.34 72.84
N LEU A 304 47.82 2.46 71.48
CA LEU A 304 46.59 2.27 70.71
C LEU A 304 46.19 0.80 70.67
N PHE A 305 47.16 -0.10 70.93
CA PHE A 305 46.97 -1.54 71.02
C PHE A 305 46.49 -1.94 72.43
N ALA A 306 46.91 -1.17 73.46
CA ALA A 306 46.52 -1.37 74.87
C ALA A 306 45.03 -1.04 75.07
N LEU A 307 44.39 -0.47 74.03
CA LEU A 307 42.97 -0.15 74.00
C LEU A 307 42.19 -1.31 73.39
N VAL A 308 42.90 -2.31 72.84
CA VAL A 308 42.30 -3.52 72.27
C VAL A 308 42.37 -4.67 73.30
N THR A 309 42.75 -4.31 74.55
CA THR A 309 42.83 -5.23 75.68
C THR A 309 41.45 -5.74 76.20
N PRO A 310 40.33 -4.97 76.20
CA PRO A 310 39.07 -5.55 76.68
C PRO A 310 38.46 -6.61 75.75
N PHE A 311 39.08 -6.87 74.57
CA PHE A 311 38.64 -7.94 73.66
C PHE A 311 39.16 -9.28 74.20
N TRP A 312 40.42 -9.29 74.69
CA TRP A 312 41.09 -10.45 75.28
C TRP A 312 40.46 -10.80 76.64
N SER A 313 39.70 -9.86 77.23
CA SER A 313 38.98 -10.09 78.47
C SER A 313 37.62 -10.74 78.17
N LEU A 314 37.25 -10.88 76.87
CA LEU A 314 35.98 -11.45 76.37
C LEU A 314 36.17 -12.63 75.39
N PHE A 315 37.43 -12.98 75.10
CA PHE A 315 37.81 -14.09 74.20
C PHE A 315 38.57 -15.23 74.97
N ASP A 316 39.34 -14.86 76.02
CA ASP A 316 40.06 -15.80 76.90
C ASP A 316 39.13 -16.13 78.09
N GLN A 317 38.01 -15.33 78.24
CA GLN A 317 36.91 -15.43 79.21
C GLN A 317 35.71 -16.24 78.65
N LYS A 318 35.68 -16.45 77.32
CA LYS A 318 34.67 -17.29 76.65
C LYS A 318 34.78 -18.74 77.18
N ALA A 319 35.98 -19.06 77.72
CA ALA A 319 36.40 -20.31 78.32
C ALA A 319 36.13 -20.36 79.83
N SER A 320 35.31 -19.39 80.37
CA SER A 320 34.96 -19.27 81.79
C SER A 320 33.51 -18.93 82.10
N THR A 321 33.14 -17.66 81.95
CA THR A 321 31.79 -17.16 82.26
C THR A 321 30.77 -17.66 81.22
N TRP A 322 31.19 -17.84 79.95
CA TRP A 322 30.33 -18.33 78.87
C TRP A 322 29.87 -19.77 79.09
N ILE A 323 30.71 -20.57 79.78
CA ILE A 323 30.38 -21.94 80.14
C ILE A 323 29.47 -21.96 81.39
N LEU A 324 29.55 -20.89 82.23
CA LEU A 324 28.75 -20.73 83.45
C LEU A 324 27.26 -20.53 83.17
N GLN A 325 26.93 -19.80 82.09
CA GLN A 325 25.55 -19.54 81.66
C GLN A 325 24.90 -20.82 81.14
N ALA A 326 25.69 -21.68 80.48
CA ALA A 326 25.26 -22.95 79.91
C ALA A 326 24.84 -23.98 80.95
N ASN A 327 25.42 -23.93 82.16
CA ASN A 327 25.13 -24.85 83.26
C ASN A 327 23.69 -24.75 83.75
N ASP A 328 23.20 -23.51 83.99
CA ASP A 328 21.83 -23.24 84.43
C ASP A 328 20.82 -23.51 83.29
N MET A 329 21.30 -23.46 82.04
CA MET A 329 20.51 -23.70 80.83
C MET A 329 20.24 -25.20 80.65
N VAL A 330 19.00 -25.56 80.25
CA VAL A 330 18.58 -26.94 80.05
C VAL A 330 19.23 -27.57 78.80
N LYS A 331 20.38 -28.22 79.02
CA LYS A 331 21.19 -28.88 77.99
C LYS A 331 21.02 -30.41 77.98
N PRO A 332 21.05 -31.08 76.79
CA PRO A 332 20.91 -32.55 76.78
C PRO A 332 22.12 -33.28 77.34
N GLN A 333 22.01 -34.62 77.51
CA GLN A 333 23.09 -35.45 78.04
C GLN A 333 24.27 -35.71 77.09
N TRP A 334 24.21 -35.15 75.86
CA TRP A 334 25.28 -35.29 74.87
C TRP A 334 25.93 -33.95 74.53
N PHE A 335 25.12 -32.88 74.46
CA PHE A 335 25.54 -31.52 74.14
C PHE A 335 25.91 -30.80 75.45
N GLU A 336 27.00 -31.27 76.09
CA GLU A 336 27.53 -30.79 77.36
C GLU A 336 27.97 -29.32 77.31
N PRO A 337 28.06 -28.59 78.46
CA PRO A 337 28.44 -27.17 78.41
C PRO A 337 29.77 -26.81 77.75
N ALA A 338 30.72 -27.76 77.74
CA ALA A 338 32.06 -27.57 77.17
C ALA A 338 32.13 -27.62 75.64
N MET A 339 31.17 -28.30 74.99
CA MET A 339 31.12 -28.42 73.53
C MET A 339 30.95 -27.06 72.85
N MET A 340 29.83 -26.36 73.13
CA MET A 340 29.44 -25.04 72.60
C MET A 340 30.61 -24.06 72.54
N GLN A 341 31.47 -24.11 73.56
CA GLN A 341 32.67 -23.30 73.65
C GLN A 341 33.62 -23.68 72.54
N ALA A 342 34.04 -24.97 72.49
CA ALA A 342 34.99 -25.51 71.52
C ALA A 342 34.38 -25.92 70.16
N LEU A 343 33.33 -25.19 69.72
CA LEU A 343 32.68 -25.43 68.44
C LEU A 343 32.56 -24.15 67.63
N ASN A 344 32.56 -23.00 68.32
CA ASN A 344 32.47 -21.68 67.72
C ASN A 344 33.71 -21.15 66.96
N PRO A 345 34.99 -21.50 67.31
CA PRO A 345 36.10 -21.01 66.48
C PRO A 345 36.17 -21.72 65.13
N LEU A 346 35.44 -22.86 64.97
CA LEU A 346 35.36 -23.64 63.72
C LEU A 346 34.59 -22.86 62.63
N LEU A 347 33.93 -21.75 63.02
CA LEU A 347 33.16 -20.84 62.17
C LEU A 347 34.09 -19.87 61.42
N VAL A 348 35.32 -19.65 61.94
CA VAL A 348 36.35 -18.79 61.34
C VAL A 348 36.86 -19.40 60.02
N MET A 349 36.99 -20.75 59.97
CA MET A 349 37.45 -21.51 58.80
C MET A 349 36.53 -21.34 57.59
N LEU A 350 35.25 -21.01 57.84
CA LEU A 350 34.24 -20.75 56.81
C LEU A 350 34.00 -19.24 56.60
N LEU A 351 34.49 -18.41 57.54
CA LEU A 351 34.38 -16.93 57.53
C LEU A 351 35.33 -16.27 56.52
N ILE A 352 36.39 -16.99 56.09
CA ILE A 352 37.42 -16.53 55.15
C ILE A 352 36.88 -15.95 53.81
N PRO A 353 36.05 -16.66 52.99
CA PRO A 353 35.57 -16.04 51.73
C PRO A 353 34.52 -14.93 51.88
N PHE A 354 33.91 -14.80 53.07
CA PHE A 354 32.89 -13.79 53.37
C PHE A 354 33.48 -12.39 53.61
N ASN A 355 34.74 -12.33 54.12
CA ASN A 355 35.46 -11.09 54.40
C ASN A 355 35.94 -10.38 53.12
N ASN A 356 36.01 -11.12 51.99
CA ASN A 356 36.46 -10.63 50.68
C ASN A 356 35.49 -9.61 50.06
N PHE A 357 34.17 -9.79 50.27
CA PHE A 357 33.12 -8.91 49.73
C PHE A 357 32.77 -7.79 50.71
N VAL A 358 32.65 -8.11 52.01
CA VAL A 358 32.32 -7.18 53.09
C VAL A 358 33.56 -6.35 53.44
N THR A 371 39.58 -0.63 55.97
CA THR A 371 39.73 0.59 55.19
C THR A 371 40.33 1.69 56.07
N ALA A 372 42.76 -0.89 57.22
CA ALA A 372 43.52 -1.37 58.36
C ALA A 372 43.02 -0.76 59.68
N LEU A 373 42.90 0.57 59.72
CA LEU A 373 42.45 1.33 60.90
C LEU A 373 40.96 1.10 61.18
N ARG A 374 40.14 1.13 60.10
CA ARG A 374 38.70 0.91 60.15
C ARG A 374 38.35 -0.56 60.44
N LYS A 375 39.21 -1.49 59.96
CA LYS A 375 39.05 -2.93 60.15
C LYS A 375 39.15 -3.32 61.63
N MET A 376 40.09 -2.70 62.36
CA MET A 376 40.32 -2.93 63.80
C MET A 376 39.42 -2.09 64.70
N GLY A 377 38.85 -1.01 64.14
CA GLY A 377 37.93 -0.12 64.83
C GLY A 377 36.58 -0.76 65.04
N ALA A 378 36.25 -1.78 64.22
CA ALA A 378 35.00 -2.56 64.26
C ALA A 378 35.10 -3.76 65.20
N GLY A 379 36.32 -4.22 65.47
CA GLY A 379 36.61 -5.34 66.36
C GLY A 379 36.20 -5.08 67.80
N ILE A 380 36.43 -3.84 68.30
CA ILE A 380 36.07 -3.40 69.66
C ILE A 380 34.58 -3.08 69.78
N ALA A 381 33.96 -2.62 68.67
CA ALA A 381 32.55 -2.28 68.61
C ALA A 381 31.66 -3.54 68.60
N ILE A 382 32.18 -4.65 68.01
CA ILE A 382 31.48 -5.94 67.93
C ILE A 382 31.24 -6.58 69.31
N THR A 383 32.29 -6.64 70.16
CA THR A 383 32.23 -7.22 71.51
C THR A 383 31.38 -6.44 72.54
N GLY A 384 31.09 -5.18 72.23
CA GLY A 384 30.26 -4.32 73.08
C GLY A 384 28.81 -4.78 73.10
N LEU A 385 28.30 -5.12 71.90
CA LEU A 385 26.92 -5.59 71.65
C LEU A 385 26.80 -7.12 71.85
N SER A 386 27.81 -7.89 71.39
CA SER A 386 27.88 -9.36 71.48
C SER A 386 27.86 -9.88 72.93
N TRP A 387 28.24 -9.04 73.90
CA TRP A 387 28.27 -9.37 75.33
C TRP A 387 26.94 -8.96 75.99
N ILE A 388 26.42 -7.75 75.69
CA ILE A 388 25.15 -7.27 76.23
C ILE A 388 23.95 -8.06 75.68
N VAL A 389 24.11 -8.68 74.48
CA VAL A 389 23.08 -9.49 73.83
C VAL A 389 22.67 -10.71 74.70
N VAL A 390 23.62 -11.19 75.54
CA VAL A 390 23.40 -12.30 76.47
C VAL A 390 23.21 -11.78 77.91
N GLY A 391 23.58 -10.51 78.14
CA GLY A 391 23.45 -9.81 79.42
C GLY A 391 22.02 -9.56 79.85
N THR A 392 21.06 -9.82 78.92
CA THR A 392 19.63 -9.70 79.09
C THR A 392 19.04 -11.12 79.16
N ILE A 393 19.51 -12.03 78.27
CA ILE A 393 19.11 -13.43 78.17
C ILE A 393 19.48 -14.23 79.44
N GLN A 394 20.52 -13.77 80.18
CA GLN A 394 20.97 -14.38 81.44
C GLN A 394 19.92 -14.22 82.54
N LEU A 395 19.26 -13.05 82.61
CA LEU A 395 18.23 -12.78 83.61
C LEU A 395 16.91 -13.52 83.31
N MET A 396 16.78 -14.05 82.06
CA MET A 396 15.63 -14.84 81.60
C MET A 396 15.74 -16.27 82.14
N MET A 397 16.94 -16.71 82.55
CA MET A 397 17.19 -18.03 83.15
C MET A 397 16.66 -18.04 84.59
N ASP A 398 16.50 -16.83 85.17
CA ASP A 398 15.95 -16.57 86.50
C ASP A 398 14.41 -16.39 86.38
N GLY A 399 13.90 -16.54 85.15
CA GLY A 399 12.49 -16.41 84.81
C GLY A 399 11.96 -17.55 83.95
N GLY A 400 12.17 -17.44 82.64
CA GLY A 400 11.73 -18.42 81.64
C GLY A 400 12.60 -19.66 81.54
N SER A 401 13.87 -19.50 81.08
CA SER A 401 14.88 -20.55 80.87
C SER A 401 14.45 -21.62 79.83
N ALA A 402 14.94 -21.48 78.58
CA ALA A 402 14.62 -22.38 77.46
C ALA A 402 15.73 -22.57 76.39
N LEU A 403 15.51 -23.52 75.45
CA LEU A 403 16.38 -23.90 74.31
C LEU A 403 17.80 -24.37 74.67
N SER A 404 18.66 -23.45 75.17
CA SER A 404 20.04 -23.68 75.61
C SER A 404 21.08 -23.85 74.50
N ILE A 405 21.00 -24.96 73.71
CA ILE A 405 21.94 -25.27 72.62
C ILE A 405 21.92 -24.14 71.59
N PHE A 406 20.78 -23.97 70.89
CA PHE A 406 20.60 -22.92 69.89
C PHE A 406 20.56 -21.52 70.50
N TRP A 407 20.22 -21.41 71.80
CA TRP A 407 20.19 -20.13 72.48
C TRP A 407 21.49 -19.75 73.21
N GLN A 408 22.60 -20.23 72.65
CA GLN A 408 23.97 -19.98 73.06
C GLN A 408 24.82 -19.86 71.80
N ILE A 409 24.41 -20.54 70.70
CA ILE A 409 25.07 -20.54 69.39
C ILE A 409 25.06 -19.14 68.74
N LEU A 410 23.88 -18.52 68.62
CA LEU A 410 23.72 -17.19 68.02
C LEU A 410 24.50 -16.06 68.73
N PRO A 411 24.45 -15.86 70.08
CA PRO A 411 25.24 -14.78 70.69
C PRO A 411 26.76 -15.01 70.68
N TYR A 412 27.19 -16.28 70.48
CA TYR A 412 28.60 -16.70 70.41
C TYR A 412 29.17 -16.40 69.01
N ALA A 413 28.36 -16.64 67.95
CA ALA A 413 28.70 -16.41 66.55
C ALA A 413 28.95 -14.92 66.28
N LEU A 414 28.38 -14.06 67.13
CA LEU A 414 28.51 -12.60 67.10
C LEU A 414 29.96 -12.17 67.35
N LEU A 415 30.64 -12.83 68.30
CA LEU A 415 32.05 -12.56 68.61
C LEU A 415 32.96 -13.10 67.50
N THR A 416 32.56 -14.22 66.86
CA THR A 416 33.29 -14.92 65.79
C THR A 416 33.66 -14.03 64.58
N PHE A 417 32.88 -12.95 64.32
CA PHE A 417 33.15 -12.00 63.24
C PHE A 417 34.17 -10.95 63.70
N GLY A 418 34.05 -10.51 64.96
CA GLY A 418 34.98 -9.56 65.58
C GLY A 418 36.30 -10.23 65.93
N GLU A 419 36.28 -11.58 66.03
CA GLU A 419 37.40 -12.48 66.31
C GLU A 419 38.38 -12.42 65.13
N VAL A 420 37.84 -12.38 63.89
CA VAL A 420 38.61 -12.30 62.64
C VAL A 420 39.18 -10.87 62.46
N LEU A 421 38.42 -9.83 62.88
CA LEU A 421 38.80 -8.43 62.76
C LEU A 421 39.90 -7.93 63.72
N VAL A 422 40.35 -8.78 64.66
CA VAL A 422 41.40 -8.43 65.62
C VAL A 422 42.69 -9.27 65.40
N SER A 423 42.54 -10.60 65.20
CA SER A 423 43.65 -11.54 64.99
C SER A 423 44.38 -11.33 63.65
N ALA A 424 43.62 -11.11 62.56
CA ALA A 424 44.20 -10.91 61.22
C ALA A 424 44.73 -9.49 60.99
N THR A 425 44.30 -8.50 61.78
CA THR A 425 44.70 -7.10 61.64
C THR A 425 45.70 -6.60 62.72
N GLY A 426 45.65 -7.19 63.92
CA GLY A 426 46.53 -6.85 65.03
C GLY A 426 48.00 -7.13 64.78
N LEU A 427 48.27 -8.14 63.92
CA LEU A 427 49.61 -8.56 63.51
C LEU A 427 50.13 -7.73 62.34
N GLU A 428 49.31 -7.58 61.26
CA GLU A 428 49.66 -6.84 60.04
C GLU A 428 49.78 -5.32 60.20
N PHE A 429 49.52 -4.81 61.42
CA PHE A 429 49.68 -3.38 61.72
C PHE A 429 51.14 -3.04 62.08
N ALA A 430 52.02 -4.06 62.02
CA ALA A 430 53.47 -3.93 62.23
C ALA A 430 54.08 -3.24 61.01
N TYR A 431 53.42 -3.38 59.84
CA TYR A 431 53.80 -2.77 58.57
C TYR A 431 53.68 -1.24 58.61
N SER A 432 52.54 -0.73 59.14
CA SER A 432 52.23 0.69 59.25
C SER A 432 53.01 1.47 60.33
N GLN A 433 53.62 0.75 61.29
CA GLN A 433 54.40 1.36 62.37
C GLN A 433 55.85 1.64 61.93
N ALA A 434 56.35 0.84 60.96
CA ALA A 434 57.70 0.88 60.33
C ALA A 434 58.97 0.63 61.20
N PRO A 435 59.00 -0.38 62.11
CA PRO A 435 60.23 -0.61 62.88
C PRO A 435 61.22 -1.57 62.22
N LYS A 436 60.70 -2.50 61.36
CA LYS A 436 61.41 -3.53 60.59
C LYS A 436 62.25 -4.50 61.44
N ALA A 437 63.49 -4.12 61.79
CA ALA A 437 64.40 -4.93 62.61
C ALA A 437 63.93 -4.97 64.06
N MET A 438 63.27 -3.89 64.52
CA MET A 438 62.72 -3.75 65.86
C MET A 438 61.43 -4.59 65.97
N LYS A 439 61.62 -5.92 66.15
CA LYS A 439 60.55 -6.92 66.28
C LYS A 439 60.22 -7.21 67.75
N GLY A 440 61.26 -7.23 68.60
CA GLY A 440 61.19 -7.48 70.04
C GLY A 440 60.40 -6.45 70.84
N THR A 441 59.31 -5.94 70.23
CA THR A 441 58.36 -4.97 70.76
C THR A 441 56.99 -5.18 70.12
N ILE A 442 56.96 -5.73 68.89
CA ILE A 442 55.72 -6.00 68.15
C ILE A 442 54.99 -7.15 68.84
N MET A 443 55.59 -8.36 68.83
CA MET A 443 55.04 -9.58 69.45
C MET A 443 54.98 -9.43 70.96
N SER A 444 56.12 -9.07 71.58
CA SER A 444 56.29 -8.92 73.04
C SER A 444 55.34 -7.91 73.71
N PHE A 445 54.55 -7.16 72.94
CA PHE A 445 53.60 -6.21 73.53
C PHE A 445 52.17 -6.39 73.06
N TRP A 446 51.97 -6.73 71.77
CA TRP A 446 50.64 -7.00 71.22
C TRP A 446 50.08 -8.24 71.89
N THR A 447 50.95 -9.25 72.13
CA THR A 447 50.56 -10.51 72.79
C THR A 447 50.61 -10.40 74.31
N LEU A 448 51.34 -9.40 74.83
CA LEU A 448 51.38 -9.19 76.27
C LEU A 448 50.30 -8.21 76.75
N SER A 449 49.31 -7.96 75.85
CA SER A 449 48.09 -7.18 76.03
C SER A 449 46.99 -8.19 76.38
N VAL A 450 47.24 -9.47 76.05
CA VAL A 450 46.36 -10.59 76.35
C VAL A 450 46.44 -10.81 77.85
N THR A 451 47.67 -10.66 78.37
CA THR A 451 48.06 -10.78 79.77
C THR A 451 47.56 -9.60 80.66
N VAL A 452 47.23 -8.44 80.04
CA VAL A 452 46.71 -7.24 80.73
C VAL A 452 45.17 -7.26 80.74
N GLY A 453 44.57 -7.75 79.65
CA GLY A 453 43.11 -7.89 79.51
C GLY A 453 42.53 -8.83 80.54
N ASN A 454 43.33 -9.85 80.91
CA ASN A 454 42.99 -10.85 81.92
C ASN A 454 43.16 -10.32 83.36
N LEU A 455 43.78 -9.13 83.56
CA LEU A 455 43.90 -8.50 84.87
C LEU A 455 42.61 -7.70 85.12
N TRP A 456 41.90 -7.35 84.04
CA TRP A 456 40.64 -6.63 84.10
C TRP A 456 39.50 -7.59 84.44
N VAL A 457 39.66 -8.89 84.06
CA VAL A 457 38.73 -9.98 84.37
C VAL A 457 38.88 -10.26 85.88
N LEU A 458 40.15 -10.30 86.35
CA LEU A 458 40.57 -10.52 87.75
C LEU A 458 40.16 -9.35 88.65
N LEU A 459 39.99 -8.14 88.06
CA LEU A 459 39.56 -6.93 88.75
C LEU A 459 38.07 -7.03 89.11
N ALA A 460 37.23 -7.50 88.16
CA ALA A 460 35.78 -7.64 88.28
C ALA A 460 35.27 -8.45 89.48
N ASN A 461 35.97 -9.53 89.84
CA ASN A 461 35.57 -10.37 90.97
C ASN A 461 36.37 -10.09 92.25
N VAL A 462 36.82 -8.84 92.41
CA VAL A 462 37.56 -8.35 93.58
C VAL A 462 36.88 -7.07 94.07
N SER A 463 36.75 -6.06 93.18
CA SER A 463 36.11 -4.78 93.47
C SER A 463 34.59 -4.94 93.56
N VAL A 464 34.04 -5.88 92.77
CA VAL A 464 32.60 -6.16 92.74
C VAL A 464 32.32 -7.52 93.40
N LYS A 465 33.02 -7.80 94.53
CA LYS A 465 32.88 -9.03 95.31
C LYS A 465 33.20 -8.81 96.80
N SER A 466 34.46 -8.44 97.11
CA SER A 466 34.97 -8.22 98.47
C SER A 466 34.31 -7.09 99.31
N PRO A 467 34.04 -5.86 98.79
CA PRO A 467 33.45 -4.83 99.67
C PRO A 467 31.95 -4.96 99.88
N THR A 468 31.49 -4.70 101.13
CA THR A 468 30.09 -4.77 101.57
C THR A 468 29.27 -3.60 101.02
N VAL A 469 29.76 -2.34 101.19
CA VAL A 469 29.10 -1.11 100.74
C VAL A 469 28.95 -1.09 99.20
N THR A 470 29.96 -1.60 98.47
CA THR A 470 29.98 -1.71 97.01
C THR A 470 28.97 -2.77 96.55
N GLU A 471 28.82 -3.85 97.34
CA GLU A 471 27.89 -4.94 97.08
C GLU A 471 26.42 -4.52 97.25
N GLN A 472 26.15 -3.60 98.21
CA GLN A 472 24.82 -3.07 98.51
C GLN A 472 24.24 -2.23 97.38
N ILE A 473 25.11 -1.48 96.67
CA ILE A 473 24.75 -0.58 95.56
C ILE A 473 24.60 -1.32 94.21
N VAL A 474 25.52 -2.28 93.91
CA VAL A 474 25.50 -3.05 92.66
C VAL A 474 24.27 -3.98 92.49
N GLN A 475 23.74 -4.50 93.61
CA GLN A 475 22.58 -5.40 93.65
C GLN A 475 21.22 -4.68 93.60
N THR A 476 21.23 -3.34 93.63
CA THR A 476 20.03 -2.53 93.61
C THR A 476 19.33 -2.57 92.24
N GLY A 477 19.97 -2.02 91.22
CA GLY A 477 19.43 -1.96 89.86
C GLY A 477 19.27 -3.29 89.17
N MET A 478 20.31 -4.13 89.26
CA MET A 478 20.36 -5.46 88.64
C MET A 478 20.89 -6.55 89.60
N SER A 479 21.24 -7.75 89.08
CA SER A 479 21.76 -8.87 89.87
C SER A 479 23.31 -8.89 89.91
N VAL A 480 23.90 -9.74 90.78
CA VAL A 480 25.36 -9.87 90.93
C VAL A 480 25.99 -10.42 89.64
N THR A 481 25.34 -11.44 89.04
CA THR A 481 25.78 -12.12 87.82
C THR A 481 25.66 -11.23 86.58
N ALA A 482 24.48 -10.58 86.39
CA ALA A 482 24.20 -9.72 85.24
C ALA A 482 24.97 -8.39 85.23
N PHE A 483 25.51 -7.95 86.39
CA PHE A 483 26.29 -6.72 86.48
C PHE A 483 27.61 -6.87 85.72
N GLN A 484 28.20 -8.09 85.75
CA GLN A 484 29.41 -8.43 85.00
C GLN A 484 29.04 -8.49 83.52
N MET A 485 27.82 -9.00 83.23
CA MET A 485 27.23 -9.12 81.89
C MET A 485 26.73 -7.75 81.37
N PHE A 486 27.15 -6.66 82.05
CA PHE A 486 26.84 -5.27 81.76
C PHE A 486 28.15 -4.47 81.76
N PHE A 487 28.97 -4.61 82.83
CA PHE A 487 30.27 -3.95 83.06
C PHE A 487 31.24 -4.24 81.93
N PHE A 488 31.38 -5.53 81.55
CA PHE A 488 32.26 -5.98 80.47
C PHE A 488 31.73 -5.57 79.10
N ALA A 489 30.41 -5.62 78.91
CA ALA A 489 29.73 -5.25 77.66
C ALA A 489 29.96 -3.78 77.36
N GLY A 490 29.86 -2.93 78.39
CA GLY A 490 30.07 -1.50 78.29
C GLY A 490 31.50 -1.07 78.07
N PHE A 491 32.46 -1.82 78.64
CA PHE A 491 33.90 -1.53 78.53
C PHE A 491 34.47 -1.63 77.11
N ALA A 492 33.88 -2.48 76.25
CA ALA A 492 34.30 -2.66 74.85
C ALA A 492 33.91 -1.43 74.01
N ILE A 493 32.89 -0.70 74.46
CA ILE A 493 32.39 0.53 73.84
C ILE A 493 33.22 1.73 74.35
N LEU A 494 33.67 1.69 75.63
CA LEU A 494 34.51 2.73 76.25
C LEU A 494 35.86 2.85 75.53
N ALA A 495 36.34 1.75 74.91
CA ALA A 495 37.59 1.68 74.16
C ALA A 495 37.46 2.23 72.74
N ALA A 496 36.30 2.01 72.09
CA ALA A 496 36.00 2.48 70.74
C ALA A 496 35.92 4.02 70.65
N ILE A 497 35.71 4.69 71.81
CA ILE A 497 35.63 6.15 71.97
C ILE A 497 37.06 6.74 72.01
N VAL A 498 37.96 6.15 72.84
CA VAL A 498 39.36 6.57 73.01
C VAL A 498 40.15 6.36 71.69
N PHE A 499 39.76 5.33 70.89
CA PHE A 499 40.33 4.95 69.59
C PHE A 499 40.42 6.14 68.60
N ALA A 500 39.33 6.96 68.53
CA ALA A 500 39.18 8.14 67.66
C ALA A 500 39.39 7.85 66.18
N GLN B 13 20.14 -14.30 -26.61
CA GLN B 13 19.20 -14.69 -25.56
C GLN B 13 19.12 -13.61 -24.50
N ILE B 14 17.89 -13.18 -24.20
CA ILE B 14 17.53 -12.11 -23.25
C ILE B 14 16.19 -12.44 -22.47
N PRO B 15 15.25 -13.28 -22.97
CA PRO B 15 13.98 -13.51 -22.26
C PRO B 15 14.00 -14.11 -20.86
N TYR B 16 15.17 -14.54 -20.36
CA TYR B 16 15.30 -15.11 -19.01
C TYR B 16 14.87 -14.13 -17.92
N ILE B 17 14.83 -12.82 -18.26
CA ILE B 17 14.41 -11.71 -17.39
C ILE B 17 12.92 -11.85 -17.08
N ILE B 18 12.07 -11.82 -18.12
CA ILE B 18 10.62 -11.93 -17.98
C ILE B 18 10.15 -13.30 -17.50
N ALA B 19 10.90 -14.36 -17.81
CA ALA B 19 10.59 -15.72 -17.36
C ALA B 19 10.61 -15.73 -15.83
N SER B 20 11.63 -15.08 -15.23
CA SER B 20 11.79 -14.93 -13.78
C SER B 20 10.90 -13.83 -13.22
N GLU B 21 10.74 -12.71 -13.96
CA GLU B 21 9.89 -11.58 -13.55
C GLU B 21 8.42 -12.03 -13.39
N ALA B 22 7.95 -12.94 -14.28
CA ALA B 22 6.59 -13.52 -14.25
C ALA B 22 6.32 -14.17 -12.90
N CYS B 23 7.31 -14.90 -12.39
CA CYS B 23 7.23 -15.61 -11.11
C CYS B 23 7.32 -14.68 -9.87
N GLU B 24 7.82 -13.43 -10.01
CA GLU B 24 7.88 -12.49 -8.88
C GLU B 24 6.50 -11.94 -8.60
N ARG B 25 5.76 -11.60 -9.66
CA ARG B 25 4.45 -11.00 -9.53
C ARG B 25 3.38 -11.81 -8.77
N PHE B 26 3.36 -13.16 -8.88
CA PHE B 26 2.41 -14.01 -8.12
C PHE B 26 2.93 -14.13 -6.69
N SER B 27 4.27 -14.08 -6.54
CA SER B 27 5.00 -14.12 -5.26
C SER B 27 4.83 -12.81 -4.47
N PHE B 28 4.53 -11.70 -5.17
CA PHE B 28 4.31 -10.40 -4.55
C PHE B 28 2.81 -10.03 -4.47
N TYR B 29 2.04 -10.24 -5.56
CA TYR B 29 0.61 -9.94 -5.59
C TYR B 29 -0.27 -11.03 -4.94
N GLY B 30 0.24 -12.28 -4.94
CA GLY B 30 -0.40 -13.42 -4.29
C GLY B 30 -0.01 -13.50 -2.83
N MET B 31 0.78 -12.51 -2.42
CA MET B 31 1.24 -12.26 -1.07
C MET B 31 0.44 -11.06 -0.57
N ARG B 32 0.56 -9.86 -1.25
CA ARG B 32 -0.13 -8.60 -0.97
C ARG B 32 -1.62 -8.81 -0.82
N ASN B 33 -2.21 -9.63 -1.72
CA ASN B 33 -3.63 -9.98 -1.69
C ASN B 33 -4.03 -10.63 -0.32
N ILE B 34 -3.50 -11.84 -0.05
CA ILE B 34 -3.76 -12.67 1.13
C ILE B 34 -3.45 -11.97 2.47
N LEU B 35 -2.61 -10.93 2.48
CA LEU B 35 -2.21 -10.22 3.69
C LEU B 35 -3.28 -9.75 4.65
N THR B 36 -4.29 -9.03 4.18
CA THR B 36 -5.37 -8.59 5.08
C THR B 36 -6.30 -9.72 5.58
N PRO B 37 -6.91 -10.60 4.73
CA PRO B 37 -7.76 -11.66 5.27
C PRO B 37 -7.08 -12.60 6.27
N PHE B 38 -5.77 -12.88 6.07
CA PHE B 38 -5.01 -13.73 6.99
C PHE B 38 -4.90 -13.13 8.39
N LEU B 39 -4.80 -11.80 8.48
CA LEU B 39 -4.73 -11.09 9.76
C LEU B 39 -6.05 -11.28 10.51
N MET B 40 -7.17 -11.26 9.77
CA MET B 40 -8.53 -11.45 10.30
C MET B 40 -8.80 -12.90 10.66
N THR B 41 -8.23 -13.85 9.89
CA THR B 41 -8.42 -15.28 10.10
C THR B 41 -7.46 -15.86 11.16
N ALA B 42 -6.18 -15.43 11.18
CA ALA B 42 -5.18 -15.95 12.12
C ALA B 42 -4.52 -14.95 13.07
N LEU B 43 -5.29 -14.54 14.10
CA LEU B 43 -4.91 -13.65 15.20
C LEU B 43 -5.88 -13.81 16.39
N LEU B 44 -5.33 -13.86 17.61
CA LEU B 44 -6.09 -14.04 18.85
C LEU B 44 -6.20 -12.74 19.64
N LEU B 45 -5.02 -12.13 19.99
CA LEU B 45 -4.84 -10.87 20.75
C LEU B 45 -5.77 -9.76 20.24
N SER B 46 -6.03 -9.76 18.92
CA SER B 46 -6.92 -8.83 18.25
C SER B 46 -8.34 -9.08 18.74
N ILE B 47 -8.96 -8.05 19.31
CA ILE B 47 -10.28 -8.21 19.89
C ILE B 47 -11.46 -8.09 18.88
N PRO B 48 -12.25 -6.98 18.74
CA PRO B 48 -13.33 -7.02 17.75
C PRO B 48 -12.87 -6.68 16.36
N GLU B 49 -13.81 -6.57 15.43
CA GLU B 49 -13.59 -6.20 14.02
C GLU B 49 -13.14 -4.74 13.92
N GLU B 50 -13.33 -3.95 15.00
CA GLU B 50 -12.88 -2.57 15.13
C GLU B 50 -11.39 -2.59 15.48
N LEU B 51 -10.98 -3.56 16.33
CA LEU B 51 -9.59 -3.74 16.76
C LEU B 51 -8.88 -4.92 16.04
N ARG B 52 -9.45 -5.38 14.92
CA ARG B 52 -8.88 -6.42 14.07
C ARG B 52 -8.42 -5.78 12.76
N GLY B 53 -8.90 -4.56 12.50
CA GLY B 53 -8.56 -3.75 11.33
C GLY B 53 -7.42 -2.78 11.59
N ALA B 54 -7.42 -2.14 12.77
CA ALA B 54 -6.36 -1.21 13.21
C ALA B 54 -5.13 -1.99 13.71
N VAL B 55 -5.06 -3.28 13.33
CA VAL B 55 -4.01 -4.25 13.61
C VAL B 55 -3.63 -4.87 12.26
N ALA B 56 -4.59 -4.95 11.32
CA ALA B 56 -4.37 -5.47 9.98
C ALA B 56 -3.58 -4.47 9.16
N LYS B 57 -3.87 -3.18 9.37
CA LYS B 57 -3.20 -2.06 8.71
C LYS B 57 -1.85 -1.76 9.39
N ASP B 58 -1.80 -1.86 10.74
CA ASP B 58 -0.65 -1.62 11.63
C ASP B 58 0.58 -2.47 11.29
N VAL B 59 0.34 -3.76 10.94
CA VAL B 59 1.39 -4.71 10.60
C VAL B 59 1.50 -4.94 9.06
N PHE B 60 0.37 -4.78 8.30
CA PHE B 60 0.42 -4.90 6.83
C PHE B 60 0.93 -3.64 6.14
N HIS B 61 0.47 -2.44 6.52
CA HIS B 61 0.97 -1.23 5.86
C HIS B 61 2.42 -0.96 6.19
N SER B 62 2.85 -1.48 7.36
CA SER B 62 4.24 -1.46 7.84
C SER B 62 5.11 -2.45 6.99
N PHE B 63 4.44 -3.36 6.25
CA PHE B 63 5.10 -4.26 5.32
C PHE B 63 5.20 -3.53 3.96
N VAL B 64 4.11 -2.81 3.51
CA VAL B 64 4.17 -2.04 2.25
C VAL B 64 5.19 -0.90 2.33
N ILE B 65 5.40 -0.34 3.58
CA ILE B 65 6.43 0.67 3.88
C ILE B 65 7.78 0.01 3.50
N GLY B 66 8.12 -1.11 4.16
CA GLY B 66 9.33 -1.90 3.95
C GLY B 66 9.64 -2.32 2.52
N VAL B 67 8.57 -2.63 1.71
CA VAL B 67 8.70 -3.02 0.29
C VAL B 67 9.17 -1.81 -0.58
N TYR B 68 8.65 -0.61 -0.26
CA TYR B 68 9.04 0.61 -0.98
C TYR B 68 10.18 1.39 -0.26
N PHE B 69 10.58 0.93 0.96
CA PHE B 69 11.67 1.51 1.76
C PHE B 69 12.99 0.88 1.41
N PHE B 70 12.98 -0.45 1.26
CA PHE B 70 14.18 -1.19 0.89
C PHE B 70 14.86 -0.83 -0.43
N PRO B 71 14.14 -0.39 -1.53
CA PRO B 71 14.86 0.01 -2.77
C PRO B 71 16.14 0.85 -2.59
N LEU B 72 16.24 1.56 -1.45
CA LEU B 72 17.40 2.32 -1.04
C LEU B 72 18.54 1.37 -0.69
N LEU B 73 18.31 0.44 0.25
CA LEU B 73 19.30 -0.57 0.66
C LEU B 73 19.47 -1.66 -0.41
N GLY B 74 18.82 -1.48 -1.56
CA GLY B 74 18.90 -2.37 -2.69
C GLY B 74 20.11 -2.03 -3.55
N GLY B 75 20.09 -0.82 -4.09
CA GLY B 75 21.16 -0.26 -4.92
C GLY B 75 22.42 0.08 -4.15
N TRP B 76 22.29 0.49 -2.88
CA TRP B 76 23.39 0.84 -1.96
C TRP B 76 24.35 -0.33 -1.86
N ILE B 77 23.79 -1.54 -1.95
CA ILE B 77 24.53 -2.78 -1.96
C ILE B 77 24.90 -3.08 -3.41
N ALA B 78 23.95 -2.88 -4.35
CA ALA B 78 24.12 -3.17 -5.77
C ALA B 78 25.12 -2.30 -6.58
N ASP B 79 25.53 -1.15 -6.04
CA ASP B 79 26.47 -0.28 -6.75
C ASP B 79 27.75 0.00 -5.98
N ARG B 80 27.62 0.37 -4.69
CA ARG B 80 28.77 0.65 -3.83
C ARG B 80 29.46 -0.64 -3.37
N PHE B 81 28.68 -1.61 -2.85
CA PHE B 81 29.20 -2.89 -2.36
C PHE B 81 29.24 -3.96 -3.47
N PHE B 82 28.31 -4.94 -3.45
CA PHE B 82 28.17 -6.04 -4.41
C PHE B 82 27.82 -5.57 -5.83
N GLY B 83 27.78 -6.51 -6.77
CA GLY B 83 27.44 -6.26 -8.17
C GLY B 83 25.94 -6.18 -8.41
N LYS B 84 25.46 -6.80 -9.50
CA LYS B 84 24.03 -6.81 -9.82
C LYS B 84 23.42 -8.21 -9.72
N TYR B 85 24.04 -9.19 -10.40
CA TYR B 85 23.63 -10.60 -10.41
C TYR B 85 23.80 -11.24 -9.07
N ASN B 86 24.76 -10.76 -8.28
CA ASN B 86 25.02 -11.27 -6.96
C ASN B 86 23.95 -10.77 -6.00
N THR B 87 23.48 -9.51 -6.19
CA THR B 87 22.43 -8.87 -5.40
C THR B 87 21.11 -9.57 -5.62
N ILE B 88 20.68 -9.72 -6.90
CA ILE B 88 19.44 -10.39 -7.29
C ILE B 88 19.37 -11.87 -6.81
N LEU B 89 20.51 -12.58 -6.80
CA LEU B 89 20.59 -13.97 -6.33
C LEU B 89 20.52 -14.04 -4.81
N TRP B 90 21.35 -13.22 -4.13
CA TRP B 90 21.41 -13.13 -2.67
C TRP B 90 20.08 -12.66 -2.08
N LEU B 91 19.41 -11.69 -2.72
CA LEU B 91 18.13 -11.18 -2.23
C LEU B 91 16.96 -12.12 -2.47
N SER B 92 17.03 -12.95 -3.54
CA SER B 92 15.96 -13.91 -3.84
C SER B 92 16.01 -15.03 -2.82
N LEU B 93 17.23 -15.44 -2.40
CA LEU B 93 17.47 -16.46 -1.37
C LEU B 93 17.24 -15.91 0.05
N ILE B 94 16.61 -14.72 0.10
CA ILE B 94 16.18 -13.97 1.27
C ILE B 94 14.66 -13.71 1.07
N TYR B 95 14.23 -13.55 -0.21
CA TYR B 95 12.83 -13.36 -0.61
C TYR B 95 12.05 -14.69 -0.36
N CYS B 96 12.57 -15.82 -0.91
CA CYS B 96 12.00 -17.17 -0.76
C CYS B 96 12.12 -17.64 0.69
N VAL B 97 13.20 -17.22 1.38
CA VAL B 97 13.44 -17.52 2.79
C VAL B 97 12.36 -16.83 3.63
N GLY B 98 11.94 -15.64 3.19
CA GLY B 98 10.86 -14.86 3.80
C GLY B 98 9.52 -15.58 3.69
N HIS B 99 9.25 -16.15 2.50
CA HIS B 99 8.05 -16.93 2.20
C HIS B 99 8.03 -18.23 2.99
N ALA B 100 9.18 -18.94 3.01
CA ALA B 100 9.38 -20.21 3.72
C ALA B 100 9.09 -20.00 5.19
N PHE B 101 9.51 -18.86 5.73
CA PHE B 101 9.26 -18.46 7.10
C PHE B 101 7.77 -18.31 7.36
N LEU B 102 6.99 -17.87 6.35
CA LEU B 102 5.55 -17.67 6.48
C LEU B 102 4.75 -18.95 6.62
N ALA B 103 4.85 -19.86 5.63
CA ALA B 103 4.13 -21.13 5.64
C ALA B 103 4.51 -21.98 6.84
N ILE B 104 5.81 -22.00 7.21
CA ILE B 104 6.31 -22.75 8.37
C ILE B 104 5.84 -22.08 9.65
N PHE B 105 6.19 -20.79 9.85
CA PHE B 105 5.78 -20.04 11.05
C PHE B 105 4.43 -19.36 10.79
N GLU B 106 3.41 -20.17 10.47
CA GLU B 106 2.04 -19.74 10.19
C GLU B 106 1.35 -19.22 11.44
N HIS B 107 1.50 -19.94 12.55
CA HIS B 107 0.88 -19.54 13.81
C HIS B 107 1.98 -19.18 14.81
N SER B 108 2.50 -17.95 14.64
CA SER B 108 3.57 -17.39 15.45
C SER B 108 3.48 -15.88 15.46
N VAL B 109 3.82 -15.28 16.60
CA VAL B 109 3.81 -13.83 16.78
C VAL B 109 5.07 -13.28 16.09
N GLN B 110 6.26 -13.67 16.61
CA GLN B 110 7.55 -13.25 16.08
C GLN B 110 7.82 -13.86 14.71
N GLY B 111 7.64 -15.18 14.60
CA GLY B 111 7.87 -15.96 13.39
C GLY B 111 7.27 -15.40 12.12
N PHE B 112 6.03 -14.88 12.19
CA PHE B 112 5.38 -14.30 11.00
C PHE B 112 5.95 -12.96 10.60
N TYR B 113 6.14 -12.01 11.54
CA TYR B 113 6.72 -10.73 11.15
C TYR B 113 8.18 -10.89 10.72
N THR B 114 8.99 -11.71 11.43
CA THR B 114 10.38 -12.01 11.07
C THR B 114 10.41 -12.49 9.61
N GLY B 115 9.31 -13.12 9.19
CA GLY B 115 9.09 -13.56 7.82
C GLY B 115 8.87 -12.36 6.92
N LEU B 116 7.80 -11.57 7.19
CA LEU B 116 7.43 -10.35 6.44
C LEU B 116 8.58 -9.35 6.34
N PHE B 117 9.49 -9.40 7.32
CA PHE B 117 10.70 -8.59 7.39
C PHE B 117 11.66 -8.98 6.26
N LEU B 118 11.79 -10.29 5.97
CA LEU B 118 12.65 -10.80 4.90
C LEU B 118 12.05 -10.62 3.50
N ILE B 119 10.69 -10.51 3.39
CA ILE B 119 10.00 -10.21 2.12
C ILE B 119 10.26 -8.72 1.84
N ALA B 120 10.09 -7.86 2.88
CA ALA B 120 10.35 -6.41 2.83
C ALA B 120 11.75 -6.05 2.29
N LEU B 121 12.80 -6.81 2.66
CA LEU B 121 14.15 -6.56 2.13
C LEU B 121 14.47 -7.36 0.90
N GLY B 122 13.93 -8.58 0.84
CA GLY B 122 14.10 -9.50 -0.27
C GLY B 122 13.47 -9.02 -1.57
N SER B 123 12.24 -8.43 -1.49
CA SER B 123 11.46 -7.87 -2.62
C SER B 123 11.81 -6.40 -2.86
N GLY B 124 11.78 -5.62 -1.77
CA GLY B 124 12.06 -4.18 -1.74
C GLY B 124 13.31 -3.77 -2.44
N GLY B 125 14.44 -4.27 -1.94
CA GLY B 125 15.76 -3.98 -2.48
C GLY B 125 16.06 -4.53 -3.86
N ILE B 126 15.23 -5.50 -4.34
CA ILE B 126 15.40 -6.21 -5.62
C ILE B 126 14.77 -5.57 -6.88
N LYS B 127 13.61 -4.90 -6.72
CA LYS B 127 12.88 -4.24 -7.79
C LYS B 127 13.67 -3.08 -8.48
N PRO B 128 14.46 -2.22 -7.75
CA PRO B 128 15.28 -1.20 -8.43
C PRO B 128 16.49 -1.81 -9.15
N LEU B 129 16.74 -3.13 -8.92
CA LEU B 129 17.82 -3.93 -9.49
C LEU B 129 17.38 -4.49 -10.84
N VAL B 130 16.37 -5.38 -10.82
CA VAL B 130 15.77 -6.03 -11.99
C VAL B 130 15.39 -5.04 -13.12
N SER B 131 14.78 -3.89 -12.75
CA SER B 131 14.34 -2.80 -13.64
C SER B 131 15.46 -2.20 -14.52
N SER B 132 16.58 -1.84 -13.90
CA SER B 132 17.74 -1.26 -14.57
C SER B 132 18.45 -2.33 -15.41
N PHE B 133 18.52 -3.55 -14.87
CA PHE B 133 19.18 -4.73 -15.43
C PHE B 133 18.77 -5.12 -16.84
N MET B 134 17.47 -5.05 -17.17
CA MET B 134 16.97 -5.45 -18.48
C MET B 134 17.62 -4.74 -19.68
N GLY B 135 17.59 -3.40 -19.66
CA GLY B 135 18.17 -2.55 -20.69
C GLY B 135 19.66 -2.72 -20.85
N ASP B 136 20.30 -3.20 -19.78
CA ASP B 136 21.72 -3.46 -19.71
C ASP B 136 22.08 -4.73 -20.51
N GLN B 137 21.23 -5.78 -20.47
CA GLN B 137 21.47 -7.04 -21.19
C GLN B 137 21.53 -6.95 -22.73
N PHE B 138 21.47 -5.72 -23.28
CA PHE B 138 21.58 -5.44 -24.72
C PHE B 138 22.16 -4.05 -25.00
N ASP B 139 23.32 -4.02 -25.68
CA ASP B 139 24.06 -2.80 -26.04
C ASP B 139 24.36 -2.75 -27.54
N GLN B 140 24.50 -3.93 -28.18
CA GLN B 140 24.78 -4.07 -29.61
C GLN B 140 23.54 -3.65 -30.42
N SER B 141 22.41 -4.35 -30.24
CA SER B 141 21.13 -4.05 -30.89
C SER B 141 20.25 -3.21 -29.94
N ASN B 142 20.90 -2.21 -29.30
CA ASN B 142 20.29 -1.29 -28.35
C ASN B 142 19.44 -0.26 -29.10
N LYS B 143 18.27 -0.70 -29.60
CA LYS B 143 17.34 0.13 -30.37
C LYS B 143 15.88 -0.31 -30.17
N SER B 144 15.39 -1.23 -31.01
CA SER B 144 14.02 -1.75 -30.99
C SER B 144 13.74 -2.67 -29.82
N LEU B 145 14.80 -3.33 -29.27
CA LEU B 145 14.66 -4.23 -28.13
C LEU B 145 14.32 -3.49 -26.84
N ALA B 146 14.58 -2.15 -26.80
CA ALA B 146 14.27 -1.26 -25.67
C ALA B 146 12.77 -1.09 -25.48
N GLN B 147 12.00 -1.10 -26.59
CA GLN B 147 10.54 -0.98 -26.60
C GLN B 147 9.91 -2.24 -25.98
N LYS B 148 10.43 -3.43 -26.38
CA LYS B 148 10.02 -4.75 -25.91
C LYS B 148 10.09 -4.90 -24.40
N ALA B 149 11.20 -4.40 -23.79
CA ALA B 149 11.53 -4.47 -22.37
C ALA B 149 10.47 -3.91 -21.42
N PHE B 150 10.11 -2.62 -21.55
CA PHE B 150 9.11 -1.95 -20.71
C PHE B 150 7.72 -2.57 -20.85
N ASP B 151 7.41 -3.09 -22.06
CA ASP B 151 6.12 -3.71 -22.38
C ASP B 151 5.99 -5.12 -21.79
N MET B 152 7.06 -5.94 -21.88
CA MET B 152 7.08 -7.30 -21.34
C MET B 152 7.10 -7.33 -19.81
N PHE B 153 7.58 -6.24 -19.18
CA PHE B 153 7.63 -6.02 -17.73
C PHE B 153 6.23 -5.58 -17.26
N TYR B 154 5.52 -4.79 -18.10
CA TYR B 154 4.17 -4.28 -17.84
C TYR B 154 3.06 -5.25 -18.21
N PHE B 155 3.40 -6.34 -18.92
CA PHE B 155 2.45 -7.41 -19.27
C PHE B 155 2.54 -8.48 -18.16
N THR B 156 3.53 -8.32 -17.26
CA THR B 156 3.81 -9.18 -16.10
C THR B 156 3.00 -8.66 -14.90
N ILE B 157 2.92 -7.32 -14.73
CA ILE B 157 2.18 -6.61 -13.68
C ILE B 157 0.66 -6.89 -13.82
N ASN B 158 0.13 -6.90 -15.07
CA ASN B 158 -1.26 -7.18 -15.41
C ASN B 158 -1.60 -8.67 -15.20
N PHE B 159 -0.70 -9.57 -15.65
CA PHE B 159 -0.85 -11.02 -15.49
C PHE B 159 -0.63 -11.45 -14.04
N GLY B 160 0.05 -10.61 -13.26
CA GLY B 160 0.34 -10.85 -11.85
C GLY B 160 -0.90 -10.86 -10.98
N SER B 161 -1.81 -9.87 -11.19
CA SER B 161 -3.07 -9.76 -10.46
C SER B 161 -4.09 -10.85 -10.86
N PHE B 162 -4.02 -11.33 -12.12
CA PHE B 162 -4.87 -12.39 -12.70
C PHE B 162 -4.82 -13.67 -11.84
N PHE B 163 -3.60 -14.09 -11.47
CA PHE B 163 -3.33 -15.27 -10.66
C PHE B 163 -3.77 -15.07 -9.20
N ALA B 164 -3.74 -13.81 -8.73
CA ALA B 164 -4.10 -13.44 -7.37
C ALA B 164 -5.62 -13.44 -7.08
N SER B 165 -6.46 -13.78 -8.08
CA SER B 165 -7.93 -13.81 -7.89
C SER B 165 -8.56 -15.13 -8.33
N LEU B 166 -8.16 -15.67 -9.50
CA LEU B 166 -8.73 -16.91 -10.04
C LEU B 166 -8.14 -18.21 -9.46
N SER B 167 -7.01 -18.13 -8.72
CA SER B 167 -6.38 -19.33 -8.13
C SER B 167 -5.73 -19.16 -6.75
N MET B 168 -5.50 -17.90 -6.31
CA MET B 168 -4.86 -17.61 -5.03
C MET B 168 -5.78 -17.48 -3.79
N PRO B 169 -6.93 -16.75 -3.83
CA PRO B 169 -7.77 -16.65 -2.62
C PRO B 169 -8.43 -17.97 -2.22
N LEU B 170 -8.79 -18.78 -3.23
CA LEU B 170 -9.42 -20.10 -3.08
C LEU B 170 -8.54 -21.07 -2.27
N LEU B 171 -7.23 -20.78 -2.18
CA LEU B 171 -6.26 -21.58 -1.45
C LEU B 171 -6.39 -21.47 0.08
N LEU B 172 -7.29 -20.62 0.58
CA LEU B 172 -7.51 -20.47 2.01
C LEU B 172 -8.83 -21.07 2.43
N LYS B 173 -9.82 -21.04 1.53
CA LYS B 173 -11.17 -21.56 1.76
C LYS B 173 -11.26 -23.03 1.35
N ASN B 174 -11.10 -23.32 0.02
CA ASN B 174 -11.15 -24.68 -0.53
C ASN B 174 -9.87 -25.51 -0.26
N PHE B 175 -8.79 -24.88 0.24
CA PHE B 175 -7.52 -25.50 0.60
C PHE B 175 -7.02 -24.95 1.96
N GLY B 176 -5.99 -25.60 2.52
CA GLY B 176 -5.39 -25.19 3.79
C GLY B 176 -4.69 -23.84 3.70
N ALA B 177 -4.86 -23.00 4.74
CA ALA B 177 -4.28 -21.65 4.83
C ALA B 177 -2.74 -21.61 4.84
N ALA B 178 -2.07 -22.71 5.25
CA ALA B 178 -0.59 -22.81 5.32
C ALA B 178 0.05 -22.87 3.94
N VAL B 179 -0.44 -23.77 3.07
CA VAL B 179 0.07 -23.96 1.71
C VAL B 179 -0.31 -22.78 0.82
N ALA B 180 -1.30 -21.98 1.25
CA ALA B 180 -1.74 -20.78 0.56
C ALA B 180 -0.57 -19.78 0.49
N PHE B 181 0.16 -19.60 1.62
CA PHE B 181 1.35 -18.75 1.68
C PHE B 181 2.58 -19.53 1.23
N GLY B 182 2.42 -20.86 1.12
CA GLY B 182 3.46 -21.77 0.68
C GLY B 182 3.69 -21.75 -0.81
N ILE B 183 2.60 -21.59 -1.61
CA ILE B 183 2.64 -21.53 -3.07
C ILE B 183 3.53 -20.40 -3.66
N PRO B 184 3.43 -19.11 -3.23
CA PRO B 184 4.33 -18.08 -3.80
C PRO B 184 5.81 -18.41 -3.58
N GLY B 185 6.13 -18.97 -2.42
CA GLY B 185 7.47 -19.39 -2.03
C GLY B 185 8.02 -20.50 -2.89
N VAL B 186 7.13 -21.30 -3.49
CA VAL B 186 7.53 -22.37 -4.39
C VAL B 186 7.88 -21.70 -5.72
N LEU B 187 7.09 -20.68 -6.11
CA LEU B 187 7.32 -19.90 -7.34
C LEU B 187 8.66 -19.14 -7.31
N MET B 188 9.16 -18.82 -6.10
CA MET B 188 10.43 -18.10 -5.90
C MET B 188 11.65 -18.95 -6.19
N PHE B 189 11.58 -20.25 -5.86
CA PHE B 189 12.64 -21.21 -6.16
C PHE B 189 12.72 -21.34 -7.69
N VAL B 190 11.62 -21.02 -8.39
CA VAL B 190 11.53 -21.02 -9.85
C VAL B 190 12.28 -19.79 -10.40
N ALA B 191 12.12 -18.62 -9.74
CA ALA B 191 12.82 -17.38 -10.13
C ALA B 191 14.33 -17.55 -10.07
N THR B 192 14.83 -18.18 -8.97
CA THR B 192 16.25 -18.49 -8.74
C THR B 192 16.72 -19.48 -9.81
N VAL B 193 15.88 -20.47 -10.16
CA VAL B 193 16.16 -21.45 -11.20
C VAL B 193 16.38 -20.73 -12.55
N PHE B 194 15.56 -19.68 -12.85
CA PHE B 194 15.70 -18.87 -14.07
C PHE B 194 17.02 -18.09 -14.14
N PHE B 195 17.66 -17.87 -12.99
CA PHE B 195 18.93 -17.16 -12.92
C PHE B 195 20.13 -18.09 -12.94
N TRP B 196 20.02 -19.30 -12.36
CA TRP B 196 21.08 -20.30 -12.41
C TRP B 196 21.20 -20.74 -13.86
N LEU B 197 20.05 -20.69 -14.58
CA LEU B 197 19.90 -20.98 -15.99
C LEU B 197 20.15 -19.72 -16.82
N GLY B 198 20.15 -18.57 -16.16
CA GLY B 198 20.44 -17.28 -16.77
C GLY B 198 21.90 -16.87 -16.63
N ARG B 199 22.73 -17.73 -15.97
CA ARG B 199 24.16 -17.54 -15.68
C ARG B 199 25.04 -17.26 -16.91
N LYS B 200 24.51 -17.45 -18.13
CA LYS B 200 25.24 -17.16 -19.34
C LYS B 200 25.17 -15.67 -19.61
N ARG B 201 23.99 -15.16 -20.00
CA ARG B 201 23.81 -13.75 -20.29
C ARG B 201 23.71 -12.88 -19.05
N TYR B 202 24.83 -12.20 -18.72
CA TYR B 202 24.93 -11.30 -17.57
C TYR B 202 25.99 -10.23 -17.76
N ILE B 203 25.61 -8.97 -17.57
CA ILE B 203 26.54 -7.85 -17.68
C ILE B 203 26.44 -6.96 -16.45
N HIS B 204 27.57 -6.35 -16.05
CA HIS B 204 27.62 -5.46 -14.90
C HIS B 204 28.28 -4.13 -15.28
N MET B 205 27.66 -3.00 -14.90
CA MET B 205 28.20 -1.67 -15.20
C MET B 205 28.11 -0.73 -13.99
N PRO B 206 29.01 -0.83 -12.98
CA PRO B 206 28.91 0.07 -11.82
C PRO B 206 29.55 1.44 -12.07
N VAL B 227 36.03 37.04 9.04
CA VAL B 227 35.15 37.89 8.24
C VAL B 227 33.76 37.93 8.88
N GLU B 228 33.20 39.15 9.08
CA GLU B 228 31.88 39.36 9.66
C GLU B 228 30.73 39.14 8.65
N GLY B 229 31.07 39.11 7.36
CA GLY B 229 30.11 38.88 6.28
C GLY B 229 29.79 37.41 6.08
N LYS B 230 30.84 36.55 6.07
CA LYS B 230 30.76 35.10 5.89
C LYS B 230 30.35 34.35 7.17
N GLY B 231 30.66 34.94 8.33
CA GLY B 231 30.36 34.39 9.65
C GLY B 231 28.97 34.67 10.18
N ASN B 232 28.16 35.44 9.43
CA ASN B 232 26.77 35.78 9.78
C ASN B 232 25.76 35.13 8.84
N ILE B 233 26.11 34.99 7.54
CA ILE B 233 25.27 34.34 6.51
C ILE B 233 25.38 32.81 6.66
N GLY B 234 26.60 32.33 6.97
CA GLY B 234 26.92 30.91 7.14
C GLY B 234 26.35 30.22 8.37
N LEU B 235 26.07 30.97 9.46
CA LEU B 235 25.53 30.39 10.70
C LEU B 235 24.02 30.12 10.63
N VAL B 236 23.31 30.77 9.68
CA VAL B 236 21.85 30.63 9.46
C VAL B 236 21.50 29.23 8.90
N LEU B 237 22.31 28.72 7.96
CA LEU B 237 22.13 27.40 7.34
C LEU B 237 22.45 26.21 8.26
N ALA B 238 23.58 26.27 8.99
CA ALA B 238 24.07 25.23 9.91
C ALA B 238 23.11 24.89 11.06
N LEU B 239 22.36 25.90 11.57
CA LEU B 239 21.41 25.74 12.68
C LEU B 239 20.15 24.93 12.31
N ILE B 240 19.73 24.94 11.02
CA ILE B 240 18.56 24.18 10.54
C ILE B 240 18.88 22.66 10.54
N GLY B 241 20.17 22.33 10.65
CA GLY B 241 20.68 20.98 10.77
C GLY B 241 20.51 20.41 12.17
N GLY B 242 20.24 21.30 13.13
CA GLY B 242 19.95 20.97 14.52
C GLY B 242 18.44 20.96 14.75
N VAL B 243 17.71 21.74 13.91
CA VAL B 243 16.24 21.86 13.87
C VAL B 243 15.70 20.53 13.34
N SER B 244 16.31 20.01 12.25
CA SER B 244 15.95 18.73 11.65
C SER B 244 16.38 17.53 12.53
N ALA B 245 17.44 17.72 13.35
CA ALA B 245 17.98 16.71 14.28
C ALA B 245 17.12 16.58 15.55
N ALA B 246 16.22 17.55 15.78
CA ALA B 246 15.32 17.59 16.93
C ALA B 246 14.06 16.74 16.72
N TYR B 247 13.58 16.63 15.46
CA TYR B 247 12.36 15.88 15.09
C TYR B 247 12.47 14.37 15.33
N ALA B 248 13.66 13.80 15.09
CA ALA B 248 13.96 12.37 15.22
C ALA B 248 13.82 11.84 16.67
N LEU B 249 14.10 12.69 17.66
CA LEU B 249 14.03 12.35 19.09
C LEU B 249 12.59 12.21 19.59
N VAL B 250 11.65 13.00 19.01
CA VAL B 250 10.21 13.03 19.33
C VAL B 250 9.55 11.67 19.01
N ASN B 251 10.22 10.86 18.17
CA ASN B 251 9.76 9.55 17.73
C ASN B 251 10.12 8.43 18.72
N ILE B 252 11.04 8.70 19.66
CA ILE B 252 11.42 7.75 20.69
C ILE B 252 10.24 7.58 21.70
N PRO B 253 9.61 8.66 22.27
CA PRO B 253 8.47 8.43 23.18
C PRO B 253 7.17 7.95 22.51
N THR B 254 7.03 8.11 21.18
CA THR B 254 5.86 7.71 20.38
C THR B 254 5.60 6.20 20.49
N LEU B 255 6.67 5.43 20.76
CA LEU B 255 6.73 3.98 20.87
C LEU B 255 6.38 3.34 19.53
N GLY B 256 6.79 4.02 18.46
CA GLY B 256 6.58 3.59 17.08
C GLY B 256 7.75 2.74 16.62
N ILE B 257 7.54 1.41 16.57
CA ILE B 257 8.54 0.43 16.14
C ILE B 257 8.86 0.75 14.68
N VAL B 258 7.81 0.98 13.89
CA VAL B 258 7.91 1.29 12.46
C VAL B 258 7.65 2.77 12.22
N ALA B 259 6.45 3.26 12.62
CA ALA B 259 6.01 4.65 12.47
C ALA B 259 7.09 5.63 12.93
N GLY B 260 7.67 5.37 14.10
CA GLY B 260 8.74 6.16 14.69
C GLY B 260 10.01 6.18 13.86
N LEU B 261 10.34 5.05 13.22
CA LEU B 261 11.51 4.98 12.36
C LEU B 261 11.27 5.76 11.08
N CYS B 262 10.12 5.55 10.40
CA CYS B 262 9.76 6.26 9.16
C CYS B 262 9.56 7.75 9.37
N CYS B 263 8.99 8.16 10.52
CA CYS B 263 8.77 9.58 10.85
C CYS B 263 10.10 10.31 11.03
N ALA B 264 11.10 9.63 11.65
CA ALA B 264 12.45 10.17 11.86
C ALA B 264 13.13 10.42 10.51
N MET B 265 12.77 9.61 9.50
CA MET B 265 13.30 9.71 8.14
C MET B 265 12.63 10.85 7.35
N VAL B 266 11.28 10.88 7.33
CA VAL B 266 10.46 11.87 6.61
C VAL B 266 10.71 13.30 7.12
N LEU B 267 10.75 13.48 8.45
CA LEU B 267 10.99 14.78 9.09
C LEU B 267 12.40 15.34 8.83
N VAL B 268 13.41 14.47 8.72
CA VAL B 268 14.79 14.87 8.44
C VAL B 268 14.91 15.28 6.96
N MET B 269 14.47 14.39 6.03
CA MET B 269 14.49 14.65 4.59
C MET B 269 13.51 15.72 4.11
N GLY B 270 12.53 16.03 4.96
CA GLY B 270 11.53 17.07 4.69
C GLY B 270 12.04 18.46 4.97
N PHE B 271 12.81 18.61 6.07
CA PHE B 271 13.40 19.89 6.50
C PHE B 271 14.84 20.10 5.99
N VAL B 272 15.15 19.39 4.89
CA VAL B 272 16.40 19.43 4.14
C VAL B 272 16.00 19.50 2.64
N GLY B 273 14.81 18.98 2.31
CA GLY B 273 14.25 18.99 0.96
C GLY B 273 13.97 20.39 0.44
N ALA B 274 13.20 21.17 1.23
CA ALA B 274 12.86 22.56 0.93
C ALA B 274 13.68 23.50 1.83
N GLY B 275 14.04 23.01 3.02
CA GLY B 275 14.82 23.73 4.02
C GLY B 275 16.24 23.98 3.56
N ALA B 276 16.90 22.92 3.06
CA ALA B 276 18.27 23.01 2.54
C ALA B 276 18.34 23.30 1.03
N SER B 277 17.22 23.82 0.47
CA SER B 277 17.14 24.24 -0.93
C SER B 277 17.75 25.66 -1.04
N LEU B 278 18.04 26.26 0.14
CA LEU B 278 18.64 27.58 0.32
C LEU B 278 19.93 27.48 1.15
N GLN B 279 20.07 26.42 1.97
CA GLN B 279 21.23 26.15 2.84
C GLN B 279 22.54 25.94 2.05
N LEU B 280 22.50 25.12 0.98
CA LEU B 280 23.65 24.86 0.11
C LEU B 280 23.74 25.88 -1.03
N GLU B 281 22.60 26.55 -1.34
CA GLU B 281 22.46 27.60 -2.37
C GLU B 281 23.25 28.86 -1.95
N ARG B 282 23.36 29.09 -0.62
CA ARG B 282 24.06 30.20 0.03
C ARG B 282 25.56 29.93 0.19
N ALA B 283 25.95 28.68 0.50
CA ALA B 283 27.35 28.29 0.72
C ALA B 283 27.96 27.46 -0.44
N ARG B 284 27.65 27.87 -1.69
CA ARG B 284 28.16 27.21 -2.90
C ARG B 284 29.60 27.66 -3.19
N LYS B 285 30.60 26.88 -2.73
CA LYS B 285 32.01 27.22 -2.96
C LYS B 285 32.68 26.27 -3.97
N SER B 286 32.92 26.79 -5.19
CA SER B 286 33.52 26.12 -6.36
C SER B 286 32.92 24.73 -6.68
N HIS B 287 31.64 24.73 -7.08
CA HIS B 287 30.87 23.55 -7.48
C HIS B 287 30.17 23.84 -8.81
N PRO B 288 30.15 22.88 -9.77
CA PRO B 288 29.57 23.16 -11.11
C PRO B 288 28.25 23.89 -11.23
N ASP B 289 28.11 24.67 -12.32
CA ASP B 289 26.92 25.45 -12.69
C ASP B 289 26.40 24.95 -14.04
N ALA B 290 25.16 25.37 -14.42
CA ALA B 290 24.43 24.97 -15.65
C ALA B 290 24.08 23.46 -15.67
N ALA B 291 24.94 22.63 -15.05
CA ALA B 291 24.79 21.19 -14.89
C ALA B 291 24.11 20.89 -13.54
N VAL B 292 24.56 21.59 -12.46
CA VAL B 292 23.99 21.48 -11.11
C VAL B 292 22.78 22.44 -11.02
N ASP B 293 22.76 23.50 -11.85
CA ASP B 293 21.65 24.46 -11.94
C ASP B 293 20.42 23.81 -12.58
N GLY B 294 20.64 22.83 -13.47
CA GLY B 294 19.60 22.06 -14.14
C GLY B 294 19.24 20.81 -13.36
N VAL B 295 19.89 20.59 -12.20
CA VAL B 295 19.70 19.47 -11.28
C VAL B 295 19.13 19.95 -9.94
N ARG B 296 19.63 21.08 -9.39
CA ARG B 296 19.11 21.65 -8.13
C ARG B 296 17.66 22.12 -8.31
N SER B 297 17.24 22.31 -9.58
CA SER B 297 15.87 22.70 -9.98
C SER B 297 14.94 21.50 -9.80
N VAL B 298 15.44 20.28 -10.07
CA VAL B 298 14.74 19.01 -9.96
C VAL B 298 14.32 18.73 -8.50
N LEU B 299 15.19 19.09 -7.52
CA LEU B 299 14.95 18.90 -6.08
C LEU B 299 13.73 19.64 -5.54
N ARG B 300 13.38 20.79 -6.14
CA ARG B 300 12.18 21.55 -5.78
C ARG B 300 10.97 21.02 -6.54
N ILE B 301 11.20 20.28 -7.66
CA ILE B 301 10.14 19.62 -8.44
C ILE B 301 9.79 18.31 -7.69
N LEU B 302 10.77 17.75 -6.92
CA LEU B 302 10.60 16.56 -6.08
C LEU B 302 9.54 16.77 -5.00
N VAL B 303 9.38 18.03 -4.56
CA VAL B 303 8.39 18.43 -3.56
C VAL B 303 6.99 18.41 -4.21
N LEU B 304 6.88 18.67 -5.54
CA LEU B 304 5.61 18.60 -6.29
C LEU B 304 5.15 17.16 -6.44
N PHE B 305 6.09 16.20 -6.30
CA PHE B 305 5.84 14.76 -6.33
C PHE B 305 5.40 14.26 -4.95
N ALA B 306 5.89 14.91 -3.87
CA ALA B 306 5.54 14.60 -2.47
C ALA B 306 4.07 14.96 -2.18
N LEU B 307 3.42 15.65 -3.13
CA LEU B 307 2.02 16.04 -3.08
C LEU B 307 1.16 14.96 -3.76
N VAL B 308 1.81 13.99 -4.42
CA VAL B 308 1.13 12.88 -5.10
C VAL B 308 1.18 11.63 -4.18
N THR B 309 1.63 11.84 -2.93
CA THR B 309 1.71 10.82 -1.89
C THR B 309 0.34 10.31 -1.37
N PRO B 310 -0.76 11.13 -1.24
CA PRO B 310 -2.03 10.56 -0.78
C PRO B 310 -2.71 9.62 -1.77
N PHE B 311 -2.15 9.45 -3.01
CA PHE B 311 -2.66 8.50 -4.00
C PHE B 311 -2.19 7.09 -3.62
N TRP B 312 -0.92 6.98 -3.19
CA TRP B 312 -0.27 5.74 -2.74
C TRP B 312 -0.87 5.28 -1.41
N SER B 313 -1.56 6.19 -0.70
CA SER B 313 -2.25 5.86 0.55
C SER B 313 -3.65 5.31 0.24
N LEU B 314 -4.07 5.31 -1.07
CA LEU B 314 -5.38 4.85 -1.56
C LEU B 314 -5.27 3.77 -2.68
N PHE B 315 -4.04 3.39 -3.05
CA PHE B 315 -3.75 2.36 -4.07
C PHE B 315 -3.01 1.13 -3.44
N ASP B 316 -2.19 1.36 -2.38
CA ASP B 316 -1.49 0.29 -1.63
C ASP B 316 -2.39 -0.12 -0.44
N GLN B 317 -3.46 0.70 -0.19
CA GLN B 317 -4.55 0.56 0.81
C GLN B 317 -5.78 -0.13 0.22
N LYS B 318 -5.86 -0.21 -1.12
CA LYS B 318 -6.93 -0.94 -1.83
C LYS B 318 -6.87 -2.44 -1.46
N ALA B 319 -5.66 -2.86 -1.00
CA ALA B 319 -5.28 -4.19 -0.53
C ALA B 319 -5.51 -4.39 0.98
N SER B 320 -6.26 -3.44 1.63
CA SER B 320 -6.55 -3.45 3.07
C SER B 320 -7.98 -3.09 3.47
N THR B 321 -8.32 -1.79 3.46
CA THR B 321 -9.62 -1.27 3.86
C THR B 321 -10.70 -1.62 2.82
N TRP B 322 -10.33 -1.68 1.53
CA TRP B 322 -11.25 -2.03 0.44
C TRP B 322 -11.75 -3.46 0.54
N ILE B 323 -10.94 -4.36 1.12
CA ILE B 323 -11.31 -5.75 1.35
C ILE B 323 -12.18 -5.85 2.62
N LEU B 324 -12.03 -4.89 3.56
CA LEU B 324 -12.77 -4.81 4.82
C LEU B 324 -14.26 -4.52 4.61
N GLN B 325 -14.60 -3.67 3.63
CA GLN B 325 -15.97 -3.31 3.29
C GLN B 325 -16.70 -4.49 2.67
N ALA B 326 -15.98 -5.32 1.90
CA ALA B 326 -16.48 -6.51 1.22
C ALA B 326 -16.92 -7.62 2.17
N ASN B 327 -16.29 -7.72 3.36
CA ASN B 327 -16.59 -8.73 4.37
C ASN B 327 -18.02 -8.61 4.92
N ASP B 328 -18.43 -7.38 5.30
CA ASP B 328 -19.78 -7.09 5.82
C ASP B 328 -20.84 -7.20 4.71
N MET B 329 -20.41 -7.04 3.45
CA MET B 329 -21.24 -7.14 2.26
C MET B 329 -21.58 -8.59 1.94
N VAL B 330 -22.85 -8.85 1.55
CA VAL B 330 -23.35 -10.20 1.24
C VAL B 330 -22.77 -10.72 -0.09
N LYS B 331 -21.64 -11.44 0.02
CA LYS B 331 -20.90 -12.02 -1.10
C LYS B 331 -21.15 -13.54 -1.24
N PRO B 332 -21.20 -14.08 -2.48
CA PRO B 332 -21.42 -15.54 -2.64
C PRO B 332 -20.21 -16.38 -2.19
N GLN B 333 -20.39 -17.71 -2.15
CA GLN B 333 -19.36 -18.66 -1.71
C GLN B 333 -18.22 -18.87 -2.71
N TRP B 334 -18.27 -18.21 -3.89
CA TRP B 334 -17.24 -18.31 -4.93
C TRP B 334 -16.54 -16.97 -5.18
N PHE B 335 -17.30 -15.86 -5.12
CA PHE B 335 -16.81 -14.50 -5.33
C PHE B 335 -16.36 -13.92 -3.98
N GLU B 336 -15.28 -14.51 -3.43
CA GLU B 336 -14.68 -14.16 -2.13
C GLU B 336 -14.17 -12.71 -2.06
N PRO B 337 -14.01 -12.11 -0.85
CA PRO B 337 -13.57 -10.69 -0.79
C PRO B 337 -12.24 -10.35 -1.46
N ALA B 338 -11.34 -11.32 -1.60
CA ALA B 338 -10.02 -11.13 -2.21
C ALA B 338 -10.01 -11.03 -3.73
N MET B 339 -11.01 -11.61 -4.41
CA MET B 339 -11.12 -11.58 -5.87
C MET B 339 -11.25 -10.16 -6.41
N MET B 340 -12.33 -9.42 -6.01
CA MET B 340 -12.66 -8.04 -6.39
C MET B 340 -11.45 -7.11 -6.41
N GLN B 341 -10.57 -7.30 -5.44
CA GLN B 341 -9.33 -6.56 -5.30
C GLN B 341 -8.43 -6.88 -6.49
N ALA B 342 -8.07 -8.16 -6.67
CA ALA B 342 -7.18 -8.64 -7.73
C ALA B 342 -7.86 -8.90 -9.10
N LEU B 343 -8.87 -8.08 -9.42
CA LEU B 343 -9.57 -8.16 -10.69
C LEU B 343 -9.67 -6.80 -11.37
N ASN B 344 -9.58 -5.72 -10.57
CA ASN B 344 -9.64 -4.34 -11.04
C ASN B 344 -8.39 -3.80 -11.78
N PRO B 345 -7.13 -4.24 -11.52
CA PRO B 345 -6.02 -3.71 -12.34
C PRO B 345 -6.02 -4.29 -13.76
N LEU B 346 -6.81 -5.37 -14.00
CA LEU B 346 -6.98 -6.01 -15.31
C LEU B 346 -7.74 -5.09 -16.29
N LEU B 347 -8.34 -4.01 -15.76
CA LEU B 347 -9.09 -2.99 -16.47
C LEU B 347 -8.16 -1.98 -17.17
N VAL B 348 -6.90 -1.87 -16.69
CA VAL B 348 -5.86 -0.98 -17.24
C VAL B 348 -5.41 -1.48 -18.63
N MET B 349 -5.34 -2.81 -18.82
CA MET B 349 -4.97 -3.48 -20.08
C MET B 349 -5.92 -3.14 -21.23
N LEU B 350 -7.17 -2.79 -20.90
CA LEU B 350 -8.22 -2.40 -21.86
C LEU B 350 -8.39 -0.87 -21.90
N LEU B 351 -7.83 -0.14 -20.90
CA LEU B 351 -7.88 1.32 -20.76
C LEU B 351 -6.94 2.05 -21.74
N ILE B 352 -5.92 1.33 -22.28
CA ILE B 352 -4.91 1.84 -23.22
C ILE B 352 -5.48 2.59 -24.47
N PRO B 353 -6.36 2.01 -25.32
CA PRO B 353 -6.86 2.76 -26.49
C PRO B 353 -7.85 3.89 -26.18
N PHE B 354 -8.42 3.92 -24.96
CA PHE B 354 -9.39 4.94 -24.52
C PHE B 354 -8.72 6.27 -24.17
N ASN B 355 -7.46 6.23 -23.70
CA ASN B 355 -6.67 7.42 -23.32
C ASN B 355 -6.21 8.23 -24.54
N ASN B 356 -6.21 7.61 -25.74
CA ASN B 356 -5.80 8.23 -27.01
C ASN B 356 -6.74 9.34 -27.49
N PHE B 357 -8.07 9.18 -27.24
CA PHE B 357 -9.10 10.15 -27.64
C PHE B 357 -9.37 11.18 -26.54
N VAL B 358 -9.44 10.72 -25.28
CA VAL B 358 -9.70 11.55 -24.10
C VAL B 358 -8.42 12.30 -23.72
N THR B 371 -2.01 17.44 -20.94
CA THR B 371 -1.81 18.73 -21.60
C THR B 371 -1.12 19.71 -20.65
N ALA B 372 1.20 16.92 -19.85
CA ALA B 372 1.97 16.29 -18.78
C ALA B 372 1.56 16.79 -17.40
N LEU B 373 1.51 18.13 -17.22
CA LEU B 373 1.13 18.78 -15.95
C LEU B 373 -0.36 18.59 -15.66
N ARG B 374 -1.22 18.75 -16.69
CA ARG B 374 -2.67 18.61 -16.61
C ARG B 374 -3.07 17.14 -16.45
N LYS B 375 -2.29 16.22 -17.04
CA LYS B 375 -2.51 14.77 -16.99
C LYS B 375 -2.39 14.25 -15.55
N MET B 376 -1.38 14.74 -14.79
CA MET B 376 -1.10 14.36 -13.40
C MET B 376 -1.95 15.17 -12.39
N GLY B 377 -2.47 16.32 -12.82
CA GLY B 377 -3.34 17.17 -12.01
C GLY B 377 -4.71 16.57 -11.81
N ALA B 378 -5.11 15.65 -12.71
CA ALA B 378 -6.39 14.93 -12.70
C ALA B 378 -6.31 13.63 -11.89
N GLY B 379 -5.10 13.09 -11.71
CA GLY B 379 -4.83 11.88 -10.94
C GLY B 379 -5.18 12.02 -9.47
N ILE B 380 -4.89 13.19 -8.87
CA ILE B 380 -5.17 13.52 -7.46
C ILE B 380 -6.64 13.88 -7.25
N ALA B 381 -7.27 14.47 -8.28
CA ALA B 381 -8.68 14.87 -8.26
C ALA B 381 -9.61 13.66 -8.35
N ILE B 382 -9.17 12.59 -9.06
CA ILE B 382 -9.93 11.34 -9.24
C ILE B 382 -10.14 10.58 -7.92
N THR B 383 -9.07 10.39 -7.12
CA THR B 383 -9.11 9.68 -5.83
C THR B 383 -9.88 10.39 -4.70
N GLY B 384 -10.12 11.69 -4.87
CA GLY B 384 -10.89 12.49 -3.92
C GLY B 384 -12.35 12.10 -3.88
N LEU B 385 -12.93 11.90 -5.09
CA LEU B 385 -14.32 11.51 -5.33
C LEU B 385 -14.51 9.98 -5.27
N SER B 386 -13.55 9.21 -5.84
CA SER B 386 -13.54 7.74 -5.90
C SER B 386 -13.53 7.08 -4.51
N TRP B 387 -13.09 7.81 -3.48
CA TRP B 387 -13.02 7.34 -2.09
C TRP B 387 -14.31 7.72 -1.34
N ILE B 388 -14.78 8.98 -1.50
CA ILE B 388 -16.01 9.46 -0.86
C ILE B 388 -17.27 8.79 -1.44
N VAL B 389 -17.18 8.28 -2.69
CA VAL B 389 -18.26 7.58 -3.39
C VAL B 389 -18.69 6.30 -2.63
N VAL B 390 -17.74 5.69 -1.88
CA VAL B 390 -17.98 4.52 -1.04
C VAL B 390 -18.08 4.90 0.44
N GLY B 391 -17.65 6.12 0.78
CA GLY B 391 -17.71 6.70 2.13
C GLY B 391 -19.12 6.95 2.64
N THR B 392 -20.11 6.83 1.72
CA THR B 392 -21.54 7.00 1.96
C THR B 392 -22.18 5.60 1.92
N ILE B 393 -21.78 4.77 0.92
CA ILE B 393 -22.26 3.39 0.69
C ILE B 393 -21.87 2.47 1.87
N GLN B 394 -20.79 2.80 2.61
CA GLN B 394 -20.33 2.04 3.78
C GLN B 394 -21.33 2.13 4.94
N LEU B 395 -21.93 3.33 5.15
CA LEU B 395 -22.92 3.53 6.21
C LEU B 395 -24.27 2.88 5.87
N MET B 396 -24.47 2.49 4.60
CA MET B 396 -25.67 1.81 4.10
C MET B 396 -25.62 0.32 4.48
N MET B 397 -24.42 -0.21 4.80
CA MET B 397 -24.22 -1.60 5.24
C MET B 397 -24.69 -1.74 6.69
N ASP B 398 -24.78 -0.60 7.40
CA ASP B 398 -25.28 -0.45 8.78
C ASP B 398 -26.81 -0.18 8.73
N GLY B 399 -27.38 -0.17 7.51
CA GLY B 399 -28.79 0.04 7.25
C GLY B 399 -29.40 -0.96 6.30
N GLY B 400 -29.23 -0.72 5.00
CA GLY B 400 -29.75 -1.58 3.93
C GLY B 400 -28.95 -2.84 3.65
N SER B 401 -27.70 -2.68 3.17
CA SER B 401 -26.74 -3.76 2.81
C SER B 401 -27.24 -4.69 1.68
N ALA B 402 -26.79 -4.45 0.44
CA ALA B 402 -27.18 -5.22 -0.75
C ALA B 402 -26.11 -5.34 -1.87
N LEU B 403 -26.41 -6.19 -2.90
CA LEU B 403 -25.60 -6.50 -4.09
C LEU B 403 -24.20 -7.08 -3.83
N SER B 404 -23.29 -6.25 -3.28
CA SER B 404 -21.91 -6.57 -2.92
C SER B 404 -20.91 -6.69 -4.07
N ILE B 405 -21.07 -7.70 -4.96
CA ILE B 405 -20.17 -7.95 -6.11
C ILE B 405 -20.17 -6.73 -7.02
N PHE B 406 -21.31 -6.43 -7.66
CA PHE B 406 -21.47 -5.28 -8.56
C PHE B 406 -21.43 -3.95 -7.80
N TRP B 407 -21.72 -3.95 -6.49
CA TRP B 407 -21.67 -2.75 -5.68
C TRP B 407 -20.33 -2.50 -4.96
N GLN B 408 -19.27 -2.97 -5.61
CA GLN B 408 -17.87 -2.82 -5.22
C GLN B 408 -17.06 -2.61 -6.50
N ILE B 409 -17.54 -3.16 -7.64
CA ILE B 409 -16.92 -3.06 -8.97
C ILE B 409 -16.89 -1.59 -9.47
N LEU B 410 -18.05 -0.91 -9.48
CA LEU B 410 -18.17 0.47 -9.94
C LEU B 410 -17.31 1.50 -9.16
N PRO B 411 -17.31 1.56 -7.80
CA PRO B 411 -16.44 2.53 -7.11
C PRO B 411 -14.94 2.23 -7.20
N TYR B 412 -14.57 0.98 -7.54
CA TYR B 412 -13.18 0.51 -7.71
C TYR B 412 -12.65 0.92 -9.09
N ALA B 413 -13.51 0.80 -10.14
CA ALA B 413 -13.20 1.17 -11.53
C ALA B 413 -12.89 2.66 -11.66
N LEU B 414 -13.40 3.47 -10.70
CA LEU B 414 -13.20 4.91 -10.59
C LEU B 414 -11.73 5.25 -10.37
N LEU B 415 -11.05 4.48 -9.51
CA LEU B 415 -9.62 4.65 -9.22
C LEU B 415 -8.78 4.19 -10.41
N THR B 416 -9.24 3.16 -11.14
CA THR B 416 -8.57 2.54 -12.31
C THR B 416 -8.21 3.53 -13.44
N PHE B 417 -8.96 4.66 -13.55
CA PHE B 417 -8.68 5.70 -14.55
C PHE B 417 -7.61 6.66 -14.03
N GLY B 418 -7.66 6.97 -12.74
CA GLY B 418 -6.67 7.81 -12.07
C GLY B 418 -5.37 7.07 -11.83
N GLU B 419 -5.45 5.71 -11.86
CA GLU B 419 -4.35 4.74 -11.72
C GLU B 419 -3.42 4.88 -12.92
N VAL B 420 -4.00 5.06 -14.13
CA VAL B 420 -3.27 5.24 -15.39
C VAL B 420 -2.65 6.65 -15.45
N LEU B 421 -3.35 7.68 -14.91
CA LEU B 421 -2.91 9.08 -14.90
C LEU B 421 -1.76 9.42 -13.94
N VAL B 422 -1.32 8.46 -13.10
CA VAL B 422 -0.21 8.68 -12.16
C VAL B 422 1.02 7.81 -12.51
N SER B 423 0.81 6.52 -12.82
CA SER B 423 1.87 5.55 -13.18
C SER B 423 2.56 5.85 -14.51
N ALA B 424 1.79 6.22 -15.54
CA ALA B 424 2.31 6.53 -16.88
C ALA B 424 2.90 7.94 -16.99
N THR B 425 2.54 8.86 -16.08
CA THR B 425 3.01 10.25 -16.11
C THR B 425 4.06 10.60 -15.03
N GLY B 426 4.03 9.90 -13.90
CA GLY B 426 4.95 10.10 -12.79
C GLY B 426 6.40 9.77 -13.13
N LEU B 427 6.59 8.84 -14.09
CA LEU B 427 7.91 8.39 -14.57
C LEU B 427 8.42 9.31 -15.69
N GLU B 428 7.58 9.58 -16.71
CA GLU B 428 7.91 10.42 -17.86
C GLU B 428 8.11 11.91 -17.57
N PHE B 429 7.92 12.33 -16.31
CA PHE B 429 8.15 13.70 -15.88
C PHE B 429 9.64 13.93 -15.55
N ALA B 430 10.48 12.89 -15.73
CA ALA B 430 11.93 12.94 -15.56
C ALA B 430 12.53 13.72 -16.74
N TYR B 431 11.83 13.73 -17.89
CA TYR B 431 12.19 14.42 -19.12
C TYR B 431 12.15 15.95 -18.93
N SER B 432 11.05 16.45 -18.32
CA SER B 432 10.80 17.88 -18.07
C SER B 432 11.65 18.51 -16.95
N GLN B 433 12.26 17.69 -16.08
CA GLN B 433 13.11 18.16 -14.97
C GLN B 433 14.55 18.40 -15.43
N ALA B 434 14.99 17.68 -16.49
CA ALA B 434 16.30 17.71 -17.17
C ALA B 434 17.59 17.34 -16.36
N PRO B 435 17.61 16.25 -15.56
CA PRO B 435 18.86 15.91 -14.85
C PRO B 435 19.78 14.98 -15.64
N LYS B 436 19.21 14.16 -16.56
CA LYS B 436 19.87 13.19 -17.43
C LYS B 436 20.70 12.12 -16.71
N ALA B 437 21.97 12.42 -16.36
CA ALA B 437 22.86 11.50 -15.65
C ALA B 437 22.43 11.33 -14.20
N MET B 438 21.82 12.38 -13.63
CA MET B 438 21.31 12.42 -12.26
C MET B 438 19.99 11.61 -12.19
N LYS B 439 20.13 10.27 -12.14
CA LYS B 439 19.02 9.30 -12.08
C LYS B 439 18.72 8.88 -10.63
N GLY B 440 19.77 8.74 -9.82
CA GLY B 440 19.73 8.36 -8.41
C GLY B 440 19.02 9.33 -7.49
N THR B 441 17.94 9.94 -8.00
CA THR B 441 17.05 10.91 -7.35
C THR B 441 15.65 10.81 -7.96
N ILE B 442 15.56 10.38 -9.24
CA ILE B 442 14.29 10.23 -9.94
C ILE B 442 13.54 9.04 -9.35
N MET B 443 14.08 7.82 -9.50
CA MET B 443 13.48 6.58 -8.98
C MET B 443 13.47 6.57 -7.45
N SER B 444 14.65 6.82 -6.84
CA SER B 444 14.87 6.83 -5.39
C SER B 444 13.99 7.81 -4.58
N PHE B 445 13.20 8.67 -5.25
CA PHE B 445 12.32 9.59 -4.55
C PHE B 445 10.88 9.52 -4.98
N TRP B 446 10.62 9.33 -6.29
CA TRP B 446 9.27 9.17 -6.81
C TRP B 446 8.68 7.89 -6.25
N THR B 447 9.49 6.82 -6.14
CA THR B 447 9.06 5.52 -5.59
C THR B 447 9.18 5.47 -4.07
N LEU B 448 9.97 6.38 -3.48
CA LEU B 448 10.07 6.44 -2.03
C LEU B 448 9.06 7.42 -1.41
N SER B 449 8.06 7.80 -2.25
CA SER B 449 6.89 8.61 -1.94
C SER B 449 5.75 7.63 -1.66
N VAL B 450 5.94 6.37 -2.11
CA VAL B 450 5.00 5.25 -1.89
C VAL B 450 5.14 4.88 -0.43
N THR B 451 6.39 4.93 0.05
CA THR B 451 6.82 4.65 1.41
C THR B 451 6.42 5.77 2.45
N VAL B 452 6.12 7.00 1.95
CA VAL B 452 5.69 8.14 2.78
C VAL B 452 4.14 8.19 2.85
N GLY B 453 3.47 7.84 1.74
CA GLY B 453 2.01 7.77 1.64
C GLY B 453 1.43 6.75 2.60
N ASN B 454 2.18 5.67 2.83
CA ASN B 454 1.83 4.59 3.75
C ASN B 454 2.07 4.96 5.23
N LEU B 455 2.75 6.09 5.51
CA LEU B 455 2.95 6.57 6.88
C LEU B 455 1.71 7.40 7.27
N TRP B 456 0.98 7.89 6.25
CA TRP B 456 -0.25 8.67 6.43
C TRP B 456 -1.42 7.72 6.72
N VAL B 457 -1.34 6.47 6.21
CA VAL B 457 -2.30 5.39 6.44
C VAL B 457 -2.11 4.95 7.91
N LEU B 458 -0.83 4.81 8.32
CA LEU B 458 -0.36 4.44 9.67
C LEU B 458 -0.70 5.52 10.70
N LEU B 459 -0.83 6.79 10.25
CA LEU B 459 -1.17 7.94 11.07
C LEU B 459 -2.65 7.86 11.50
N ALA B 460 -3.54 7.54 10.52
CA ALA B 460 -5.00 7.44 10.67
C ALA B 460 -5.50 6.54 11.81
N ASN B 461 -4.85 5.39 12.03
CA ASN B 461 -5.25 4.45 13.08
C ASN B 461 -4.38 4.55 14.36
N VAL B 462 -3.87 5.77 14.63
CA VAL B 462 -3.06 6.09 15.81
C VAL B 462 -3.66 7.34 16.46
N SER B 463 -3.77 8.45 15.69
CA SER B 463 -4.34 9.71 16.15
C SER B 463 -5.87 9.61 16.26
N VAL B 464 -6.50 8.79 15.41
CA VAL B 464 -7.94 8.58 15.41
C VAL B 464 -8.27 7.17 15.94
N LYS B 465 -7.54 6.74 16.99
CA LYS B 465 -7.72 5.44 17.65
C LYS B 465 -7.34 5.50 19.13
N SER B 466 -6.05 5.77 19.43
CA SER B 466 -5.49 5.82 20.79
C SER B 466 -6.06 6.88 21.77
N PRO B 467 -6.31 8.17 21.40
CA PRO B 467 -6.81 9.12 22.40
C PRO B 467 -8.32 9.03 22.65
N THR B 468 -8.70 9.19 23.94
CA THR B 468 -10.09 9.12 24.41
C THR B 468 -10.89 10.38 24.03
N VAL B 469 -10.32 11.59 24.30
CA VAL B 469 -10.94 12.90 24.00
C VAL B 469 -11.14 13.09 22.47
N THR B 470 -10.17 12.62 21.67
CA THR B 470 -10.21 12.66 20.20
C THR B 470 -11.29 11.69 19.68
N GLU B 471 -11.46 10.55 20.35
CA GLU B 471 -12.46 9.52 20.02
C GLU B 471 -13.89 10.01 20.28
N GLN B 472 -14.09 10.82 21.34
CA GLN B 472 -15.39 11.38 21.76
C GLN B 472 -15.96 12.36 20.72
N ILE B 473 -15.07 13.14 20.06
CA ILE B 473 -15.44 14.16 19.07
C ILE B 473 -15.66 13.56 17.66
N VAL B 474 -14.80 12.61 17.22
CA VAL B 474 -14.90 11.97 15.90
C VAL B 474 -16.17 11.12 15.69
N GLN B 475 -16.69 10.52 16.77
CA GLN B 475 -17.89 9.66 16.76
C GLN B 475 -19.22 10.44 16.85
N THR B 476 -19.14 11.76 17.00
CA THR B 476 -20.31 12.63 17.12
C THR B 476 -21.06 12.75 15.79
N GLY B 477 -20.43 13.38 14.79
CA GLY B 477 -21.01 13.61 13.48
C GLY B 477 -21.24 12.36 12.66
N MET B 478 -20.25 11.47 12.62
CA MET B 478 -20.27 10.21 11.85
C MET B 478 -19.77 9.01 12.69
N SER B 479 -19.50 7.85 12.03
CA SER B 479 -18.99 6.63 12.70
C SER B 479 -17.45 6.55 12.66
N VAL B 480 -16.87 5.59 13.42
CA VAL B 480 -15.41 5.37 13.50
C VAL B 480 -14.86 4.94 12.14
N THR B 481 -15.57 4.02 11.45
CA THR B 481 -15.19 3.45 10.16
C THR B 481 -15.32 4.46 9.02
N ALA B 482 -16.46 5.18 8.95
CA ALA B 482 -16.76 6.17 7.91
C ALA B 482 -15.93 7.46 7.98
N PHE B 483 -15.34 7.75 9.17
CA PHE B 483 -14.49 8.93 9.35
C PHE B 483 -13.22 8.82 8.54
N GLN B 484 -12.68 7.59 8.40
CA GLN B 484 -11.51 7.27 7.58
C GLN B 484 -11.94 7.37 6.12
N MET B 485 -13.19 6.94 5.82
CA MET B 485 -13.82 6.99 4.51
C MET B 485 -14.28 8.42 4.14
N PHE B 486 -13.79 9.41 4.91
CA PHE B 486 -14.06 10.83 4.77
C PHE B 486 -12.70 11.58 4.80
N PHE B 487 -11.86 11.30 5.83
CA PHE B 487 -10.53 11.87 6.05
C PHE B 487 -9.61 11.66 4.85
N PHE B 488 -9.54 10.41 4.35
CA PHE B 488 -8.72 10.03 3.20
C PHE B 488 -9.26 10.60 1.89
N ALA B 489 -10.61 10.61 1.75
CA ALA B 489 -11.30 11.14 0.58
C ALA B 489 -11.01 12.62 0.41
N GLY B 490 -11.05 13.37 1.51
CA GLY B 490 -10.79 14.79 1.56
C GLY B 490 -9.35 15.18 1.31
N PHE B 491 -8.40 14.34 1.77
CA PHE B 491 -6.96 14.60 1.63
C PHE B 491 -6.43 14.61 0.19
N ALA B 492 -7.08 13.86 -0.72
CA ALA B 492 -6.72 13.81 -2.15
C ALA B 492 -7.09 15.12 -2.86
N ILE B 493 -8.06 15.85 -2.29
CA ILE B 493 -8.53 17.15 -2.78
C ILE B 493 -7.64 18.26 -2.20
N LEU B 494 -7.14 18.09 -0.95
CA LEU B 494 -6.24 19.02 -0.27
C LEU B 494 -4.89 19.16 -1.02
N ALA B 495 -4.50 18.11 -1.76
CA ALA B 495 -3.28 18.06 -2.55
C ALA B 495 -3.42 18.75 -3.91
N ALA B 496 -4.62 18.63 -4.54
CA ALA B 496 -4.95 19.25 -5.83
C ALA B 496 -4.96 20.79 -5.76
N ILE B 497 -5.10 21.35 -4.54
CA ILE B 497 -5.11 22.79 -4.25
C ILE B 497 -3.66 23.31 -4.20
N VAL B 498 -2.76 22.61 -3.47
CA VAL B 498 -1.33 22.95 -3.32
C VAL B 498 -0.59 22.85 -4.68
N PHE B 499 -1.06 21.92 -5.55
CA PHE B 499 -0.55 21.64 -6.90
C PHE B 499 -0.45 22.91 -7.79
N ALA B 500 -1.50 23.78 -7.74
CA ALA B 500 -1.64 25.04 -8.48
C ALA B 500 -1.49 24.89 -9.99
N GLN C 13 -53.71 2.74 -43.01
CA GLN C 13 -52.61 2.75 -43.97
C GLN C 13 -53.11 3.01 -45.37
N ILE C 14 -52.53 4.00 -46.04
CA ILE C 14 -52.87 4.49 -47.39
C ILE C 14 -51.57 4.92 -48.20
N PRO C 15 -50.42 5.30 -47.55
CA PRO C 15 -49.26 5.78 -48.34
C PRO C 15 -48.60 4.86 -49.36
N TYR C 16 -49.01 3.58 -49.41
CA TYR C 16 -48.46 2.62 -50.37
C TYR C 16 -48.65 3.05 -51.83
N ILE C 17 -49.61 3.98 -52.06
CA ILE C 17 -49.95 4.56 -53.36
C ILE C 17 -48.79 5.42 -53.85
N ILE C 18 -48.41 6.45 -53.08
CA ILE C 18 -47.31 7.35 -53.42
C ILE C 18 -45.94 6.70 -53.39
N ALA C 19 -45.75 5.67 -52.55
CA ALA C 19 -44.51 4.91 -52.46
C ALA C 19 -44.23 4.27 -53.83
N SER C 20 -45.29 3.69 -54.44
CA SER C 20 -45.26 3.08 -55.77
C SER C 20 -45.32 4.12 -56.88
N GLU C 21 -46.13 5.18 -56.70
CA GLU C 21 -46.28 6.27 -57.67
C GLU C 21 -44.93 6.99 -57.92
N ALA C 22 -44.11 7.15 -56.84
CA ALA C 22 -42.78 7.76 -56.88
C ALA C 22 -41.90 7.01 -57.88
N CYS C 23 -41.97 5.68 -57.86
CA CYS C 23 -41.20 4.82 -58.75
C CYS C 23 -41.70 4.79 -60.22
N GLU C 24 -42.96 5.22 -60.50
CA GLU C 24 -43.46 5.27 -61.88
C GLU C 24 -42.86 6.46 -62.60
N ARG C 25 -42.77 7.60 -61.93
CA ARG C 25 -42.26 8.82 -62.53
C ARG C 25 -40.83 8.80 -63.08
N PHE C 26 -39.89 8.06 -62.43
CA PHE C 26 -38.51 7.93 -62.95
C PHE C 26 -38.52 6.92 -64.10
N SER C 27 -39.45 5.94 -64.01
CA SER C 27 -39.69 4.89 -65.00
C SER C 27 -40.36 5.44 -66.28
N PHE C 28 -41.06 6.59 -66.14
CA PHE C 28 -41.72 7.25 -67.26
C PHE C 28 -40.95 8.50 -67.75
N TYR C 29 -40.45 9.35 -66.83
CA TYR C 29 -39.70 10.55 -67.20
C TYR C 29 -38.22 10.27 -67.51
N GLY C 30 -37.68 9.19 -66.92
CA GLY C 30 -36.32 8.71 -67.15
C GLY C 30 -36.27 7.81 -68.37
N MET C 31 -37.44 7.65 -68.99
CA MET C 31 -37.71 6.93 -70.22
C MET C 31 -37.92 8.01 -71.30
N ARG C 32 -38.96 8.89 -71.13
CA ARG C 32 -39.34 10.00 -72.02
C ARG C 32 -38.12 10.86 -72.35
N ASN C 33 -37.31 11.18 -71.32
CA ASN C 33 -36.09 11.95 -71.47
C ASN C 33 -35.12 11.30 -72.50
N ILE C 34 -34.57 10.11 -72.17
CA ILE C 34 -33.61 9.34 -72.94
C ILE C 34 -34.06 8.99 -74.38
N LEU C 35 -35.39 9.00 -74.65
CA LEU C 35 -35.94 8.63 -75.95
C LEU C 35 -35.36 9.28 -77.19
N THR C 36 -35.27 10.61 -77.25
CA THR C 36 -34.69 11.26 -78.42
C THR C 36 -33.16 11.06 -78.59
N PRO C 37 -32.28 11.33 -77.59
CA PRO C 37 -30.84 11.10 -77.80
C PRO C 37 -30.47 9.68 -78.20
N PHE C 38 -31.20 8.67 -77.68
CA PHE C 38 -30.95 7.27 -78.01
C PHE C 38 -31.21 6.96 -79.48
N LEU C 39 -32.20 7.64 -80.09
CA LEU C 39 -32.53 7.49 -81.50
C LEU C 39 -31.35 8.00 -82.35
N MET C 40 -30.72 9.11 -81.89
CA MET C 40 -29.57 9.74 -82.53
C MET C 40 -28.29 8.94 -82.33
N THR C 41 -28.16 8.30 -81.17
CA THR C 41 -26.98 7.51 -80.80
C THR C 41 -27.03 6.07 -81.34
N ALA C 42 -28.21 5.41 -81.30
CA ALA C 42 -28.34 4.02 -81.75
C ALA C 42 -29.34 3.74 -82.88
N LEU C 43 -28.92 4.12 -84.11
CA LEU C 43 -29.61 3.93 -85.39
C LEU C 43 -28.63 4.03 -86.56
N LEU C 44 -28.75 3.13 -87.55
CA LEU C 44 -27.87 3.06 -88.72
C LEU C 44 -28.57 3.57 -89.97
N LEU C 45 -29.72 2.95 -90.34
CA LEU C 45 -30.58 3.23 -91.49
C LEU C 45 -30.85 4.74 -91.65
N SER C 46 -30.93 5.46 -90.51
CA SER C 46 -31.12 6.91 -90.44
C SER C 46 -29.89 7.56 -91.03
N ILE C 47 -30.08 8.38 -92.07
CA ILE C 47 -28.97 8.99 -92.78
C ILE C 47 -28.43 10.29 -92.13
N PRO C 48 -28.71 11.55 -92.59
CA PRO C 48 -28.12 12.69 -91.90
C PRO C 48 -28.93 13.12 -90.70
N GLU C 49 -28.51 14.24 -90.07
CA GLU C 49 -29.17 14.85 -88.92
C GLU C 49 -30.55 15.43 -89.33
N GLU C 50 -30.78 15.58 -90.65
CA GLU C 50 -32.04 16.02 -91.25
C GLU C 50 -32.97 14.82 -91.28
N LEU C 51 -32.42 13.61 -91.57
CA LEU C 51 -33.16 12.35 -91.63
C LEU C 51 -32.95 11.45 -90.39
N ARG C 52 -32.44 12.05 -89.29
CA ARG C 52 -32.23 11.38 -88.01
C ARG C 52 -33.23 11.96 -87.00
N GLY C 53 -33.81 13.11 -87.34
CA GLY C 53 -34.82 13.82 -86.56
C GLY C 53 -36.25 13.47 -86.97
N ALA C 54 -36.49 13.37 -88.29
CA ALA C 54 -37.79 13.00 -88.85
C ALA C 54 -38.01 11.47 -88.76
N VAL C 55 -37.20 10.82 -87.90
CA VAL C 55 -37.20 9.40 -87.57
C VAL C 55 -37.25 9.31 -86.03
N ALA C 56 -36.69 10.31 -85.34
CA ALA C 56 -36.71 10.41 -83.89
C ALA C 56 -38.11 10.77 -83.41
N LYS C 57 -38.79 11.63 -84.16
CA LYS C 57 -40.15 12.08 -83.88
C LYS C 57 -41.18 11.03 -84.36
N ASP C 58 -40.90 10.39 -85.52
CA ASP C 58 -41.72 9.36 -86.21
C ASP C 58 -42.02 8.13 -85.33
N VAL C 59 -41.00 7.70 -84.55
CA VAL C 59 -41.10 6.53 -83.67
C VAL C 59 -41.27 6.96 -82.19
N PHE C 60 -40.75 8.15 -81.77
CA PHE C 60 -40.95 8.63 -80.40
C PHE C 60 -42.32 9.28 -80.18
N HIS C 61 -42.78 10.17 -81.08
CA HIS C 61 -44.10 10.78 -80.88
C HIS C 61 -45.22 9.78 -81.02
N SER C 62 -44.96 8.69 -81.79
CA SER C 62 -45.84 7.54 -81.97
C SER C 62 -45.88 6.69 -80.66
N PHE C 63 -44.91 6.91 -79.76
CA PHE C 63 -44.89 6.29 -78.45
C PHE C 63 -45.71 7.20 -77.50
N VAL C 64 -45.55 8.57 -77.57
CA VAL C 64 -46.35 9.50 -76.72
C VAL C 64 -47.84 9.41 -77.07
N ILE C 65 -48.16 9.10 -78.37
CA ILE C 65 -49.53 8.84 -78.86
C ILE C 65 -50.06 7.65 -78.02
N GLY C 66 -49.39 6.48 -78.11
CA GLY C 66 -49.69 5.25 -77.39
C GLY C 66 -49.85 5.37 -75.87
N VAL C 67 -49.07 6.25 -75.21
CA VAL C 67 -49.12 6.51 -73.77
C VAL C 67 -50.43 7.24 -73.38
N TYR C 68 -50.87 8.18 -74.23
CA TYR C 68 -52.13 8.91 -74.00
C TYR C 68 -53.34 8.28 -74.75
N PHE C 69 -53.08 7.23 -75.60
CA PHE C 69 -54.09 6.48 -76.35
C PHE C 69 -54.59 5.31 -75.56
N PHE C 70 -53.68 4.61 -74.88
CA PHE C 70 -54.04 3.48 -74.05
C PHE C 70 -54.98 3.74 -72.88
N PRO C 71 -55.00 4.94 -72.20
CA PRO C 71 -56.00 5.18 -71.11
C PRO C 71 -57.44 4.69 -71.39
N LEU C 72 -57.81 4.57 -72.69
CA LEU C 72 -59.07 4.04 -73.14
C LEU C 72 -59.12 2.55 -72.86
N LEU C 73 -58.14 1.78 -73.38
CA LEU C 73 -58.03 0.33 -73.16
C LEU C 73 -57.56 0.01 -71.73
N GLY C 74 -57.46 1.04 -70.89
CA GLY C 74 -57.08 0.91 -69.49
C GLY C 74 -58.30 0.61 -68.64
N GLY C 75 -59.24 1.55 -68.64
CA GLY C 75 -60.50 1.46 -67.93
C GLY C 75 -61.47 0.46 -68.51
N TRP C 76 -61.45 0.29 -69.86
CA TRP C 76 -62.29 -0.65 -70.61
C TRP C 76 -62.10 -2.05 -70.07
N ILE C 77 -60.88 -2.34 -69.60
CA ILE C 77 -60.51 -3.59 -68.97
C ILE C 77 -60.81 -3.44 -67.47
N ALA C 78 -60.46 -2.27 -66.89
CA ALA C 78 -60.63 -1.99 -65.46
C ALA C 78 -62.05 -1.86 -64.91
N ASP C 79 -63.07 -1.69 -65.76
CA ASP C 79 -64.44 -1.56 -65.29
C ASP C 79 -65.38 -2.62 -65.87
N ARG C 80 -65.33 -2.83 -67.20
CA ARG C 80 -66.16 -3.82 -67.89
C ARG C 80 -65.64 -5.24 -67.65
N PHE C 81 -64.33 -5.47 -67.87
CA PHE C 81 -63.70 -6.78 -67.70
C PHE C 81 -63.16 -6.98 -66.27
N PHE C 82 -61.83 -6.91 -66.07
CA PHE C 82 -61.12 -7.07 -64.79
C PHE C 82 -61.46 -5.97 -63.77
N GLY C 83 -60.94 -6.11 -62.55
CA GLY C 83 -61.12 -5.16 -61.46
C GLY C 83 -60.19 -3.97 -61.55
N LYS C 84 -59.61 -3.54 -60.41
CA LYS C 84 -58.68 -2.41 -60.37
C LYS C 84 -57.27 -2.85 -60.01
N TYR C 85 -57.12 -3.57 -58.89
CA TYR C 85 -55.85 -4.10 -58.39
C TYR C 85 -55.27 -5.14 -59.31
N ASN C 86 -56.13 -5.85 -60.02
CA ASN C 86 -55.71 -6.87 -60.97
C ASN C 86 -55.16 -6.20 -62.23
N THR C 87 -55.77 -5.07 -62.65
CA THR C 87 -55.34 -4.29 -63.81
C THR C 87 -53.98 -3.67 -63.56
N ILE C 88 -53.82 -2.95 -62.43
CA ILE C 88 -52.56 -2.30 -62.04
C ILE C 88 -51.38 -3.31 -61.88
N LEU C 89 -51.65 -4.53 -61.39
CA LEU C 89 -50.64 -5.57 -61.24
C LEU C 89 -50.28 -6.18 -62.60
N TRP C 90 -51.30 -6.56 -63.38
CA TRP C 90 -51.15 -7.15 -64.71
C TRP C 90 -50.48 -6.19 -65.68
N LEU C 91 -50.81 -4.89 -65.61
CA LEU C 91 -50.21 -3.88 -66.49
C LEU C 91 -48.80 -3.51 -66.11
N SER C 92 -48.45 -3.62 -64.81
CA SER C 92 -47.09 -3.30 -64.34
C SER C 92 -46.13 -4.39 -64.81
N LEU C 93 -46.61 -5.66 -64.80
CA LEU C 93 -45.86 -6.84 -65.27
C LEU C 93 -45.86 -6.93 -66.81
N ILE C 94 -46.26 -5.82 -67.46
CA ILE C 94 -46.28 -5.54 -68.89
C ILE C 94 -45.47 -4.24 -69.08
N TYR C 95 -45.51 -3.32 -68.08
CA TYR C 95 -44.76 -2.06 -68.05
C TYR C 95 -43.25 -2.38 -67.89
N CYS C 96 -42.89 -3.18 -66.85
CA CYS C 96 -41.52 -3.62 -66.56
C CYS C 96 -41.02 -4.56 -67.64
N VAL C 97 -41.92 -5.37 -68.24
CA VAL C 97 -41.64 -6.28 -69.34
C VAL C 97 -41.23 -5.45 -70.56
N GLY C 98 -41.87 -4.29 -70.72
CA GLY C 98 -41.58 -3.33 -71.77
C GLY C 98 -40.18 -2.76 -71.64
N HIS C 99 -39.79 -2.41 -70.40
CA HIS C 99 -38.47 -1.89 -70.04
C HIS C 99 -37.40 -2.95 -70.22
N ALA C 100 -37.67 -4.19 -69.74
CA ALA C 100 -36.80 -5.35 -69.83
C ALA C 100 -36.48 -5.62 -71.30
N PHE C 101 -37.48 -5.48 -72.17
CA PHE C 101 -37.35 -5.63 -73.61
C PHE C 101 -36.40 -4.58 -74.17
N LEU C 102 -36.36 -3.38 -73.57
CA LEU C 102 -35.49 -2.29 -74.04
C LEU C 102 -34.01 -2.53 -73.80
N ALA C 103 -33.61 -2.73 -72.53
CA ALA C 103 -32.22 -2.96 -72.16
C ALA C 103 -31.66 -4.22 -72.83
N ILE C 104 -32.47 -5.29 -72.92
CA ILE C 104 -32.07 -6.54 -73.57
C ILE C 104 -32.01 -6.34 -75.07
N PHE C 105 -33.12 -5.92 -75.70
CA PHE C 105 -33.16 -5.67 -77.15
C PHE C 105 -32.76 -4.22 -77.45
N GLU C 106 -31.55 -3.84 -77.01
CA GLU C 106 -30.96 -2.52 -77.18
C GLU C 106 -30.64 -2.23 -78.65
N HIS C 107 -30.03 -3.21 -79.33
CA HIS C 107 -29.66 -3.06 -80.73
C HIS C 107 -30.49 -4.02 -81.56
N SER C 108 -31.74 -3.62 -81.80
CA SER C 108 -32.74 -4.37 -82.55
C SER C 108 -33.74 -3.44 -83.19
N VAL C 109 -34.19 -3.78 -84.40
CA VAL C 109 -35.18 -3.01 -85.14
C VAL C 109 -36.55 -3.30 -84.52
N GLN C 110 -37.00 -4.56 -84.61
CA GLN C 110 -38.28 -5.02 -84.07
C GLN C 110 -38.28 -5.01 -82.55
N GLY C 111 -37.24 -5.61 -81.95
CA GLY C 111 -37.06 -5.73 -80.51
C GLY C 111 -37.28 -4.46 -79.70
N PHE C 112 -36.78 -3.31 -80.20
CA PHE C 112 -36.95 -2.04 -79.48
C PHE C 112 -38.37 -1.50 -79.55
N TYR C 113 -39.00 -1.46 -80.75
CA TYR C 113 -40.38 -0.97 -80.80
C TYR C 113 -41.33 -1.91 -80.08
N THR C 114 -41.17 -3.25 -80.26
CA THR C 114 -41.98 -4.27 -79.55
C THR C 114 -41.92 -3.98 -78.04
N GLY C 115 -40.80 -3.40 -77.61
CA GLY C 115 -40.58 -2.95 -76.24
C GLY C 115 -41.43 -1.73 -75.95
N LEU C 116 -41.22 -0.62 -76.72
CA LEU C 116 -41.96 0.65 -76.60
C LEU C 116 -43.47 0.46 -76.69
N PHE C 117 -43.89 -0.61 -77.38
CA PHE C 117 -45.28 -1.03 -77.56
C PHE C 117 -45.85 -1.47 -76.21
N LEU C 118 -45.06 -2.22 -75.40
CA LEU C 118 -45.49 -2.68 -74.07
C LEU C 118 -45.45 -1.58 -73.00
N ILE C 119 -44.62 -0.51 -73.19
CA ILE C 119 -44.59 0.66 -72.30
C ILE C 119 -45.87 1.46 -72.60
N ALA C 120 -46.17 1.65 -73.90
CA ALA C 120 -47.38 2.34 -74.38
C ALA C 120 -48.68 1.79 -73.79
N LEU C 121 -48.81 0.45 -73.63
CA LEU C 121 -50.00 -0.15 -73.02
C LEU C 121 -49.87 -0.35 -71.52
N GLY C 122 -48.66 -0.66 -71.07
CA GLY C 122 -48.32 -0.85 -69.68
C GLY C 122 -48.46 0.38 -68.83
N SER C 123 -48.02 1.57 -69.37
CA SER C 123 -48.09 2.90 -68.72
C SER C 123 -49.40 3.59 -69.03
N GLY C 124 -49.74 3.64 -70.32
CA GLY C 124 -50.93 4.27 -70.87
C GLY C 124 -52.22 3.91 -70.17
N GLY C 125 -52.55 2.62 -70.23
CA GLY C 125 -53.76 2.07 -69.61
C GLY C 125 -53.81 2.10 -68.09
N ILE C 126 -52.65 2.31 -67.43
CA ILE C 126 -52.50 2.31 -65.97
C ILE C 126 -52.75 3.63 -65.21
N LYS C 127 -52.40 4.78 -65.85
CA LYS C 127 -52.54 6.12 -65.30
C LYS C 127 -54.01 6.52 -64.99
N PRO C 128 -55.03 6.16 -65.83
CA PRO C 128 -56.44 6.47 -65.46
C PRO C 128 -56.97 5.53 -64.37
N LEU C 129 -56.16 4.50 -64.00
CA LEU C 129 -56.45 3.50 -62.98
C LEU C 129 -55.98 4.03 -61.62
N VAL C 130 -54.64 4.22 -61.46
CA VAL C 130 -53.97 4.73 -60.26
C VAL C 130 -54.61 6.03 -59.71
N SER C 131 -54.95 6.98 -60.61
CA SER C 131 -55.55 8.28 -60.32
C SER C 131 -56.90 8.20 -59.56
N SER C 132 -57.84 7.37 -60.07
CA SER C 132 -59.15 7.17 -59.48
C SER C 132 -59.03 6.37 -58.18
N PHE C 133 -58.12 5.39 -58.16
CA PHE C 133 -57.84 4.47 -57.07
C PHE C 133 -57.52 5.09 -55.71
N MET C 134 -56.74 6.19 -55.69
CA MET C 134 -56.35 6.84 -54.43
C MET C 134 -57.50 7.27 -53.52
N GLY C 135 -58.43 8.06 -54.09
CA GLY C 135 -59.61 8.58 -53.40
C GLY C 135 -60.53 7.47 -52.91
N ASP C 136 -60.44 6.31 -53.57
CA ASP C 136 -61.21 5.12 -53.26
C ASP C 136 -60.71 4.47 -51.97
N GLN C 137 -59.37 4.43 -51.74
CA GLN C 137 -58.77 3.83 -50.55
C GLN C 137 -59.15 4.46 -49.19
N PHE C 138 -60.08 5.45 -49.19
CA PHE C 138 -60.62 6.11 -48.00
C PHE C 138 -62.04 6.61 -48.20
N ASP C 139 -62.99 6.08 -47.40
CA ASP C 139 -64.42 6.42 -47.44
C ASP C 139 -64.94 6.85 -46.06
N GLN C 140 -64.32 6.34 -44.98
CA GLN C 140 -64.66 6.64 -43.60
C GLN C 140 -64.27 8.08 -43.26
N SER C 141 -62.95 8.40 -43.36
CA SER C 141 -62.42 9.74 -43.13
C SER C 141 -62.25 10.47 -44.48
N ASN C 142 -63.27 10.32 -45.34
CA ASN C 142 -63.34 10.90 -46.69
C ASN C 142 -63.63 12.40 -46.59
N LYS C 143 -62.61 13.18 -46.18
CA LYS C 143 -62.69 14.63 -46.01
C LYS C 143 -61.35 15.33 -46.28
N SER C 144 -60.52 15.49 -45.24
CA SER C 144 -59.22 16.15 -45.28
C SER C 144 -58.16 15.33 -46.02
N LEU C 145 -58.31 13.99 -46.03
CA LEU C 145 -57.38 13.09 -46.70
C LEU C 145 -57.42 13.23 -48.23
N ALA C 146 -58.54 13.80 -48.76
CA ALA C 146 -58.74 14.06 -50.19
C ALA C 146 -57.80 15.15 -50.72
N GLN C 147 -57.46 16.14 -49.86
CA GLN C 147 -56.55 17.25 -50.18
C GLN C 147 -55.12 16.71 -50.30
N LYS C 148 -54.71 15.81 -49.37
CA LYS C 148 -53.40 15.16 -49.31
C LYS C 148 -53.07 14.39 -50.60
N ALA C 149 -54.07 13.66 -51.13
CA ALA C 149 -53.98 12.80 -52.33
C ALA C 149 -53.47 13.48 -53.60
N PHE C 150 -54.18 14.54 -54.07
CA PHE C 150 -53.82 15.29 -55.29
C PHE C 150 -52.46 15.98 -55.15
N ASP C 151 -52.09 16.39 -53.93
CA ASP C 151 -50.84 17.07 -53.62
C ASP C 151 -49.64 16.11 -53.60
N MET C 152 -49.81 14.92 -53.00
CA MET C 152 -48.76 13.89 -52.92
C MET C 152 -48.47 13.24 -54.29
N PHE C 153 -49.46 13.28 -55.21
CA PHE C 153 -49.39 12.78 -56.59
C PHE C 153 -48.67 13.83 -57.44
N TYR C 154 -48.90 15.13 -57.13
CA TYR C 154 -48.29 16.27 -57.82
C TYR C 154 -46.90 16.65 -57.29
N PHE C 155 -46.48 16.07 -56.15
CA PHE C 155 -45.14 16.25 -55.58
C PHE C 155 -44.25 15.11 -56.13
N THR C 156 -44.88 14.14 -56.81
CA THR C 156 -44.26 12.98 -57.47
C THR C 156 -43.85 13.36 -58.90
N ILE C 157 -44.72 14.13 -59.60
CA ILE C 157 -44.53 14.65 -60.97
C ILE C 157 -43.32 15.61 -61.01
N ASN C 158 -43.18 16.48 -59.98
CA ASN C 158 -42.07 17.44 -59.82
C ASN C 158 -40.76 16.73 -59.47
N PHE C 159 -40.82 15.75 -58.55
CA PHE C 159 -39.66 14.94 -58.14
C PHE C 159 -39.25 13.96 -59.23
N GLY C 160 -40.17 13.65 -60.14
CA GLY C 160 -39.96 12.74 -61.26
C GLY C 160 -38.95 13.27 -62.27
N SER C 161 -39.06 14.55 -62.63
CA SER C 161 -38.15 15.21 -63.57
C SER C 161 -36.76 15.45 -62.97
N PHE C 162 -36.68 15.64 -61.62
CA PHE C 162 -35.45 15.85 -60.83
C PHE C 162 -34.44 14.72 -61.09
N PHE C 163 -34.90 13.47 -61.04
CA PHE C 163 -34.11 12.25 -61.24
C PHE C 163 -33.70 12.10 -62.70
N ALA C 164 -34.53 12.62 -63.62
CA ALA C 164 -34.30 12.55 -65.07
C ALA C 164 -33.21 13.51 -65.61
N SER C 165 -32.56 14.30 -64.73
CA SER C 165 -31.52 15.23 -65.15
C SER C 165 -30.22 15.10 -64.34
N LEU C 166 -30.31 14.97 -63.01
CA LEU C 166 -29.14 14.86 -62.13
C LEU C 166 -28.52 13.45 -62.02
N SER C 167 -29.23 12.41 -62.51
CA SER C 167 -28.71 11.02 -62.45
C SER C 167 -29.04 10.11 -63.64
N MET C 168 -30.01 10.50 -64.50
CA MET C 168 -30.43 9.70 -65.65
C MET C 168 -29.67 9.93 -66.98
N PRO C 169 -29.40 11.18 -67.45
CA PRO C 169 -28.69 11.35 -68.73
C PRO C 169 -27.24 10.89 -68.68
N LEU C 170 -26.59 11.07 -67.52
CA LEU C 170 -25.20 10.68 -67.25
C LEU C 170 -24.98 9.19 -67.43
N LEU C 171 -26.06 8.39 -67.36
CA LEU C 171 -26.03 6.94 -67.52
C LEU C 171 -25.75 6.47 -68.96
N LEU C 172 -25.66 7.41 -69.93
CA LEU C 172 -25.36 7.07 -71.31
C LEU C 172 -23.96 7.48 -71.70
N LYS C 173 -23.46 8.57 -71.09
CA LYS C 173 -22.14 9.12 -71.35
C LYS C 173 -21.10 8.51 -70.40
N ASN C 174 -21.23 8.76 -69.08
CA ASN C 174 -20.32 8.23 -68.06
C ASN C 174 -20.55 6.73 -67.71
N PHE C 175 -21.65 6.14 -68.23
CA PHE C 175 -22.03 4.72 -68.05
C PHE C 175 -22.52 4.14 -69.40
N GLY C 176 -22.67 2.82 -69.44
CA GLY C 176 -23.16 2.11 -70.63
C GLY C 176 -24.60 2.44 -70.95
N ALA C 177 -24.91 2.64 -72.25
CA ALA C 177 -26.25 2.98 -72.77
C ALA C 177 -27.33 1.91 -72.51
N ALA C 178 -26.94 0.63 -72.31
CA ALA C 178 -27.86 -0.49 -72.06
C ALA C 178 -28.50 -0.43 -70.67
N VAL C 179 -27.68 -0.26 -69.63
CA VAL C 179 -28.13 -0.18 -68.24
C VAL C 179 -28.86 1.14 -67.98
N ALA C 180 -28.67 2.13 -68.87
CA ALA C 180 -29.35 3.42 -68.80
C ALA C 180 -30.85 3.20 -68.93
N PHE C 181 -31.30 2.35 -69.89
CA PHE C 181 -32.70 1.98 -70.06
C PHE C 181 -33.07 0.84 -69.12
N GLY C 182 -32.05 0.23 -68.51
CA GLY C 182 -32.19 -0.87 -67.56
C GLY C 182 -32.61 -0.41 -66.18
N ILE C 183 -32.12 0.76 -65.74
CA ILE C 183 -32.44 1.36 -64.44
C ILE C 183 -33.95 1.64 -64.20
N PRO C 184 -34.72 2.28 -65.13
CA PRO C 184 -36.17 2.48 -64.86
C PRO C 184 -36.91 1.16 -64.64
N GLY C 185 -36.54 0.14 -65.41
CA GLY C 185 -37.08 -1.22 -65.34
C GLY C 185 -36.82 -1.91 -64.03
N VAL C 186 -35.75 -1.50 -63.33
CA VAL C 186 -35.43 -2.03 -62.02
C VAL C 186 -36.37 -1.34 -61.04
N LEU C 187 -36.63 -0.04 -61.24
CA LEU C 187 -37.55 0.75 -60.40
C LEU C 187 -39.00 0.23 -60.48
N MET C 188 -39.36 -0.44 -61.60
CA MET C 188 -40.70 -1.00 -61.83
C MET C 188 -40.97 -2.24 -61.00
N PHE C 189 -39.95 -3.08 -60.79
CA PHE C 189 -40.03 -4.25 -59.93
C PHE C 189 -40.28 -3.76 -58.50
N VAL C 190 -39.88 -2.51 -58.21
CA VAL C 190 -40.07 -1.85 -56.92
C VAL C 190 -41.54 -1.45 -56.77
N ALA C 191 -42.15 -0.92 -57.85
CA ALA C 191 -43.57 -0.53 -57.88
C ALA C 191 -44.47 -1.74 -57.59
N THR C 192 -44.18 -2.90 -58.23
CA THR C 192 -44.88 -4.17 -58.04
C THR C 192 -44.69 -4.65 -56.61
N VAL C 193 -43.48 -4.48 -56.04
CA VAL C 193 -43.17 -4.83 -54.66
C VAL C 193 -44.07 -4.03 -53.71
N PHE C 194 -44.31 -2.73 -54.00
CA PHE C 194 -45.19 -1.85 -53.21
C PHE C 194 -46.65 -2.29 -53.23
N PHE C 195 -47.05 -3.08 -54.24
CA PHE C 195 -48.40 -3.61 -54.35
C PHE C 195 -48.57 -4.98 -53.74
N TRP C 196 -47.53 -5.84 -53.80
CA TRP C 196 -47.56 -7.16 -53.15
C TRP C 196 -47.60 -6.91 -51.65
N LEU C 197 -46.98 -5.78 -51.24
CA LEU C 197 -46.93 -5.27 -49.87
C LEU C 197 -48.14 -4.38 -49.60
N GLY C 198 -48.83 -3.98 -50.66
CA GLY C 198 -50.05 -3.18 -50.58
C GLY C 198 -51.32 -4.04 -50.61
N ARG C 199 -51.14 -5.38 -50.71
CA ARG C 199 -52.21 -6.40 -50.78
C ARG C 199 -53.24 -6.37 -49.64
N LYS C 200 -52.96 -5.62 -48.57
CA LYS C 200 -53.87 -5.48 -47.45
C LYS C 200 -54.93 -4.46 -47.81
N ARG C 201 -54.57 -3.17 -47.88
CA ARG C 201 -55.51 -2.10 -48.22
C ARG C 201 -55.82 -2.03 -49.70
N TYR C 202 -57.00 -2.56 -50.07
CA TYR C 202 -57.50 -2.56 -51.44
C TYR C 202 -59.02 -2.62 -51.50
N ILE C 203 -59.62 -1.69 -52.25
CA ILE C 203 -61.07 -1.65 -52.43
C ILE C 203 -61.41 -1.56 -53.92
N HIS C 204 -62.55 -2.15 -54.32
CA HIS C 204 -63.00 -2.11 -55.71
C HIS C 204 -64.46 -1.66 -55.78
N MET C 205 -64.77 -0.71 -56.67
CA MET C 205 -66.13 -0.20 -56.83
C MET C 205 -66.52 -0.05 -58.31
N PRO C 206 -66.90 -1.15 -59.01
CA PRO C 206 -67.29 -1.01 -60.42
C PRO C 206 -68.73 -0.53 -60.63
N VAL C 227 -94.73 7.51 -92.35
CA VAL C 227 -94.83 8.95 -92.12
C VAL C 227 -93.80 9.68 -93.01
N GLU C 228 -94.27 10.70 -93.77
CA GLU C 228 -93.43 11.51 -94.66
C GLU C 228 -92.63 12.59 -93.92
N GLY C 229 -93.01 12.87 -92.66
CA GLY C 229 -92.34 13.84 -91.80
C GLY C 229 -91.10 13.27 -91.13
N LYS C 230 -91.21 12.04 -90.58
CA LYS C 230 -90.13 11.31 -89.91
C LYS C 230 -89.15 10.62 -90.87
N GLY C 231 -89.62 10.31 -92.08
CA GLY C 231 -88.84 9.65 -93.13
C GLY C 231 -88.00 10.57 -94.00
N ASN C 232 -88.09 11.90 -93.77
CA ASN C 232 -87.35 12.94 -94.50
C ASN C 232 -86.31 13.65 -93.60
N ILE C 233 -86.65 13.84 -92.31
CA ILE C 233 -85.78 14.45 -91.30
C ILE C 233 -84.75 13.40 -90.81
N GLY C 234 -85.19 12.15 -90.69
CA GLY C 234 -84.39 11.01 -90.24
C GLY C 234 -83.31 10.51 -91.18
N LEU C 235 -83.47 10.73 -92.52
CA LEU C 235 -82.47 10.29 -93.51
C LEU C 235 -81.23 11.20 -93.58
N VAL C 236 -81.36 12.46 -93.11
CA VAL C 236 -80.30 13.48 -93.09
C VAL C 236 -79.17 13.10 -92.10
N LEU C 237 -79.55 12.60 -90.91
CA LEU C 237 -78.60 12.19 -89.86
C LEU C 237 -77.82 10.90 -90.17
N ALA C 238 -78.53 9.84 -90.66
CA ALA C 238 -77.98 8.52 -90.99
C ALA C 238 -76.86 8.54 -92.06
N LEU C 239 -76.97 9.47 -93.04
CA LEU C 239 -75.99 9.61 -94.12
C LEU C 239 -74.62 10.15 -93.70
N ILE C 240 -74.57 10.96 -92.60
CA ILE C 240 -73.31 11.51 -92.06
C ILE C 240 -72.48 10.39 -91.39
N GLY C 241 -73.12 9.25 -91.15
CA GLY C 241 -72.51 8.03 -90.61
C GLY C 241 -71.72 7.28 -91.66
N GLY C 242 -71.99 7.60 -92.93
CA GLY C 242 -71.31 7.07 -94.10
C GLY C 242 -70.22 8.03 -94.56
N VAL C 243 -70.41 9.34 -94.23
CA VAL C 243 -69.49 10.45 -94.50
C VAL C 243 -68.27 10.26 -93.59
N SER C 244 -68.53 9.96 -92.29
CA SER C 244 -67.50 9.68 -91.31
C SER C 244 -66.79 8.33 -91.55
N ALA C 245 -67.51 7.36 -92.18
CA ALA C 245 -67.00 6.03 -92.52
C ALA C 245 -66.10 6.05 -93.75
N ALA C 246 -66.12 7.17 -94.51
CA ALA C 246 -65.32 7.38 -95.72
C ALA C 246 -63.89 7.85 -95.40
N TYR C 247 -63.71 8.62 -94.32
CA TYR C 247 -62.41 9.16 -93.90
C TYR C 247 -61.39 8.12 -93.50
N ALA C 248 -61.85 7.03 -92.85
CA ALA C 248 -61.01 5.92 -92.37
C ALA C 248 -60.29 5.14 -93.47
N LEU C 249 -60.91 5.05 -94.67
CA LEU C 249 -60.37 4.35 -95.83
C LEU C 249 -59.20 5.09 -96.49
N VAL C 250 -59.21 6.45 -96.44
CA VAL C 250 -58.17 7.36 -96.98
C VAL C 250 -56.83 7.14 -96.26
N ASN C 251 -56.86 6.51 -95.07
CA ASN C 251 -55.70 6.22 -94.25
C ASN C 251 -54.99 4.93 -94.64
N ILE C 252 -55.64 4.09 -95.44
CA ILE C 252 -55.05 2.86 -95.97
C ILE C 252 -53.94 3.20 -97.00
N PRO C 253 -54.16 4.06 -98.04
CA PRO C 253 -53.06 4.39 -98.96
C PRO C 253 -51.94 5.27 -98.39
N THR C 254 -52.20 5.98 -97.26
CA THR C 254 -51.24 6.88 -96.56
C THR C 254 -49.99 6.11 -96.11
N LEU C 255 -50.14 4.79 -95.89
CA LEU C 255 -49.14 3.84 -95.40
C LEU C 255 -48.69 4.22 -93.99
N GLY C 256 -49.64 4.75 -93.22
CA GLY C 256 -49.45 5.17 -91.84
C GLY C 256 -49.74 4.03 -90.90
N ILE C 257 -48.67 3.41 -90.37
CA ILE C 257 -48.75 2.30 -89.41
C ILE C 257 -49.45 2.83 -88.17
N VAL C 258 -49.03 4.02 -87.72
CA VAL C 258 -49.55 4.71 -86.54
C VAL C 258 -50.45 5.87 -86.97
N ALA C 259 -49.89 6.83 -87.73
CA ALA C 259 -50.60 8.03 -88.22
C ALA C 259 -51.95 7.67 -88.83
N GLY C 260 -51.96 6.64 -89.68
CA GLY C 260 -53.15 6.12 -90.33
C GLY C 260 -54.19 5.57 -89.37
N LEU C 261 -53.74 4.93 -88.28
CA LEU C 261 -54.64 4.41 -87.27
C LEU C 261 -55.25 5.56 -86.47
N CYS C 262 -54.41 6.52 -85.98
CA CYS C 262 -54.88 7.67 -85.21
C CYS C 262 -55.76 8.62 -86.02
N CYS C 263 -55.46 8.80 -87.33
CA CYS C 263 -56.25 9.66 -88.22
C CYS C 263 -57.65 9.09 -88.44
N ALA C 264 -57.75 7.74 -88.55
CA ALA C 264 -59.02 7.03 -88.71
C ALA C 264 -59.89 7.22 -87.48
N MET C 265 -59.26 7.41 -86.30
CA MET C 265 -59.93 7.64 -85.02
C MET C 265 -60.41 9.09 -84.89
N VAL C 266 -59.50 10.07 -85.12
CA VAL C 266 -59.76 11.52 -85.02
C VAL C 266 -60.86 11.97 -85.99
N LEU C 267 -60.78 11.52 -87.25
CA LEU C 267 -61.75 11.87 -88.30
C LEU C 267 -63.15 11.30 -88.05
N VAL C 268 -63.26 10.12 -87.42
CA VAL C 268 -64.54 9.49 -87.09
C VAL C 268 -65.17 10.23 -85.90
N MET C 269 -64.41 10.38 -84.78
CA MET C 269 -64.87 11.07 -83.57
C MET C 269 -65.03 12.59 -83.75
N GLY C 270 -64.42 13.14 -84.80
CA GLY C 270 -64.50 14.55 -85.13
C GLY C 270 -65.79 14.90 -85.86
N PHE C 271 -66.24 14.02 -86.78
CA PHE C 271 -67.46 14.19 -87.57
C PHE C 271 -68.69 13.49 -86.95
N VAL C 272 -68.61 13.29 -85.62
CA VAL C 272 -69.61 12.72 -84.73
C VAL C 272 -69.66 13.64 -83.48
N GLY C 273 -68.53 14.30 -83.18
CA GLY C 273 -68.40 15.23 -82.05
C GLY C 273 -69.28 16.45 -82.20
N ALA C 274 -69.17 17.14 -83.35
CA ALA C 274 -69.96 18.33 -83.68
C ALA C 274 -71.01 17.95 -84.74
N GLY C 275 -70.70 16.95 -85.56
CA GLY C 275 -71.58 16.43 -86.61
C GLY C 275 -72.81 15.75 -86.06
N ALA C 276 -72.61 14.86 -85.08
CA ALA C 276 -73.70 14.15 -84.41
C ALA C 276 -74.23 14.86 -83.16
N SER C 277 -73.93 16.18 -83.03
CA SER C 277 -74.42 17.03 -81.95
C SER C 277 -75.85 17.48 -82.32
N LEU C 278 -76.27 17.17 -83.56
CA LEU C 278 -77.58 17.46 -84.14
C LEU C 278 -78.24 16.18 -84.65
N GLN C 279 -77.44 15.12 -84.95
CA GLN C 279 -77.90 13.82 -85.44
C GLN C 279 -78.79 13.07 -84.44
N LEU C 280 -78.38 13.02 -83.15
CA LEU C 280 -79.15 12.38 -82.07
C LEU C 280 -80.13 13.37 -81.41
N GLU C 281 -79.87 14.69 -81.58
CA GLU C 281 -80.69 15.80 -81.09
C GLU C 281 -82.04 15.83 -81.82
N ARG C 282 -82.04 15.38 -83.10
CA ARG C 282 -83.19 15.30 -84.01
C ARG C 282 -84.02 14.02 -83.80
N ALA C 283 -83.35 12.88 -83.54
CA ALA C 283 -83.99 11.57 -83.36
C ALA C 283 -84.02 11.09 -81.91
N ARG C 284 -84.33 12.01 -80.97
CA ARG C 284 -84.41 11.72 -79.53
C ARG C 284 -85.73 11.01 -79.19
N LYS C 285 -85.72 9.66 -79.12
CA LYS C 285 -86.92 8.87 -78.80
C LYS C 285 -86.82 8.22 -77.42
N SER C 286 -87.59 8.80 -76.46
CA SER C 286 -87.68 8.40 -75.04
C SER C 286 -86.34 8.19 -74.32
N HIS C 287 -85.57 9.29 -74.19
CA HIS C 287 -84.28 9.34 -73.50
C HIS C 287 -84.27 10.52 -72.53
N PRO C 288 -83.74 10.35 -71.28
CA PRO C 288 -83.82 11.43 -70.27
C PRO C 288 -83.46 12.87 -70.67
N ASP C 289 -84.13 13.83 -70.01
CA ASP C 289 -83.96 15.27 -70.18
C ASP C 289 -83.50 15.88 -68.85
N ALA C 290 -83.04 17.16 -68.88
CA ALA C 290 -82.49 17.94 -67.74
C ALA C 290 -81.18 17.33 -67.19
N ALA C 291 -81.05 15.99 -67.27
CA ALA C 291 -79.88 15.19 -66.87
C ALA C 291 -78.98 15.01 -68.09
N VAL C 292 -79.57 14.67 -69.27
CA VAL C 292 -78.85 14.50 -70.54
C VAL C 292 -78.71 15.89 -71.20
N ASP C 293 -79.61 16.84 -70.86
CA ASP C 293 -79.56 18.22 -71.35
C ASP C 293 -78.38 18.99 -70.73
N GLY C 294 -78.01 18.61 -69.51
CA GLY C 294 -76.88 19.17 -68.79
C GLY C 294 -75.58 18.42 -69.05
N VAL C 295 -75.66 17.37 -69.89
CA VAL C 295 -74.56 16.50 -70.30
C VAL C 295 -74.27 16.66 -71.81
N ARG C 296 -75.32 16.74 -72.67
CA ARG C 296 -75.14 16.94 -74.12
C ARG C 296 -74.52 18.32 -74.41
N SER C 297 -74.60 19.24 -73.41
CA SER C 297 -74.02 20.58 -73.44
C SER C 297 -72.50 20.49 -73.30
N VAL C 298 -72.03 19.53 -72.48
CA VAL C 298 -70.62 19.25 -72.20
C VAL C 298 -69.88 18.80 -73.48
N LEU C 299 -70.55 17.99 -74.33
CA LEU C 299 -70.00 17.48 -75.60
C LEU C 299 -69.60 18.55 -76.59
N ARG C 300 -70.28 19.72 -76.58
CA ARG C 300 -69.93 20.86 -77.42
C ARG C 300 -68.86 21.72 -76.75
N ILE C 301 -68.69 21.57 -75.41
CA ILE C 301 -67.63 22.24 -74.64
C ILE C 301 -66.34 21.43 -74.85
N LEU C 302 -66.47 20.11 -75.13
CA LEU C 302 -65.35 19.19 -75.44
C LEU C 302 -64.59 19.64 -76.69
N VAL C 303 -65.30 20.30 -77.62
CA VAL C 303 -64.73 20.84 -78.86
C VAL C 303 -63.87 22.08 -78.53
N LEU C 304 -64.22 22.83 -77.45
CA LEU C 304 -63.43 23.98 -76.99
C LEU C 304 -62.12 23.53 -76.36
N PHE C 305 -62.06 22.26 -75.93
CA PHE C 305 -60.88 21.61 -75.37
C PHE C 305 -59.98 21.07 -76.50
N ALA C 306 -60.58 20.67 -77.64
CA ALA C 306 -59.87 20.18 -78.84
C ALA C 306 -59.07 21.30 -79.52
N LEU C 307 -59.28 22.55 -79.05
CA LEU C 307 -58.59 23.75 -79.50
C LEU C 307 -57.36 23.99 -78.61
N VAL C 308 -57.23 23.24 -77.52
CA VAL C 308 -56.09 23.32 -76.59
C VAL C 308 -55.08 22.19 -76.91
N THR C 309 -55.32 21.50 -78.04
CA THR C 309 -54.48 20.42 -78.57
C THR C 309 -53.08 20.88 -79.07
N PRO C 310 -52.89 22.09 -79.70
CA PRO C 310 -51.53 22.47 -80.13
C PRO C 310 -50.57 22.80 -78.98
N PHE C 311 -51.05 22.78 -77.70
CA PHE C 311 -50.20 22.99 -76.53
C PHE C 311 -49.46 21.68 -76.22
N TRP C 312 -50.18 20.54 -76.35
CA TRP C 312 -49.67 19.18 -76.13
C TRP C 312 -48.70 18.79 -77.27
N SER C 313 -48.75 19.53 -78.39
CA SER C 313 -47.83 19.33 -79.51
C SER C 313 -46.52 20.11 -79.26
N LEU C 314 -46.47 20.93 -78.17
CA LEU C 314 -45.33 21.78 -77.78
C LEU C 314 -44.83 21.53 -76.33
N PHE C 315 -45.46 20.60 -75.62
CA PHE C 315 -45.12 20.18 -74.25
C PHE C 315 -44.65 18.69 -74.18
N ASP C 316 -45.19 17.82 -75.08
CA ASP C 316 -44.80 16.41 -75.20
C ASP C 316 -43.67 16.32 -76.26
N GLN C 317 -43.47 17.46 -77.03
CA GLN C 317 -42.46 17.73 -78.08
C GLN C 317 -41.23 18.44 -77.49
N LYS C 318 -41.35 19.00 -76.27
CA LYS C 318 -40.23 19.62 -75.53
C LYS C 318 -39.15 18.55 -75.27
N ALA C 319 -39.59 17.27 -75.29
CA ALA C 319 -38.84 16.02 -75.10
C ALA C 319 -38.27 15.47 -76.44
N SER C 320 -38.31 16.29 -77.54
CA SER C 320 -37.86 15.91 -78.88
C SER C 320 -37.06 16.98 -79.65
N THR C 321 -37.77 17.97 -80.22
CA THR C 321 -37.17 19.03 -81.03
C THR C 321 -36.36 20.00 -80.15
N TRP C 322 -36.80 20.23 -78.89
CA TRP C 322 -36.11 21.11 -77.94
C TRP C 322 -34.73 20.59 -77.55
N ILE C 323 -34.56 19.26 -77.56
CA ILE C 323 -33.27 18.62 -77.29
C ILE C 323 -32.38 18.66 -78.56
N LEU C 324 -33.01 18.75 -79.76
CA LEU C 324 -32.32 18.81 -81.06
C LEU C 324 -31.56 20.11 -81.27
N GLN C 325 -32.10 21.23 -80.77
CA GLN C 325 -31.47 22.56 -80.86
C GLN C 325 -30.24 22.63 -79.97
N ALA C 326 -30.28 21.94 -78.81
CA ALA C 326 -29.21 21.89 -77.81
C ALA C 326 -27.96 21.15 -78.30
N ASN C 327 -28.12 20.18 -79.22
CA ASN C 327 -27.02 19.39 -79.78
C ASN C 327 -26.03 20.24 -80.58
N ASP C 328 -26.54 21.11 -81.49
CA ASP C 328 -25.74 22.02 -82.32
C ASP C 328 -25.14 23.15 -81.46
N MET C 329 -25.76 23.44 -80.31
CA MET C 329 -25.33 24.45 -79.36
C MET C 329 -24.13 23.98 -78.55
N VAL C 330 -23.15 24.87 -78.33
CA VAL C 330 -21.90 24.56 -77.59
C VAL C 330 -22.16 24.37 -76.09
N LYS C 331 -22.41 23.11 -75.70
CA LYS C 331 -22.70 22.71 -74.32
C LYS C 331 -21.49 22.05 -73.63
N PRO C 332 -21.29 22.26 -72.31
CA PRO C 332 -20.14 21.62 -71.62
C PRO C 332 -20.30 20.10 -71.48
N GLN C 333 -19.24 19.44 -71.00
CA GLN C 333 -19.21 17.98 -70.82
C GLN C 333 -20.02 17.45 -69.63
N TRP C 334 -20.65 18.36 -68.86
CA TRP C 334 -21.48 17.99 -67.70
C TRP C 334 -22.94 18.38 -67.89
N PHE C 335 -23.19 19.54 -68.52
CA PHE C 335 -24.52 20.08 -68.79
C PHE C 335 -24.99 19.56 -70.15
N GLU C 336 -25.22 18.23 -70.23
CA GLU C 336 -25.64 17.49 -71.41
C GLU C 336 -27.00 17.95 -71.96
N PRO C 337 -27.33 17.70 -73.26
CA PRO C 337 -28.61 18.19 -73.80
C PRO C 337 -29.89 17.72 -73.10
N ALA C 338 -29.85 16.57 -72.41
CA ALA C 338 -30.98 15.99 -71.71
C ALA C 338 -31.33 16.66 -70.37
N MET C 339 -30.35 17.31 -69.72
CA MET C 339 -30.56 17.98 -68.44
C MET C 339 -31.57 19.12 -68.55
N MET C 340 -31.27 20.14 -69.39
CA MET C 340 -32.08 21.34 -69.66
C MET C 340 -33.57 21.04 -69.79
N GLN C 341 -33.88 19.91 -70.43
CA GLN C 341 -35.23 19.41 -70.62
C GLN C 341 -35.82 19.08 -69.27
N ALA C 342 -35.19 18.14 -68.52
CA ALA C 342 -35.64 17.66 -67.21
C ALA C 342 -35.24 18.55 -66.01
N LEU C 343 -35.17 19.87 -66.23
CA LEU C 343 -34.86 20.83 -65.18
C LEU C 343 -35.87 21.96 -65.13
N ASN C 344 -36.55 22.21 -66.26
CA ASN C 344 -37.57 23.24 -66.40
C ASN C 344 -38.94 22.97 -65.72
N PRO C 345 -39.46 21.73 -65.55
CA PRO C 345 -40.73 21.57 -64.82
C PRO C 345 -40.56 21.82 -63.31
N LEU C 346 -39.30 21.83 -62.81
CA LEU C 346 -38.95 22.10 -61.40
C LEU C 346 -39.25 23.57 -61.03
N LEU C 347 -39.51 24.41 -62.04
CA LEU C 347 -39.84 25.84 -61.94
C LEU C 347 -41.33 26.03 -61.54
N VAL C 348 -42.19 25.02 -61.78
CA VAL C 348 -43.62 25.02 -61.45
C VAL C 348 -43.81 24.99 -59.92
N MET C 349 -42.94 24.22 -59.21
CA MET C 349 -42.94 24.07 -57.74
C MET C 349 -42.72 25.41 -57.02
N LEU C 350 -42.05 26.37 -57.69
CA LEU C 350 -41.78 27.71 -57.18
C LEU C 350 -42.75 28.75 -57.78
N LEU C 351 -43.48 28.37 -58.86
CA LEU C 351 -44.46 29.20 -59.58
C LEU C 351 -45.79 29.36 -58.81
N ILE C 352 -46.07 28.46 -57.85
CA ILE C 352 -47.28 28.43 -57.01
C ILE C 352 -47.62 29.77 -56.30
N PRO C 353 -46.74 30.39 -55.46
CA PRO C 353 -47.13 31.66 -54.81
C PRO C 353 -47.18 32.90 -55.72
N PHE C 354 -46.61 32.82 -56.94
CA PHE C 354 -46.60 33.91 -57.92
C PHE C 354 -47.94 34.09 -58.64
N ASN C 355 -48.71 32.98 -58.79
CA ASN C 355 -50.03 32.99 -59.44
C ASN C 355 -51.12 33.64 -58.58
N ASN C 356 -50.87 33.77 -57.25
CA ASN C 356 -51.79 34.36 -56.27
C ASN C 356 -51.98 35.88 -56.46
N PHE C 357 -50.93 36.60 -56.87
CA PHE C 357 -50.96 38.05 -57.10
C PHE C 357 -51.33 38.41 -58.54
N VAL C 358 -50.76 37.67 -59.52
CA VAL C 358 -50.98 37.85 -60.96
C VAL C 358 -52.35 37.26 -61.33
N THR C 371 -60.00 34.60 -64.77
CA THR C 371 -61.17 35.47 -64.66
C THR C 371 -62.15 35.17 -65.80
N ALA C 372 -61.61 31.58 -64.97
CA ALA C 372 -61.51 30.25 -65.52
C ALA C 372 -61.33 30.27 -67.04
N LEU C 373 -62.21 31.01 -67.76
CA LEU C 373 -62.18 31.15 -69.22
C LEU C 373 -60.97 31.97 -69.68
N ARG C 374 -60.68 33.08 -68.97
CA ARG C 374 -59.56 34.00 -69.25
C ARG C 374 -58.23 33.36 -68.88
N LYS C 375 -58.22 32.51 -67.83
CA LYS C 375 -57.03 31.80 -67.33
C LYS C 375 -56.50 30.81 -68.39
N MET C 376 -57.40 30.10 -69.09
CA MET C 376 -57.06 29.12 -70.13
C MET C 376 -56.89 29.77 -71.51
N GLY C 377 -57.41 30.98 -71.67
CA GLY C 377 -57.27 31.76 -72.90
C GLY C 377 -55.87 32.29 -73.10
N ALA C 378 -55.10 32.40 -71.99
CA ALA C 378 -53.71 32.88 -71.95
C ALA C 378 -52.70 31.73 -72.14
N GLY C 379 -53.13 30.50 -71.87
CA GLY C 379 -52.32 29.29 -72.03
C GLY C 379 -51.92 29.02 -73.46
N ILE C 380 -52.84 29.27 -74.42
CA ILE C 380 -52.64 29.09 -75.87
C ILE C 380 -51.85 30.25 -76.48
N ALA C 381 -52.01 31.45 -75.90
CA ALA C 381 -51.32 32.66 -76.33
C ALA C 381 -49.84 32.65 -75.93
N ILE C 382 -49.51 31.99 -74.79
CA ILE C 382 -48.15 31.88 -74.27
C ILE C 382 -47.23 31.06 -75.19
N THR C 383 -47.69 29.86 -75.64
CA THR C 383 -46.94 28.95 -76.53
C THR C 383 -46.72 29.47 -77.96
N GLY C 384 -47.49 30.46 -78.37
CA GLY C 384 -47.37 31.08 -79.69
C GLY C 384 -46.09 31.87 -79.83
N LEU C 385 -45.76 32.65 -78.77
CA LEU C 385 -44.57 33.50 -78.66
C LEU C 385 -43.35 32.72 -78.14
N SER C 386 -43.57 31.82 -77.14
CA SER C 386 -42.55 30.97 -76.51
C SER C 386 -41.83 30.03 -77.49
N TRP C 387 -42.48 29.72 -78.63
CA TRP C 387 -41.95 28.85 -79.68
C TRP C 387 -41.22 29.69 -80.74
N ILE C 388 -41.82 30.82 -81.19
CA ILE C 388 -41.20 31.71 -82.18
C ILE C 388 -39.98 32.44 -81.61
N VAL C 389 -39.89 32.58 -80.27
CA VAL C 389 -38.77 33.21 -79.56
C VAL C 389 -37.45 32.46 -79.82
N VAL C 390 -37.53 31.14 -80.08
CA VAL C 390 -36.39 30.28 -80.41
C VAL C 390 -36.33 29.99 -81.92
N GLY C 391 -37.43 30.26 -82.62
CA GLY C 391 -37.56 30.09 -84.08
C GLY C 391 -36.71 31.04 -84.89
N THR C 392 -36.10 32.03 -84.20
CA THR C 392 -35.20 33.04 -84.75
C THR C 392 -33.77 32.70 -84.27
N ILE C 393 -33.63 32.33 -82.96
CA ILE C 393 -32.37 31.96 -82.31
C ILE C 393 -31.77 30.67 -82.93
N GLN C 394 -32.62 29.82 -83.52
CA GLN C 394 -32.20 28.58 -84.20
C GLN C 394 -31.38 28.88 -85.46
N LEU C 395 -31.78 29.91 -86.23
CA LEU C 395 -31.06 30.31 -87.44
C LEU C 395 -29.73 31.01 -87.14
N MET C 396 -29.54 31.44 -85.87
CA MET C 396 -28.33 32.07 -85.37
C MET C 396 -27.23 31.02 -85.11
N MET C 397 -27.63 29.73 -84.97
CA MET C 397 -26.71 28.60 -84.79
C MET C 397 -26.03 28.28 -86.14
N ASP C 398 -26.67 28.73 -87.25
CA ASP C 398 -26.21 28.63 -88.62
C ASP C 398 -25.36 29.89 -88.97
N GLY C 399 -25.17 30.76 -87.97
CA GLY C 399 -24.41 31.99 -88.07
C GLY C 399 -23.43 32.19 -86.93
N GLY C 400 -23.93 32.73 -85.81
CA GLY C 400 -23.17 33.02 -84.61
C GLY C 400 -22.87 31.82 -83.73
N SER C 401 -23.91 31.23 -83.11
CA SER C 401 -23.86 30.07 -82.20
C SER C 401 -23.04 30.32 -80.91
N ALA C 402 -23.73 30.65 -79.79
CA ALA C 402 -23.11 30.95 -78.49
C ALA C 402 -23.95 30.58 -77.25
N LEU C 403 -23.34 30.70 -76.04
CA LEU C 403 -23.89 30.43 -74.69
C LEU C 403 -24.41 29.01 -74.44
N SER C 404 -25.52 28.63 -75.10
CA SER C 404 -26.18 27.32 -75.04
C SER C 404 -26.98 27.02 -73.78
N ILE C 405 -26.31 26.89 -72.60
CA ILE C 405 -26.96 26.58 -71.31
C ILE C 405 -27.98 27.65 -70.98
N PHE C 406 -27.51 28.89 -70.73
CA PHE C 406 -28.36 30.04 -70.41
C PHE C 406 -29.20 30.49 -71.61
N TRP C 407 -28.77 30.16 -72.84
CA TRP C 407 -29.52 30.51 -74.05
C TRP C 407 -30.49 29.42 -74.54
N GLN C 408 -31.01 28.66 -73.57
CA GLN C 408 -32.00 27.60 -73.72
C GLN C 408 -32.93 27.66 -72.50
N ILE C 409 -32.41 28.14 -71.35
CA ILE C 409 -33.13 28.30 -70.08
C ILE C 409 -34.27 29.32 -70.21
N LEU C 410 -33.97 30.54 -70.67
CA LEU C 410 -34.94 31.63 -70.84
C LEU C 410 -36.12 31.30 -71.78
N PRO C 411 -35.92 30.79 -73.04
CA PRO C 411 -37.09 30.47 -73.88
C PRO C 411 -37.93 29.28 -73.41
N TYR C 412 -37.35 28.41 -72.54
CA TYR C 412 -38.00 27.24 -71.95
C TYR C 412 -38.89 27.65 -70.77
N ALA C 413 -38.41 28.61 -69.94
CA ALA C 413 -39.11 29.16 -68.78
C ALA C 413 -40.41 29.86 -69.20
N LEU C 414 -40.47 30.30 -70.48
CA LEU C 414 -41.60 30.97 -71.10
C LEU C 414 -42.81 30.04 -71.18
N LEU C 415 -42.59 28.76 -71.51
CA LEU C 415 -43.64 27.74 -71.58
C LEU C 415 -44.10 27.36 -70.18
N THR C 416 -43.18 27.37 -69.19
CA THR C 416 -43.39 27.01 -67.78
C THR C 416 -44.54 27.78 -67.09
N PHE C 417 -44.85 29.01 -67.55
CA PHE C 417 -45.95 29.83 -67.03
C PHE C 417 -47.29 29.42 -67.68
N GLY C 418 -47.25 29.13 -68.98
CA GLY C 418 -48.40 28.65 -69.75
C GLY C 418 -48.71 27.21 -69.42
N GLU C 419 -47.71 26.48 -68.86
CA GLU C 419 -47.75 25.09 -68.41
C GLU C 419 -48.70 24.99 -67.21
N VAL C 420 -48.65 25.99 -66.30
CA VAL C 420 -49.49 26.09 -65.10
C VAL C 420 -50.93 26.50 -65.50
N LEU C 421 -51.06 27.38 -66.53
CA LEU C 421 -52.36 27.89 -67.01
C LEU C 421 -53.22 26.89 -67.81
N VAL C 422 -52.71 25.68 -68.09
CA VAL C 422 -53.44 24.66 -68.83
C VAL C 422 -53.75 23.43 -67.94
N SER C 423 -52.74 22.93 -67.18
CA SER C 423 -52.86 21.77 -66.30
C SER C 423 -53.77 22.00 -65.09
N ALA C 424 -53.67 23.17 -64.45
CA ALA C 424 -54.49 23.52 -63.28
C ALA C 424 -55.91 23.97 -63.62
N THR C 425 -56.15 24.41 -64.87
CA THR C 425 -57.46 24.91 -65.32
C THR C 425 -58.25 23.94 -66.23
N GLY C 426 -57.53 23.09 -66.97
CA GLY C 426 -58.11 22.10 -67.88
C GLY C 426 -58.93 21.04 -67.18
N LEU C 427 -58.58 20.75 -65.91
CA LEU C 427 -59.24 19.76 -65.05
C LEU C 427 -60.44 20.38 -64.32
N GLU C 428 -60.23 21.56 -63.67
CA GLU C 428 -61.27 22.29 -62.92
C GLU C 428 -62.41 22.88 -63.74
N PHE C 429 -62.34 22.75 -65.08
CA PHE C 429 -63.40 23.21 -65.97
C PHE C 429 -64.53 22.17 -66.08
N ALA C 430 -64.39 21.04 -65.35
CA ALA C 430 -65.39 19.98 -65.25
C ALA C 430 -66.56 20.47 -64.40
N TYR C 431 -66.29 21.44 -63.50
CA TYR C 431 -67.25 22.08 -62.60
C TYR C 431 -68.27 22.92 -63.39
N SER C 432 -67.77 23.75 -64.34
CA SER C 432 -68.57 24.65 -65.19
C SER C 432 -69.41 23.95 -66.29
N GLN C 433 -69.08 22.70 -66.63
CA GLN C 433 -69.79 21.92 -67.65
C GLN C 433 -71.04 21.23 -67.07
N ALA C 434 -71.02 20.92 -65.76
CA ALA C 434 -72.06 20.29 -64.92
C ALA C 434 -72.54 18.84 -65.27
N PRO C 435 -71.63 17.87 -65.54
CA PRO C 435 -72.11 16.49 -65.81
C PRO C 435 -72.22 15.61 -64.57
N LYS C 436 -71.43 15.93 -63.52
CA LYS C 436 -71.34 15.24 -62.22
C LYS C 436 -71.00 13.76 -62.27
N ALA C 437 -72.00 12.88 -62.49
CA ALA C 437 -71.83 11.43 -62.58
C ALA C 437 -71.15 11.05 -63.89
N MET C 438 -71.38 11.86 -64.94
CA MET C 438 -70.82 11.70 -66.28
C MET C 438 -69.33 12.15 -66.26
N LYS C 439 -68.46 11.26 -65.73
CA LYS C 439 -67.00 11.46 -65.62
C LYS C 439 -66.26 10.83 -66.82
N GLY C 440 -66.75 9.67 -67.29
CA GLY C 440 -66.20 8.91 -68.41
C GLY C 440 -66.25 9.61 -69.76
N THR C 441 -66.03 10.93 -69.74
CA THR C 441 -65.99 11.85 -70.87
C THR C 441 -65.07 13.04 -70.55
N ILE C 442 -64.93 13.37 -69.25
CA ILE C 442 -64.08 14.47 -68.79
C ILE C 442 -62.60 14.07 -68.99
N MET C 443 -62.13 13.04 -68.27
CA MET C 443 -60.76 12.53 -68.36
C MET C 443 -60.50 11.91 -69.73
N SER C 444 -61.37 10.97 -70.16
CA SER C 444 -61.28 10.24 -71.42
C SER C 444 -61.23 11.08 -72.70
N PHE C 445 -61.42 12.41 -72.59
CA PHE C 445 -61.36 13.29 -73.75
C PHE C 445 -60.38 14.45 -73.60
N TRP C 446 -60.30 15.04 -72.39
CA TRP C 446 -59.35 16.12 -72.11
C TRP C 446 -57.93 15.57 -72.22
N THR C 447 -57.71 14.31 -71.74
CA THR C 447 -56.41 13.64 -71.80
C THR C 447 -56.19 12.91 -73.12
N LEU C 448 -57.28 12.65 -73.87
CA LEU C 448 -57.14 12.03 -75.17
C LEU C 448 -57.03 13.06 -76.29
N SER C 449 -56.75 14.32 -75.88
CA SER C 449 -56.47 15.50 -76.70
C SER C 449 -54.93 15.61 -76.76
N VAL C 450 -54.26 14.93 -75.82
CA VAL C 450 -52.80 14.84 -75.74
C VAL C 450 -52.38 13.94 -76.90
N THR C 451 -53.19 12.90 -77.12
CA THR C 451 -53.05 11.88 -78.16
C THR C 451 -53.38 12.41 -79.59
N VAL C 452 -54.12 13.54 -79.70
CA VAL C 452 -54.49 14.19 -80.97
C VAL C 452 -53.45 15.28 -81.33
N GLY C 453 -52.94 16.00 -80.32
CA GLY C 453 -51.91 17.01 -80.48
C GLY C 453 -50.62 16.45 -81.03
N ASN C 454 -50.33 15.19 -80.67
CA ASN C 454 -49.17 14.43 -81.14
C ASN C 454 -49.34 13.87 -82.57
N LEU C 455 -50.56 13.95 -83.15
CA LEU C 455 -50.80 13.54 -84.55
C LEU C 455 -50.47 14.74 -85.44
N TRP C 456 -50.48 15.96 -84.86
CA TRP C 456 -50.15 17.21 -85.56
C TRP C 456 -48.63 17.36 -85.65
N VAL C 457 -47.89 16.77 -84.67
CA VAL C 457 -46.42 16.73 -84.64
C VAL C 457 -45.99 15.75 -85.74
N LEU C 458 -46.70 14.59 -85.83
CA LEU C 458 -46.51 13.50 -86.80
C LEU C 458 -46.88 13.95 -88.22
N LEU C 459 -47.76 14.97 -88.33
CA LEU C 459 -48.19 15.56 -89.61
C LEU C 459 -47.04 16.38 -90.22
N ALA C 460 -46.38 17.21 -89.38
CA ALA C 460 -45.28 18.12 -89.76
C ALA C 460 -44.10 17.49 -90.50
N ASN C 461 -43.69 16.27 -90.13
CA ASN C 461 -42.58 15.58 -90.77
C ASN C 461 -43.02 14.52 -91.80
N VAL C 462 -44.19 14.75 -92.43
CA VAL C 462 -44.75 13.89 -93.47
C VAL C 462 -45.12 14.79 -94.67
N SER C 463 -45.96 15.81 -94.43
CA SER C 463 -46.38 16.78 -95.46
C SER C 463 -45.25 17.74 -95.79
N VAL C 464 -44.38 18.05 -94.82
CA VAL C 464 -43.24 18.95 -94.99
C VAL C 464 -41.93 18.15 -94.97
N LYS C 465 -41.93 16.96 -95.62
CA LYS C 465 -40.78 16.06 -95.71
C LYS C 465 -40.81 15.22 -97.00
N SER C 466 -41.84 14.35 -97.14
CA SER C 466 -42.02 13.44 -98.26
C SER C 466 -42.20 14.06 -99.68
N PRO C 467 -43.02 15.14 -99.91
CA PRO C 467 -43.18 15.64 -101.28
C PRO C 467 -42.04 16.55 -101.76
N THR C 468 -41.67 16.40 -103.04
CA THR C 468 -40.59 17.16 -103.69
C THR C 468 -41.01 18.60 -104.00
N VAL C 469 -42.20 18.80 -104.63
CA VAL C 469 -42.76 20.11 -104.99
C VAL C 469 -43.02 20.98 -103.74
N THR C 470 -43.48 20.34 -102.64
CA THR C 470 -43.74 20.99 -101.35
C THR C 470 -42.43 21.40 -100.69
N GLU C 471 -41.37 20.58 -100.87
CA GLU C 471 -40.03 20.83 -100.34
C GLU C 471 -39.33 22.01 -101.03
N GLN C 472 -39.59 22.19 -102.35
CA GLN C 472 -39.02 23.26 -103.18
C GLN C 472 -39.52 24.66 -102.76
N ILE C 473 -40.79 24.75 -102.32
CA ILE C 473 -41.44 26.01 -101.90
C ILE C 473 -41.12 26.39 -100.43
N VAL C 474 -41.10 25.40 -99.51
CA VAL C 474 -40.82 25.63 -98.07
C VAL C 474 -39.39 26.12 -97.78
N GLN C 475 -38.40 25.70 -98.60
CA GLN C 475 -36.99 26.05 -98.47
C GLN C 475 -36.62 27.41 -99.10
N THR C 476 -37.58 28.07 -99.76
CA THR C 476 -37.37 29.35 -100.43
C THR C 476 -37.19 30.49 -99.41
N GLY C 477 -38.25 30.80 -98.67
CA GLY C 477 -38.27 31.88 -97.68
C GLY C 477 -37.37 31.66 -96.48
N MET C 478 -37.42 30.45 -95.90
CA MET C 478 -36.64 30.05 -94.73
C MET C 478 -35.98 28.67 -94.90
N SER C 479 -35.46 28.07 -93.79
CA SER C 479 -34.81 26.75 -93.81
C SER C 479 -35.81 25.61 -93.47
N VAL C 480 -35.39 24.33 -93.65
CA VAL C 480 -36.22 23.15 -93.37
C VAL C 480 -36.53 23.05 -91.87
N THR C 481 -35.51 23.29 -91.03
CA THR C 481 -35.58 23.22 -89.57
C THR C 481 -36.42 24.36 -88.97
N ALA C 482 -36.16 25.61 -89.40
CA ALA C 482 -36.85 26.82 -88.90
C ALA C 482 -38.31 26.94 -89.34
N PHE C 483 -38.72 26.21 -90.41
CA PHE C 483 -40.11 26.22 -90.89
C PHE C 483 -41.04 25.59 -89.88
N GLN C 484 -40.54 24.54 -89.17
CA GLN C 484 -41.26 23.87 -88.09
C GLN C 484 -41.29 24.81 -86.89
N MET C 485 -40.19 25.56 -86.68
CA MET C 485 -40.01 26.56 -85.64
C MET C 485 -40.78 27.86 -85.96
N PHE C 486 -41.68 27.79 -86.95
CA PHE C 486 -42.54 28.87 -87.44
C PHE C 486 -43.98 28.34 -87.50
N PHE C 487 -44.19 27.16 -88.17
CA PHE C 487 -45.47 26.46 -88.35
C PHE C 487 -46.15 26.18 -87.03
N PHE C 488 -45.39 25.60 -86.06
CA PHE C 488 -45.89 25.26 -84.72
C PHE C 488 -46.14 26.50 -83.88
N ALA C 489 -45.26 27.52 -84.00
CA ALA C 489 -45.36 28.78 -83.28
C ALA C 489 -46.63 29.51 -83.65
N GLY C 490 -46.94 29.53 -84.95
CA GLY C 490 -48.13 30.17 -85.50
C GLY C 490 -49.42 29.46 -85.18
N PHE C 491 -49.41 28.12 -85.09
CA PHE C 491 -50.60 27.31 -84.79
C PHE C 491 -51.21 27.53 -83.41
N ALA C 492 -50.39 27.93 -82.41
CA ALA C 492 -50.86 28.21 -81.04
C ALA C 492 -51.66 29.51 -80.98
N ILE C 493 -51.41 30.40 -81.96
CA ILE C 493 -52.09 31.69 -82.12
C ILE C 493 -53.38 31.49 -82.93
N LEU C 494 -53.38 30.54 -83.89
CA LEU C 494 -54.54 30.18 -84.72
C LEU C 494 -55.70 29.61 -83.86
N ALA C 495 -55.35 29.02 -82.71
CA ALA C 495 -56.29 28.44 -81.75
C ALA C 495 -56.91 29.50 -80.83
N ALA C 496 -56.12 30.52 -80.43
CA ALA C 496 -56.55 31.63 -79.58
C ALA C 496 -57.62 32.52 -80.25
N ILE C 497 -57.71 32.45 -81.60
CA ILE C 497 -58.67 33.20 -82.43
C ILE C 497 -60.03 32.46 -82.42
N VAL C 498 -60.02 31.12 -82.63
CA VAL C 498 -61.23 30.25 -82.64
C VAL C 498 -61.88 30.23 -81.25
N PHE C 499 -61.06 30.36 -80.18
CA PHE C 499 -61.44 30.38 -78.75
C PHE C 499 -62.55 31.42 -78.45
N ALA C 500 -62.42 32.64 -79.02
CA ALA C 500 -63.33 33.79 -78.88
C ALA C 500 -63.55 34.21 -77.43
#